data_2WBN
# 
_entry.id   2WBN 
# 
_audit_conform.dict_name       mmcif_pdbx.dic 
_audit_conform.dict_version    5.397 
_audit_conform.dict_location   http://mmcif.pdb.org/dictionaries/ascii/mmcif_pdbx.dic 
# 
loop_
_database_2.database_id 
_database_2.database_code 
_database_2.pdbx_database_accession 
_database_2.pdbx_DOI 
PDB   2WBN         pdb_00002wbn 10.2210/pdb2wbn/pdb 
PDBE  EBI-38924    ?            ?                   
WWPDB D_1290038924 ?            ?                   
# 
loop_
_pdbx_audit_revision_history.ordinal 
_pdbx_audit_revision_history.data_content_type 
_pdbx_audit_revision_history.major_revision 
_pdbx_audit_revision_history.minor_revision 
_pdbx_audit_revision_history.revision_date 
1 'Structure model' 1 0 2009-03-24 
2 'Structure model' 1 1 2011-07-13 
3 'Structure model' 1 2 2011-10-12 
4 'Structure model' 1 3 2024-10-23 
# 
_pdbx_audit_revision_details.ordinal             1 
_pdbx_audit_revision_details.revision_ordinal    1 
_pdbx_audit_revision_details.data_content_type   'Structure model' 
_pdbx_audit_revision_details.provider            repository 
_pdbx_audit_revision_details.type                'Initial release' 
_pdbx_audit_revision_details.description         ? 
_pdbx_audit_revision_details.details             ? 
# 
loop_
_pdbx_audit_revision_group.ordinal 
_pdbx_audit_revision_group.revision_ordinal 
_pdbx_audit_revision_group.data_content_type 
_pdbx_audit_revision_group.group 
1 2 'Structure model' Advisory                    
2 2 'Structure model' 'Version format compliance' 
3 3 'Structure model' 'Database references'       
4 3 'Structure model' 'Derived calculations'      
5 4 'Structure model' 'Data collection'           
6 4 'Structure model' 'Database references'       
7 4 'Structure model' 'Derived calculations'      
8 4 'Structure model' Other                       
9 4 'Structure model' 'Structure summary'         
# 
loop_
_pdbx_audit_revision_category.ordinal 
_pdbx_audit_revision_category.revision_ordinal 
_pdbx_audit_revision_category.data_content_type 
_pdbx_audit_revision_category.category 
1 4 'Structure model' chem_comp_atom            
2 4 'Structure model' chem_comp_bond            
3 4 'Structure model' database_2                
4 4 'Structure model' pdbx_database_status      
5 4 'Structure model' pdbx_entry_details        
6 4 'Structure model' pdbx_modification_feature 
7 4 'Structure model' struct_conn               
# 
loop_
_pdbx_audit_revision_item.ordinal 
_pdbx_audit_revision_item.revision_ordinal 
_pdbx_audit_revision_item.data_content_type 
_pdbx_audit_revision_item.item 
1 4 'Structure model' '_database_2.pdbx_DOI'                 
2 4 'Structure model' '_database_2.pdbx_database_accession'  
3 4 'Structure model' '_pdbx_database_status.status_code_sf' 
4 4 'Structure model' '_struct_conn.pdbx_leaving_atom_flag'  
# 
_pdbx_database_status.status_code                     REL 
_pdbx_database_status.entry_id                        2WBN 
_pdbx_database_status.deposit_site                    PDBE 
_pdbx_database_status.process_site                    PDBE 
_pdbx_database_status.SG_entry                        . 
_pdbx_database_status.recvd_initial_deposition_date   2009-03-02 
_pdbx_database_status.pdb_format_compatible           Y 
_pdbx_database_status.status_code_sf                  REL 
_pdbx_database_status.status_code_mr                  ? 
_pdbx_database_status.status_code_cs                  ? 
_pdbx_database_status.methods_development_category    ? 
_pdbx_database_status.status_code_nmr_data            ? 
# 
_pdbx_database_related.db_name        PDB 
_pdbx_database_related.db_id          2WC9 
_pdbx_database_related.content_type   unspecified 
_pdbx_database_related.details        
'CRYSTAL STRUCTURE OF THE G2P (LARGE TERMINASE) NUCLEASE DOMAIN FROM THE BACTERIOPHAGE SPP1 WITH BOUND MN' 
# 
loop_
_audit_author.name 
_audit_author.pdbx_ordinal 
'Smits, C.'         1 
'Chechik, M.'       2 
'Kovalevskiy, O.V.' 3 
'Shevtsov, M.B.'    4 
'Foster, A.W.'      5 
'Alonso, J.C.'      6 
'Antson, A.A.'      7 
# 
_citation.id                        primary 
_citation.title                     'Structural Basis for the Nuclease Activity of a Bacteriophage Large Terminase.' 
_citation.journal_abbrev            'Embo Rep.' 
_citation.journal_volume            10 
_citation.page_first                592 
_citation.page_last                 ? 
_citation.year                      2009 
_citation.journal_id_ASTM           ? 
_citation.country                   UK 
_citation.journal_id_ISSN           1469-221X 
_citation.journal_id_CSD            ? 
_citation.book_publisher            ? 
_citation.pdbx_database_id_PubMed   19444313 
_citation.pdbx_database_id_DOI      10.1038/EMBOR.2009.53 
# 
loop_
_citation_author.citation_id 
_citation_author.name 
_citation_author.ordinal 
_citation_author.identifier_ORCID 
primary 'Smits, C.'         1 ? 
primary 'Chechik, M.'       2 ? 
primary 'Kovalevskiy, O.V.' 3 ? 
primary 'Shevtsov, M.B.'    4 ? 
primary 'Foster, A.W.'      5 ? 
primary 'Alonso, J.C.'      6 ? 
primary 'Antson, A.A.'      7 ? 
# 
loop_
_entity.id 
_entity.type 
_entity.src_method 
_entity.pdbx_description 
_entity.formula_weight 
_entity.pdbx_number_of_molecules 
_entity.pdbx_ec 
_entity.pdbx_mutation 
_entity.pdbx_fragment 
_entity.details 
1 polymer man 'TERMINASE LARGE SUBUNIT' 24296.648 1   ? ? 'NUCLEASE DOMAIN, RESIDUES 232-422' ? 
2 water   nat water                     18.015    127 ? ? ?                                   ? 
# 
_entity_name_com.entity_id   1 
_entity_name_com.name        G2P 
# 
_entity_poly.entity_id                      1 
_entity_poly.type                           'polypeptide(L)' 
_entity_poly.nstd_linkage                   no 
_entity_poly.nstd_monomer                   yes 
_entity_poly.pdbx_seq_one_letter_code       
;(MSE)GSSHHHHHHSSGLVPRGSH(MSE)ALGSGVVPFENLQIEEGIITDAEVARFDNIRQGLDFGYGPDPLAFVRWHYD
KRKNRIYAIDELVDHKVSLKRTADFVRKNKYESARIIADSSEPRSIDALKLEHGINRIEGAKKGPDSVEHGERWLDELDA
IVIDPLRTPNIAREFENIDYQTDKNGDPIPRLEDKDNHTIDATRYAFERD(MSE)KKGGVSLWG
;
_entity_poly.pdbx_seq_one_letter_code_can   
;MGSSHHHHHHSSGLVPRGSHMALGSGVVPFENLQIEEGIITDAEVARFDNIRQGLDFGYGPDPLAFVRWHYDKRKNRIYA
IDELVDHKVSLKRTADFVRKNKYESARIIADSSEPRSIDALKLEHGINRIEGAKKGPDSVEHGERWLDELDAIVIDPLRT
PNIAREFENIDYQTDKNGDPIPRLEDKDNHTIDATRYAFERDMKKGGVSLWG
;
_entity_poly.pdbx_strand_id                 A 
_entity_poly.pdbx_target_identifier         ? 
# 
_pdbx_entity_nonpoly.entity_id   2 
_pdbx_entity_nonpoly.name        water 
_pdbx_entity_nonpoly.comp_id     HOH 
# 
loop_
_entity_poly_seq.entity_id 
_entity_poly_seq.num 
_entity_poly_seq.mon_id 
_entity_poly_seq.hetero 
1 1   MSE n 
1 2   GLY n 
1 3   SER n 
1 4   SER n 
1 5   HIS n 
1 6   HIS n 
1 7   HIS n 
1 8   HIS n 
1 9   HIS n 
1 10  HIS n 
1 11  SER n 
1 12  SER n 
1 13  GLY n 
1 14  LEU n 
1 15  VAL n 
1 16  PRO n 
1 17  ARG n 
1 18  GLY n 
1 19  SER n 
1 20  HIS n 
1 21  MSE n 
1 22  ALA n 
1 23  LEU n 
1 24  GLY n 
1 25  SER n 
1 26  GLY n 
1 27  VAL n 
1 28  VAL n 
1 29  PRO n 
1 30  PHE n 
1 31  GLU n 
1 32  ASN n 
1 33  LEU n 
1 34  GLN n 
1 35  ILE n 
1 36  GLU n 
1 37  GLU n 
1 38  GLY n 
1 39  ILE n 
1 40  ILE n 
1 41  THR n 
1 42  ASP n 
1 43  ALA n 
1 44  GLU n 
1 45  VAL n 
1 46  ALA n 
1 47  ARG n 
1 48  PHE n 
1 49  ASP n 
1 50  ASN n 
1 51  ILE n 
1 52  ARG n 
1 53  GLN n 
1 54  GLY n 
1 55  LEU n 
1 56  ASP n 
1 57  PHE n 
1 58  GLY n 
1 59  TYR n 
1 60  GLY n 
1 61  PRO n 
1 62  ASP n 
1 63  PRO n 
1 64  LEU n 
1 65  ALA n 
1 66  PHE n 
1 67  VAL n 
1 68  ARG n 
1 69  TRP n 
1 70  HIS n 
1 71  TYR n 
1 72  ASP n 
1 73  LYS n 
1 74  ARG n 
1 75  LYS n 
1 76  ASN n 
1 77  ARG n 
1 78  ILE n 
1 79  TYR n 
1 80  ALA n 
1 81  ILE n 
1 82  ASP n 
1 83  GLU n 
1 84  LEU n 
1 85  VAL n 
1 86  ASP n 
1 87  HIS n 
1 88  LYS n 
1 89  VAL n 
1 90  SER n 
1 91  LEU n 
1 92  LYS n 
1 93  ARG n 
1 94  THR n 
1 95  ALA n 
1 96  ASP n 
1 97  PHE n 
1 98  VAL n 
1 99  ARG n 
1 100 LYS n 
1 101 ASN n 
1 102 LYS n 
1 103 TYR n 
1 104 GLU n 
1 105 SER n 
1 106 ALA n 
1 107 ARG n 
1 108 ILE n 
1 109 ILE n 
1 110 ALA n 
1 111 ASP n 
1 112 SER n 
1 113 SER n 
1 114 GLU n 
1 115 PRO n 
1 116 ARG n 
1 117 SER n 
1 118 ILE n 
1 119 ASP n 
1 120 ALA n 
1 121 LEU n 
1 122 LYS n 
1 123 LEU n 
1 124 GLU n 
1 125 HIS n 
1 126 GLY n 
1 127 ILE n 
1 128 ASN n 
1 129 ARG n 
1 130 ILE n 
1 131 GLU n 
1 132 GLY n 
1 133 ALA n 
1 134 LYS n 
1 135 LYS n 
1 136 GLY n 
1 137 PRO n 
1 138 ASP n 
1 139 SER n 
1 140 VAL n 
1 141 GLU n 
1 142 HIS n 
1 143 GLY n 
1 144 GLU n 
1 145 ARG n 
1 146 TRP n 
1 147 LEU n 
1 148 ASP n 
1 149 GLU n 
1 150 LEU n 
1 151 ASP n 
1 152 ALA n 
1 153 ILE n 
1 154 VAL n 
1 155 ILE n 
1 156 ASP n 
1 157 PRO n 
1 158 LEU n 
1 159 ARG n 
1 160 THR n 
1 161 PRO n 
1 162 ASN n 
1 163 ILE n 
1 164 ALA n 
1 165 ARG n 
1 166 GLU n 
1 167 PHE n 
1 168 GLU n 
1 169 ASN n 
1 170 ILE n 
1 171 ASP n 
1 172 TYR n 
1 173 GLN n 
1 174 THR n 
1 175 ASP n 
1 176 LYS n 
1 177 ASN n 
1 178 GLY n 
1 179 ASP n 
1 180 PRO n 
1 181 ILE n 
1 182 PRO n 
1 183 ARG n 
1 184 LEU n 
1 185 GLU n 
1 186 ASP n 
1 187 LYS n 
1 188 ASP n 
1 189 ASN n 
1 190 HIS n 
1 191 THR n 
1 192 ILE n 
1 193 ASP n 
1 194 ALA n 
1 195 THR n 
1 196 ARG n 
1 197 TYR n 
1 198 ALA n 
1 199 PHE n 
1 200 GLU n 
1 201 ARG n 
1 202 ASP n 
1 203 MSE n 
1 204 LYS n 
1 205 LYS n 
1 206 GLY n 
1 207 GLY n 
1 208 VAL n 
1 209 SER n 
1 210 LEU n 
1 211 TRP n 
1 212 GLY n 
# 
_entity_src_gen.entity_id                          1 
_entity_src_gen.pdbx_src_id                        1 
_entity_src_gen.pdbx_alt_source_flag               sample 
_entity_src_gen.pdbx_seq_type                      ? 
_entity_src_gen.pdbx_beg_seq_num                   ? 
_entity_src_gen.pdbx_end_seq_num                   ? 
_entity_src_gen.gene_src_common_name               'BACTERIOPHAGE SPP1' 
_entity_src_gen.gene_src_genus                     ? 
_entity_src_gen.pdbx_gene_src_gene                 ? 
_entity_src_gen.gene_src_species                   ? 
_entity_src_gen.gene_src_strain                    ? 
_entity_src_gen.gene_src_tissue                    ? 
_entity_src_gen.gene_src_tissue_fraction           ? 
_entity_src_gen.gene_src_details                   ? 
_entity_src_gen.pdbx_gene_src_fragment             ? 
_entity_src_gen.pdbx_gene_src_scientific_name      'BACILLUS PHAGE SPP1' 
_entity_src_gen.pdbx_gene_src_ncbi_taxonomy_id     10724 
_entity_src_gen.pdbx_gene_src_variant              ? 
_entity_src_gen.pdbx_gene_src_cell_line            ? 
_entity_src_gen.pdbx_gene_src_atcc                 ? 
_entity_src_gen.pdbx_gene_src_organ                ? 
_entity_src_gen.pdbx_gene_src_organelle            ? 
_entity_src_gen.pdbx_gene_src_cell                 ? 
_entity_src_gen.pdbx_gene_src_cellular_location    ? 
_entity_src_gen.host_org_common_name               ? 
_entity_src_gen.pdbx_host_org_scientific_name      'ESCHERICHIA COLI' 
_entity_src_gen.pdbx_host_org_ncbi_taxonomy_id     562 
_entity_src_gen.host_org_genus                     ? 
_entity_src_gen.pdbx_host_org_gene                 ? 
_entity_src_gen.pdbx_host_org_organ                ? 
_entity_src_gen.host_org_species                   ? 
_entity_src_gen.pdbx_host_org_tissue               ? 
_entity_src_gen.pdbx_host_org_tissue_fraction      ? 
_entity_src_gen.pdbx_host_org_strain               'B834 (DE3)' 
_entity_src_gen.pdbx_host_org_variant              ? 
_entity_src_gen.pdbx_host_org_cell_line            ? 
_entity_src_gen.pdbx_host_org_atcc                 ? 
_entity_src_gen.pdbx_host_org_culture_collection   ? 
_entity_src_gen.pdbx_host_org_cell                 ? 
_entity_src_gen.pdbx_host_org_organelle            ? 
_entity_src_gen.pdbx_host_org_cellular_location    ? 
_entity_src_gen.pdbx_host_org_vector_type          ? 
_entity_src_gen.pdbx_host_org_vector               PET28A 
_entity_src_gen.host_org_details                   ? 
_entity_src_gen.expression_system_id               ? 
_entity_src_gen.plasmid_name                       PYM20 
_entity_src_gen.plasmid_details                    ? 
_entity_src_gen.pdbx_description                   ? 
# 
loop_
_chem_comp.id 
_chem_comp.type 
_chem_comp.mon_nstd_flag 
_chem_comp.name 
_chem_comp.pdbx_synonyms 
_chem_comp.formula 
_chem_comp.formula_weight 
ALA 'L-peptide linking' y ALANINE          ? 'C3 H7 N O2'     89.093  
ARG 'L-peptide linking' y ARGININE         ? 'C6 H15 N4 O2 1' 175.209 
ASN 'L-peptide linking' y ASPARAGINE       ? 'C4 H8 N2 O3'    132.118 
ASP 'L-peptide linking' y 'ASPARTIC ACID'  ? 'C4 H7 N O4'     133.103 
GLN 'L-peptide linking' y GLUTAMINE        ? 'C5 H10 N2 O3'   146.144 
GLU 'L-peptide linking' y 'GLUTAMIC ACID'  ? 'C5 H9 N O4'     147.129 
GLY 'peptide linking'   y GLYCINE          ? 'C2 H5 N O2'     75.067  
HIS 'L-peptide linking' y HISTIDINE        ? 'C6 H10 N3 O2 1' 156.162 
HOH non-polymer         . WATER            ? 'H2 O'           18.015  
ILE 'L-peptide linking' y ISOLEUCINE       ? 'C6 H13 N O2'    131.173 
LEU 'L-peptide linking' y LEUCINE          ? 'C6 H13 N O2'    131.173 
LYS 'L-peptide linking' y LYSINE           ? 'C6 H15 N2 O2 1' 147.195 
MSE 'L-peptide linking' n SELENOMETHIONINE ? 'C5 H11 N O2 Se' 196.106 
PHE 'L-peptide linking' y PHENYLALANINE    ? 'C9 H11 N O2'    165.189 
PRO 'L-peptide linking' y PROLINE          ? 'C5 H9 N O2'     115.130 
SER 'L-peptide linking' y SERINE           ? 'C3 H7 N O3'     105.093 
THR 'L-peptide linking' y THREONINE        ? 'C4 H9 N O3'     119.119 
TRP 'L-peptide linking' y TRYPTOPHAN       ? 'C11 H12 N2 O2'  204.225 
TYR 'L-peptide linking' y TYROSINE         ? 'C9 H11 N O3'    181.189 
VAL 'L-peptide linking' y VALINE           ? 'C5 H11 N O2'    117.146 
# 
loop_
_pdbx_poly_seq_scheme.asym_id 
_pdbx_poly_seq_scheme.entity_id 
_pdbx_poly_seq_scheme.seq_id 
_pdbx_poly_seq_scheme.mon_id 
_pdbx_poly_seq_scheme.ndb_seq_num 
_pdbx_poly_seq_scheme.pdb_seq_num 
_pdbx_poly_seq_scheme.auth_seq_num 
_pdbx_poly_seq_scheme.pdb_mon_id 
_pdbx_poly_seq_scheme.auth_mon_id 
_pdbx_poly_seq_scheme.pdb_strand_id 
_pdbx_poly_seq_scheme.pdb_ins_code 
_pdbx_poly_seq_scheme.hetero 
A 1 1   MSE 1   211 ?   ?   ?   A . n 
A 1 2   GLY 2   212 ?   ?   ?   A . n 
A 1 3   SER 3   213 ?   ?   ?   A . n 
A 1 4   SER 4   214 ?   ?   ?   A . n 
A 1 5   HIS 5   215 ?   ?   ?   A . n 
A 1 6   HIS 6   216 ?   ?   ?   A . n 
A 1 7   HIS 7   217 ?   ?   ?   A . n 
A 1 8   HIS 8   218 ?   ?   ?   A . n 
A 1 9   HIS 9   219 ?   ?   ?   A . n 
A 1 10  HIS 10  220 ?   ?   ?   A . n 
A 1 11  SER 11  221 ?   ?   ?   A . n 
A 1 12  SER 12  222 ?   ?   ?   A . n 
A 1 13  GLY 13  223 ?   ?   ?   A . n 
A 1 14  LEU 14  224 ?   ?   ?   A . n 
A 1 15  VAL 15  225 ?   ?   ?   A . n 
A 1 16  PRO 16  226 ?   ?   ?   A . n 
A 1 17  ARG 17  227 ?   ?   ?   A . n 
A 1 18  GLY 18  228 ?   ?   ?   A . n 
A 1 19  SER 19  229 ?   ?   ?   A . n 
A 1 20  HIS 20  230 ?   ?   ?   A . n 
A 1 21  MSE 21  231 ?   ?   ?   A . n 
A 1 22  ALA 22  232 ?   ?   ?   A . n 
A 1 23  LEU 23  233 ?   ?   ?   A . n 
A 1 24  GLY 24  234 ?   ?   ?   A . n 
A 1 25  SER 25  235 ?   ?   ?   A . n 
A 1 26  GLY 26  236 ?   ?   ?   A . n 
A 1 27  VAL 27  237 237 VAL VAL A . n 
A 1 28  VAL 28  238 238 VAL VAL A . n 
A 1 29  PRO 29  239 239 PRO PRO A . n 
A 1 30  PHE 30  240 240 PHE PHE A . n 
A 1 31  GLU 31  241 241 GLU GLU A . n 
A 1 32  ASN 32  242 242 ASN ASN A . n 
A 1 33  LEU 33  243 243 LEU LEU A . n 
A 1 34  GLN 34  244 244 GLN GLN A . n 
A 1 35  ILE 35  245 245 ILE ILE A . n 
A 1 36  GLU 36  246 246 GLU GLU A . n 
A 1 37  GLU 37  247 247 GLU GLU A . n 
A 1 38  GLY 38  248 248 GLY GLY A . n 
A 1 39  ILE 39  249 249 ILE ILE A . n 
A 1 40  ILE 40  250 250 ILE ILE A . n 
A 1 41  THR 41  251 251 THR THR A . n 
A 1 42  ASP 42  252 252 ASP ASP A . n 
A 1 43  ALA 43  253 253 ALA ALA A . n 
A 1 44  GLU 44  254 254 GLU GLU A . n 
A 1 45  VAL 45  255 255 VAL VAL A . n 
A 1 46  ALA 46  256 256 ALA ALA A . n 
A 1 47  ARG 47  257 257 ARG ARG A . n 
A 1 48  PHE 48  258 258 PHE PHE A . n 
A 1 49  ASP 49  259 259 ASP ASP A . n 
A 1 50  ASN 50  260 260 ASN ASN A . n 
A 1 51  ILE 51  261 261 ILE ILE A . n 
A 1 52  ARG 52  262 262 ARG ARG A . n 
A 1 53  GLN 53  263 263 GLN GLN A . n 
A 1 54  GLY 54  264 264 GLY GLY A . n 
A 1 55  LEU 55  265 265 LEU LEU A . n 
A 1 56  ASP 56  266 266 ASP ASP A . n 
A 1 57  PHE 57  267 267 PHE PHE A . n 
A 1 58  GLY 58  268 268 GLY GLY A . n 
A 1 59  TYR 59  269 269 TYR TYR A . n 
A 1 60  GLY 60  270 270 GLY GLY A . n 
A 1 61  PRO 61  271 271 PRO PRO A . n 
A 1 62  ASP 62  272 272 ASP ASP A . n 
A 1 63  PRO 63  273 273 PRO PRO A . n 
A 1 64  LEU 64  274 274 LEU LEU A . n 
A 1 65  ALA 65  275 275 ALA ALA A . n 
A 1 66  PHE 66  276 276 PHE PHE A . n 
A 1 67  VAL 67  277 277 VAL VAL A . n 
A 1 68  ARG 68  278 278 ARG ARG A . n 
A 1 69  TRP 69  279 279 TRP TRP A . n 
A 1 70  HIS 70  280 280 HIS HIS A . n 
A 1 71  TYR 71  281 281 TYR TYR A . n 
A 1 72  ASP 72  282 282 ASP ASP A . n 
A 1 73  LYS 73  283 283 LYS LYS A . n 
A 1 74  ARG 74  284 284 ARG ARG A . n 
A 1 75  LYS 75  285 285 LYS LYS A . n 
A 1 76  ASN 76  286 286 ASN ASN A . n 
A 1 77  ARG 77  287 287 ARG ARG A . n 
A 1 78  ILE 78  288 288 ILE ILE A . n 
A 1 79  TYR 79  289 289 TYR TYR A . n 
A 1 80  ALA 80  290 290 ALA ALA A . n 
A 1 81  ILE 81  291 291 ILE ILE A . n 
A 1 82  ASP 82  292 292 ASP ASP A . n 
A 1 83  GLU 83  293 293 GLU GLU A . n 
A 1 84  LEU 84  294 294 LEU LEU A . n 
A 1 85  VAL 85  295 295 VAL VAL A . n 
A 1 86  ASP 86  296 296 ASP ASP A . n 
A 1 87  HIS 87  297 297 HIS HIS A . n 
A 1 88  LYS 88  298 298 LYS LYS A . n 
A 1 89  VAL 89  299 299 VAL VAL A . n 
A 1 90  SER 90  300 300 SER SER A . n 
A 1 91  LEU 91  301 301 LEU LEU A . n 
A 1 92  LYS 92  302 302 LYS LYS A . n 
A 1 93  ARG 93  303 303 ARG ARG A . n 
A 1 94  THR 94  304 304 THR THR A . n 
A 1 95  ALA 95  305 305 ALA ALA A . n 
A 1 96  ASP 96  306 306 ASP ASP A . n 
A 1 97  PHE 97  307 307 PHE PHE A . n 
A 1 98  VAL 98  308 308 VAL VAL A . n 
A 1 99  ARG 99  309 309 ARG ARG A . n 
A 1 100 LYS 100 310 310 LYS LYS A . n 
A 1 101 ASN 101 311 311 ASN ASN A . n 
A 1 102 LYS 102 312 312 LYS LYS A . n 
A 1 103 TYR 103 313 313 TYR TYR A . n 
A 1 104 GLU 104 314 314 GLU GLU A . n 
A 1 105 SER 105 315 315 SER SER A . n 
A 1 106 ALA 106 316 316 ALA ALA A . n 
A 1 107 ARG 107 317 317 ARG ARG A . n 
A 1 108 ILE 108 318 318 ILE ILE A . n 
A 1 109 ILE 109 319 319 ILE ILE A . n 
A 1 110 ALA 110 320 320 ALA ALA A . n 
A 1 111 ASP 111 321 321 ASP ASP A . n 
A 1 112 SER 112 322 322 SER SER A . n 
A 1 113 SER 113 323 323 SER SER A . n 
A 1 114 GLU 114 324 324 GLU GLU A . n 
A 1 115 PRO 115 325 325 PRO PRO A . n 
A 1 116 ARG 116 326 326 ARG ARG A . n 
A 1 117 SER 117 327 327 SER SER A . n 
A 1 118 ILE 118 328 328 ILE ILE A . n 
A 1 119 ASP 119 329 329 ASP ASP A . n 
A 1 120 ALA 120 330 330 ALA ALA A . n 
A 1 121 LEU 121 331 331 LEU LEU A . n 
A 1 122 LYS 122 332 332 LYS LYS A . n 
A 1 123 LEU 123 333 333 LEU LEU A . n 
A 1 124 GLU 124 334 334 GLU GLU A . n 
A 1 125 HIS 125 335 335 HIS HIS A . n 
A 1 126 GLY 126 336 336 GLY GLY A . n 
A 1 127 ILE 127 337 337 ILE ILE A . n 
A 1 128 ASN 128 338 338 ASN ASN A . n 
A 1 129 ARG 129 339 339 ARG ARG A . n 
A 1 130 ILE 130 340 340 ILE ILE A . n 
A 1 131 GLU 131 341 341 GLU GLU A . n 
A 1 132 GLY 132 342 342 GLY GLY A . n 
A 1 133 ALA 133 343 343 ALA ALA A . n 
A 1 134 LYS 134 344 344 LYS LYS A . n 
A 1 135 LYS 135 345 345 LYS LYS A . n 
A 1 136 GLY 136 346 346 GLY GLY A . n 
A 1 137 PRO 137 347 347 PRO PRO A . n 
A 1 138 ASP 138 348 348 ASP ASP A . n 
A 1 139 SER 139 349 349 SER SER A . n 
A 1 140 VAL 140 350 350 VAL VAL A . n 
A 1 141 GLU 141 351 351 GLU GLU A . n 
A 1 142 HIS 142 352 352 HIS HIS A . n 
A 1 143 GLY 143 353 353 GLY GLY A . n 
A 1 144 GLU 144 354 354 GLU GLU A . n 
A 1 145 ARG 145 355 355 ARG ARG A . n 
A 1 146 TRP 146 356 356 TRP TRP A . n 
A 1 147 LEU 147 357 357 LEU LEU A . n 
A 1 148 ASP 148 358 358 ASP ASP A . n 
A 1 149 GLU 149 359 359 GLU GLU A . n 
A 1 150 LEU 150 360 360 LEU LEU A . n 
A 1 151 ASP 151 361 361 ASP ASP A . n 
A 1 152 ALA 152 362 362 ALA ALA A . n 
A 1 153 ILE 153 363 363 ILE ILE A . n 
A 1 154 VAL 154 364 364 VAL VAL A . n 
A 1 155 ILE 155 365 365 ILE ILE A . n 
A 1 156 ASP 156 366 366 ASP ASP A . n 
A 1 157 PRO 157 367 367 PRO PRO A . n 
A 1 158 LEU 158 368 368 LEU LEU A . n 
A 1 159 ARG 159 369 369 ARG ARG A . n 
A 1 160 THR 160 370 370 THR THR A . n 
A 1 161 PRO 161 371 371 PRO PRO A . n 
A 1 162 ASN 162 372 372 ASN ASN A . n 
A 1 163 ILE 163 373 373 ILE ILE A . n 
A 1 164 ALA 164 374 374 ALA ALA A . n 
A 1 165 ARG 165 375 375 ARG ARG A . n 
A 1 166 GLU 166 376 376 GLU GLU A . n 
A 1 167 PHE 167 377 377 PHE PHE A . n 
A 1 168 GLU 168 378 378 GLU GLU A . n 
A 1 169 ASN 169 379 379 ASN ASN A . n 
A 1 170 ILE 170 380 380 ILE ILE A . n 
A 1 171 ASP 171 381 381 ASP ASP A . n 
A 1 172 TYR 172 382 382 TYR TYR A . n 
A 1 173 GLN 173 383 383 GLN GLN A . n 
A 1 174 THR 174 384 384 THR THR A . n 
A 1 175 ASP 175 385 385 ASP ASP A . n 
A 1 176 LYS 176 386 386 LYS LYS A . n 
A 1 177 ASN 177 387 387 ASN ASN A . n 
A 1 178 GLY 178 388 388 GLY GLY A . n 
A 1 179 ASP 179 389 389 ASP ASP A . n 
A 1 180 PRO 180 390 390 PRO PRO A . n 
A 1 181 ILE 181 391 391 ILE ILE A . n 
A 1 182 PRO 182 392 392 PRO PRO A . n 
A 1 183 ARG 183 393 393 ARG ARG A . n 
A 1 184 LEU 184 394 394 LEU LEU A . n 
A 1 185 GLU 185 395 395 GLU GLU A . n 
A 1 186 ASP 186 396 396 ASP ASP A . n 
A 1 187 LYS 187 397 397 LYS LYS A . n 
A 1 188 ASP 188 398 398 ASP ASP A . n 
A 1 189 ASN 189 399 399 ASN ASN A . n 
A 1 190 HIS 190 400 400 HIS HIS A . n 
A 1 191 THR 191 401 401 THR THR A . n 
A 1 192 ILE 192 402 402 ILE ILE A . n 
A 1 193 ASP 193 403 403 ASP ASP A . n 
A 1 194 ALA 194 404 404 ALA ALA A . n 
A 1 195 THR 195 405 405 THR THR A . n 
A 1 196 ARG 196 406 406 ARG ARG A . n 
A 1 197 TYR 197 407 407 TYR TYR A . n 
A 1 198 ALA 198 408 408 ALA ALA A . n 
A 1 199 PHE 199 409 409 PHE PHE A . n 
A 1 200 GLU 200 410 410 GLU GLU A . n 
A 1 201 ARG 201 411 411 ARG ARG A . n 
A 1 202 ASP 202 412 412 ASP ASP A . n 
A 1 203 MSE 203 413 413 MSE MSE A . n 
A 1 204 LYS 204 414 414 LYS LYS A . n 
A 1 205 LYS 205 415 ?   ?   ?   A . n 
A 1 206 GLY 206 416 ?   ?   ?   A . n 
A 1 207 GLY 207 417 ?   ?   ?   A . n 
A 1 208 VAL 208 418 ?   ?   ?   A . n 
A 1 209 SER 209 419 ?   ?   ?   A . n 
A 1 210 LEU 210 420 ?   ?   ?   A . n 
A 1 211 TRP 211 421 ?   ?   ?   A . n 
A 1 212 GLY 212 422 ?   ?   ?   A . n 
# 
loop_
_pdbx_nonpoly_scheme.asym_id 
_pdbx_nonpoly_scheme.entity_id 
_pdbx_nonpoly_scheme.mon_id 
_pdbx_nonpoly_scheme.ndb_seq_num 
_pdbx_nonpoly_scheme.pdb_seq_num 
_pdbx_nonpoly_scheme.auth_seq_num 
_pdbx_nonpoly_scheme.pdb_mon_id 
_pdbx_nonpoly_scheme.auth_mon_id 
_pdbx_nonpoly_scheme.pdb_strand_id 
_pdbx_nonpoly_scheme.pdb_ins_code 
B 2 HOH 1   2001 2001 HOH HOH A . 
B 2 HOH 2   2002 2002 HOH HOH A . 
B 2 HOH 3   2003 2003 HOH HOH A . 
B 2 HOH 4   2004 2004 HOH HOH A . 
B 2 HOH 5   2005 2005 HOH HOH A . 
B 2 HOH 6   2006 2006 HOH HOH A . 
B 2 HOH 7   2007 2007 HOH HOH A . 
B 2 HOH 8   2008 2008 HOH HOH A . 
B 2 HOH 9   2009 2009 HOH HOH A . 
B 2 HOH 10  2010 2010 HOH HOH A . 
B 2 HOH 11  2011 2011 HOH HOH A . 
B 2 HOH 12  2012 2012 HOH HOH A . 
B 2 HOH 13  2013 2013 HOH HOH A . 
B 2 HOH 14  2014 2014 HOH HOH A . 
B 2 HOH 15  2015 2015 HOH HOH A . 
B 2 HOH 16  2016 2016 HOH HOH A . 
B 2 HOH 17  2017 2017 HOH HOH A . 
B 2 HOH 18  2018 2018 HOH HOH A . 
B 2 HOH 19  2019 2019 HOH HOH A . 
B 2 HOH 20  2020 2020 HOH HOH A . 
B 2 HOH 21  2021 2021 HOH HOH A . 
B 2 HOH 22  2022 2022 HOH HOH A . 
B 2 HOH 23  2023 2023 HOH HOH A . 
B 2 HOH 24  2024 2024 HOH HOH A . 
B 2 HOH 25  2025 2025 HOH HOH A . 
B 2 HOH 26  2026 2026 HOH HOH A . 
B 2 HOH 27  2027 2027 HOH HOH A . 
B 2 HOH 28  2028 2028 HOH HOH A . 
B 2 HOH 29  2029 2029 HOH HOH A . 
B 2 HOH 30  2030 2030 HOH HOH A . 
B 2 HOH 31  2031 2031 HOH HOH A . 
B 2 HOH 32  2032 2032 HOH HOH A . 
B 2 HOH 33  2033 2033 HOH HOH A . 
B 2 HOH 34  2034 2034 HOH HOH A . 
B 2 HOH 35  2035 2035 HOH HOH A . 
B 2 HOH 36  2036 2036 HOH HOH A . 
B 2 HOH 37  2037 2037 HOH HOH A . 
B 2 HOH 38  2038 2038 HOH HOH A . 
B 2 HOH 39  2039 2039 HOH HOH A . 
B 2 HOH 40  2040 2040 HOH HOH A . 
B 2 HOH 41  2041 2041 HOH HOH A . 
B 2 HOH 42  2042 2042 HOH HOH A . 
B 2 HOH 43  2043 2043 HOH HOH A . 
B 2 HOH 44  2044 2044 HOH HOH A . 
B 2 HOH 45  2045 2045 HOH HOH A . 
B 2 HOH 46  2046 2046 HOH HOH A . 
B 2 HOH 47  2047 2047 HOH HOH A . 
B 2 HOH 48  2048 2048 HOH HOH A . 
B 2 HOH 49  2049 2049 HOH HOH A . 
B 2 HOH 50  2050 2050 HOH HOH A . 
B 2 HOH 51  2051 2051 HOH HOH A . 
B 2 HOH 52  2052 2052 HOH HOH A . 
B 2 HOH 53  2053 2053 HOH HOH A . 
B 2 HOH 54  2054 2054 HOH HOH A . 
B 2 HOH 55  2055 2055 HOH HOH A . 
B 2 HOH 56  2056 2056 HOH HOH A . 
B 2 HOH 57  2057 2057 HOH HOH A . 
B 2 HOH 58  2058 2058 HOH HOH A . 
B 2 HOH 59  2059 2059 HOH HOH A . 
B 2 HOH 60  2060 2060 HOH HOH A . 
B 2 HOH 61  2061 2061 HOH HOH A . 
B 2 HOH 62  2062 2062 HOH HOH A . 
B 2 HOH 63  2063 2063 HOH HOH A . 
B 2 HOH 64  2064 2064 HOH HOH A . 
B 2 HOH 65  2065 2065 HOH HOH A . 
B 2 HOH 66  2066 2066 HOH HOH A . 
B 2 HOH 67  2067 2067 HOH HOH A . 
B 2 HOH 68  2068 2068 HOH HOH A . 
B 2 HOH 69  2069 2069 HOH HOH A . 
B 2 HOH 70  2070 2070 HOH HOH A . 
B 2 HOH 71  2071 2071 HOH HOH A . 
B 2 HOH 72  2072 2072 HOH HOH A . 
B 2 HOH 73  2073 2073 HOH HOH A . 
B 2 HOH 74  2074 2074 HOH HOH A . 
B 2 HOH 75  2075 2075 HOH HOH A . 
B 2 HOH 76  2076 2076 HOH HOH A . 
B 2 HOH 77  2077 2077 HOH HOH A . 
B 2 HOH 78  2078 2078 HOH HOH A . 
B 2 HOH 79  2079 2079 HOH HOH A . 
B 2 HOH 80  2080 2080 HOH HOH A . 
B 2 HOH 81  2081 2081 HOH HOH A . 
B 2 HOH 82  2082 2082 HOH HOH A . 
B 2 HOH 83  2083 2083 HOH HOH A . 
B 2 HOH 84  2084 2084 HOH HOH A . 
B 2 HOH 85  2085 2085 HOH HOH A . 
B 2 HOH 86  2086 2086 HOH HOH A . 
B 2 HOH 87  2087 2087 HOH HOH A . 
B 2 HOH 88  2088 2088 HOH HOH A . 
B 2 HOH 89  2089 2089 HOH HOH A . 
B 2 HOH 90  2090 2090 HOH HOH A . 
B 2 HOH 91  2091 2091 HOH HOH A . 
B 2 HOH 92  2092 2092 HOH HOH A . 
B 2 HOH 93  2093 2093 HOH HOH A . 
B 2 HOH 94  2094 2094 HOH HOH A . 
B 2 HOH 95  2095 2095 HOH HOH A . 
B 2 HOH 96  2096 2096 HOH HOH A . 
B 2 HOH 97  2097 2097 HOH HOH A . 
B 2 HOH 98  2098 2098 HOH HOH A . 
B 2 HOH 99  2099 2099 HOH HOH A . 
B 2 HOH 100 2100 2100 HOH HOH A . 
B 2 HOH 101 2101 2101 HOH HOH A . 
B 2 HOH 102 2102 2102 HOH HOH A . 
B 2 HOH 103 2103 2103 HOH HOH A . 
B 2 HOH 104 2104 2104 HOH HOH A . 
B 2 HOH 105 2105 2105 HOH HOH A . 
B 2 HOH 106 2106 2106 HOH HOH A . 
B 2 HOH 107 2107 2107 HOH HOH A . 
B 2 HOH 108 2108 2108 HOH HOH A . 
B 2 HOH 109 2109 2109 HOH HOH A . 
B 2 HOH 110 2110 2110 HOH HOH A . 
B 2 HOH 111 2111 2111 HOH HOH A . 
B 2 HOH 112 2112 2112 HOH HOH A . 
B 2 HOH 113 2113 2113 HOH HOH A . 
B 2 HOH 114 2114 2114 HOH HOH A . 
B 2 HOH 115 2115 2115 HOH HOH A . 
B 2 HOH 116 2116 2116 HOH HOH A . 
B 2 HOH 117 2117 2117 HOH HOH A . 
B 2 HOH 118 2118 2118 HOH HOH A . 
B 2 HOH 119 2119 2119 HOH HOH A . 
B 2 HOH 120 2120 2120 HOH HOH A . 
B 2 HOH 121 2121 2121 HOH HOH A . 
B 2 HOH 122 2122 2122 HOH HOH A . 
B 2 HOH 123 2123 2123 HOH HOH A . 
B 2 HOH 124 2124 2124 HOH HOH A . 
B 2 HOH 125 2125 2125 HOH HOH A . 
B 2 HOH 126 2126 2126 HOH HOH A . 
B 2 HOH 127 2127 2127 HOH HOH A . 
# 
loop_
_software.name 
_software.classification 
_software.version 
_software.citation_id 
_software.pdbx_ordinal 
REFMAC   refinement       5.5.0082 ? 1 
HKL-2000 'data reduction' .        ? 2 
HKL-2000 'data scaling'   .        ? 3 
SHELX    phasing          .        ? 4 
MLPHARE  phasing          .        ? 5 
DM       phasing          .        ? 6 
# 
_cell.entry_id           2WBN 
_cell.length_a           69.915 
_cell.length_b           69.915 
_cell.length_c           72.681 
_cell.angle_alpha        90.00 
_cell.angle_beta         90.00 
_cell.angle_gamma        120.00 
_cell.Z_PDB              6 
_cell.pdbx_unique_axis   ? 
# 
_symmetry.entry_id                         2WBN 
_symmetry.space_group_name_H-M             'P 32 2 1' 
_symmetry.pdbx_full_space_group_name_H-M   ? 
_symmetry.cell_setting                     ? 
_symmetry.Int_Tables_number                154 
# 
_exptl.entry_id          2WBN 
_exptl.method            'X-RAY DIFFRACTION' 
_exptl.crystals_number   1 
# 
_exptl_crystal.id                    1 
_exptl_crystal.density_meas          ? 
_exptl_crystal.density_Matthews      2.1 
_exptl_crystal.density_percent_sol   42 
_exptl_crystal.description           NONE 
# 
_exptl_crystal_grow.crystal_id      1 
_exptl_crystal_grow.method          ? 
_exptl_crystal_grow.temp            ? 
_exptl_crystal_grow.temp_details    ? 
_exptl_crystal_grow.pH              ? 
_exptl_crystal_grow.pdbx_pH_range   ? 
_exptl_crystal_grow.pdbx_details    '80 MM TRIS PH 8.5, 2.3 M LI2SO4' 
# 
_diffrn.id                     1 
_diffrn.ambient_temp           120 
_diffrn.ambient_temp_details   ? 
_diffrn.crystal_id             1 
# 
_diffrn_detector.diffrn_id              1 
_diffrn_detector.detector               'IMAGE PLATE' 
_diffrn_detector.type                   MARRESEARCH 
_diffrn_detector.pdbx_collection_date   2007-07-08 
_diffrn_detector.details                ? 
# 
_diffrn_radiation.diffrn_id                        1 
_diffrn_radiation.wavelength_id                    1 
_diffrn_radiation.pdbx_monochromatic_or_laue_m_l   M 
_diffrn_radiation.monochromator                    ? 
_diffrn_radiation.pdbx_diffrn_protocol             MAD 
_diffrn_radiation.pdbx_scattering_type             x-ray 
# 
_diffrn_radiation_wavelength.id           1 
_diffrn_radiation_wavelength.wavelength   0.9184 
_diffrn_radiation_wavelength.wt           1.0 
# 
_diffrn_source.diffrn_id                   1 
_diffrn_source.source                      SYNCHROTRON 
_diffrn_source.type                        'ESRF BEAMLINE BM14' 
_diffrn_source.pdbx_synchrotron_site       ESRF 
_diffrn_source.pdbx_synchrotron_beamline   BM14 
_diffrn_source.pdbx_wavelength             0.9184 
_diffrn_source.pdbx_wavelength_list        ? 
# 
_reflns.pdbx_diffrn_id               1 
_reflns.pdbx_ordinal                 1 
_reflns.entry_id                     2WBN 
_reflns.observed_criterion_sigma_I   2.0 
_reflns.observed_criterion_sigma_F   ? 
_reflns.d_resolution_low             25.00 
_reflns.d_resolution_high            1.90 
_reflns.number_obs                   16389 
_reflns.number_all                   ? 
_reflns.percent_possible_obs         99.1 
_reflns.pdbx_Rmerge_I_obs            0.07 
_reflns.pdbx_Rsym_value              ? 
_reflns.pdbx_netI_over_sigmaI        20.00 
_reflns.B_iso_Wilson_estimate        ? 
_reflns.pdbx_redundancy              7.0 
# 
_reflns_shell.pdbx_diffrn_id         1 
_reflns_shell.pdbx_ordinal           1 
_reflns_shell.d_res_high             1.90 
_reflns_shell.d_res_low              1.97 
_reflns_shell.percent_possible_all   96.7 
_reflns_shell.Rmerge_I_obs           0.43 
_reflns_shell.pdbx_Rsym_value        ? 
_reflns_shell.meanI_over_sigI_obs    3.30 
_reflns_shell.pdbx_redundancy        5.7 
# 
_refine.pdbx_refine_id                           'X-RAY DIFFRACTION' 
_refine.entry_id                                 2WBN 
_refine.pdbx_diffrn_id                           1 
_refine.pdbx_TLS_residual_ADP_flag               'LIKELY RESIDUAL' 
_refine.ls_number_reflns_obs                     15671 
_refine.ls_number_reflns_all                     ? 
_refine.pdbx_ls_sigma_I                          ? 
_refine.pdbx_ls_sigma_F                          ? 
_refine.pdbx_data_cutoff_high_absF               ? 
_refine.pdbx_data_cutoff_low_absF                ? 
_refine.pdbx_data_cutoff_high_rms_absF           ? 
_refine.ls_d_res_low                             60.52 
_refine.ls_d_res_high                            1.90 
_refine.ls_percent_reflns_obs                    98.9 
_refine.ls_R_factor_obs                          0.197 
_refine.ls_R_factor_all                          ? 
_refine.ls_R_factor_R_work                       0.195 
_refine.ls_R_factor_R_free                       0.228 
_refine.ls_R_factor_R_free_error                 ? 
_refine.ls_R_factor_R_free_error_details         ? 
_refine.ls_percent_reflns_R_free                 5.100 
_refine.ls_number_reflns_R_free                  834 
_refine.ls_number_parameters                     ? 
_refine.ls_number_restraints                     ? 
_refine.occupancy_min                            ? 
_refine.occupancy_max                            ? 
_refine.correlation_coeff_Fo_to_Fc               0.963 
_refine.correlation_coeff_Fo_to_Fc_free          0.952 
_refine.B_iso_mean                               40.78 
_refine.aniso_B[1][1]                            1.46000 
_refine.aniso_B[2][2]                            1.46000 
_refine.aniso_B[3][3]                            -2.18000 
_refine.aniso_B[1][2]                            0.73000 
_refine.aniso_B[1][3]                            0.00000 
_refine.aniso_B[2][3]                            0.00000 
_refine.solvent_model_details                    'BABINET MODEL WITH MASK' 
_refine.solvent_model_param_ksol                 ? 
_refine.solvent_model_param_bsol                 ? 
_refine.pdbx_solvent_vdw_probe_radii             1.20 
_refine.pdbx_solvent_ion_probe_radii             0.80 
_refine.pdbx_solvent_shrinkage_radii             0.80 
_refine.pdbx_ls_cross_valid_method               THROUGHOUT 
_refine.details                                  'HYDROGENS HAVE BEEN ADDED IN THE RIDING POSITIONS.U VALUES RESIDUAL ONLY' 
_refine.pdbx_starting_model                      NONE 
_refine.pdbx_method_to_determine_struct          MAD 
_refine.pdbx_isotropic_thermal_model             ? 
_refine.pdbx_stereochemistry_target_values       'MAXIMUM LIKELIHOOD' 
_refine.pdbx_stereochem_target_val_spec_case     ? 
_refine.pdbx_R_Free_selection_details            RANDOM 
_refine.pdbx_overall_ESU_R                       0.156 
_refine.pdbx_overall_ESU_R_Free                  0.141 
_refine.overall_SU_ML                            0.114 
_refine.pdbx_overall_phase_error                 ? 
_refine.overall_SU_B                             8.806 
_refine.overall_SU_R_Cruickshank_DPI             ? 
_refine.pdbx_overall_SU_R_free_Cruickshank_DPI   ? 
_refine.pdbx_overall_SU_R_Blow_DPI               ? 
_refine.pdbx_overall_SU_R_free_Blow_DPI          ? 
# 
_refine_hist.pdbx_refine_id                   'X-RAY DIFFRACTION' 
_refine_hist.cycle_id                         LAST 
_refine_hist.pdbx_number_atoms_protein        1459 
_refine_hist.pdbx_number_atoms_nucleic_acid   0 
_refine_hist.pdbx_number_atoms_ligand         0 
_refine_hist.number_atoms_solvent             127 
_refine_hist.number_atoms_total               1586 
_refine_hist.d_res_high                       1.90 
_refine_hist.d_res_low                        60.52 
# 
loop_
_refine_ls_restr.type 
_refine_ls_restr.dev_ideal 
_refine_ls_restr.dev_ideal_target 
_refine_ls_restr.weight 
_refine_ls_restr.number 
_refine_ls_restr.pdbx_refine_id 
_refine_ls_restr.pdbx_restraint_function 
r_bond_refined_d             0.011  0.022  ? 1489 'X-RAY DIFFRACTION' ? 
r_bond_other_d               0.001  0.020  ? 1053 'X-RAY DIFFRACTION' ? 
r_angle_refined_deg          1.268  1.956  ? 2012 'X-RAY DIFFRACTION' ? 
r_angle_other_deg            0.831  3.000  ? 2542 'X-RAY DIFFRACTION' ? 
r_dihedral_angle_1_deg       6.355  5.000  ? 177  'X-RAY DIFFRACTION' ? 
r_dihedral_angle_2_deg       35.363 23.882 ? 85   'X-RAY DIFFRACTION' ? 
r_dihedral_angle_3_deg       13.543 15.000 ? 264  'X-RAY DIFFRACTION' ? 
r_dihedral_angle_4_deg       15.174 15.000 ? 16   'X-RAY DIFFRACTION' ? 
r_chiral_restr               0.073  0.200  ? 212  'X-RAY DIFFRACTION' ? 
r_gen_planes_refined         0.005  0.021  ? 1671 'X-RAY DIFFRACTION' ? 
r_gen_planes_other           0.001  0.020  ? 311  'X-RAY DIFFRACTION' ? 
r_nbd_refined                ?      ?      ? ?    'X-RAY DIFFRACTION' ? 
r_nbd_other                  ?      ?      ? ?    'X-RAY DIFFRACTION' ? 
r_nbtor_refined              ?      ?      ? ?    'X-RAY DIFFRACTION' ? 
r_nbtor_other                ?      ?      ? ?    'X-RAY DIFFRACTION' ? 
r_xyhbond_nbd_refined        ?      ?      ? ?    'X-RAY DIFFRACTION' ? 
r_xyhbond_nbd_other          ?      ?      ? ?    'X-RAY DIFFRACTION' ? 
r_metal_ion_refined          ?      ?      ? ?    'X-RAY DIFFRACTION' ? 
r_metal_ion_other            ?      ?      ? ?    'X-RAY DIFFRACTION' ? 
r_symmetry_vdw_refined       ?      ?      ? ?    'X-RAY DIFFRACTION' ? 
r_symmetry_vdw_other         ?      ?      ? ?    'X-RAY DIFFRACTION' ? 
r_symmetry_hbond_refined     ?      ?      ? ?    'X-RAY DIFFRACTION' ? 
r_symmetry_hbond_other       ?      ?      ? ?    'X-RAY DIFFRACTION' ? 
r_symmetry_metal_ion_refined ?      ?      ? ?    'X-RAY DIFFRACTION' ? 
r_symmetry_metal_ion_other   ?      ?      ? ?    'X-RAY DIFFRACTION' ? 
r_mcbond_it                  0.612  1.500  ? 889  'X-RAY DIFFRACTION' ? 
r_mcbond_other               ?      ?      ? ?    'X-RAY DIFFRACTION' ? 
r_mcangle_it                 1.084  2.000  ? 1440 'X-RAY DIFFRACTION' ? 
r_mcangle_other              ?      ?      ? ?    'X-RAY DIFFRACTION' ? 
r_scbond_it                  1.751  3.000  ? 600  'X-RAY DIFFRACTION' ? 
r_scbond_other               ?      ?      ? ?    'X-RAY DIFFRACTION' ? 
r_scangle_it                 2.786  4.500  ? 572  'X-RAY DIFFRACTION' ? 
r_scangle_other              ?      ?      ? ?    'X-RAY DIFFRACTION' ? 
r_long_range_B_refined       ?      ?      ? ?    'X-RAY DIFFRACTION' ? 
r_long_range_B_other         ?      ?      ? ?    'X-RAY DIFFRACTION' ? 
r_rigid_bond_restr           ?      ?      ? ?    'X-RAY DIFFRACTION' ? 
r_sphericity_free            ?      ?      ? ?    'X-RAY DIFFRACTION' ? 
r_sphericity_bonded          ?      ?      ? ?    'X-RAY DIFFRACTION' ? 
# 
_refine_ls_shell.pdbx_refine_id                   'X-RAY DIFFRACTION' 
_refine_ls_shell.pdbx_total_number_of_bins_used   20 
_refine_ls_shell.d_res_high                       1.90 
_refine_ls_shell.d_res_low                        1.95 
_refine_ls_shell.number_reflns_R_work             1033 
_refine_ls_shell.R_factor_R_work                  0.2620 
_refine_ls_shell.percent_reflns_obs               90.78 
_refine_ls_shell.R_factor_R_free                  0.2600 
_refine_ls_shell.R_factor_R_free_error            ? 
_refine_ls_shell.percent_reflns_R_free            ? 
_refine_ls_shell.number_reflns_R_free             60 
_refine_ls_shell.number_reflns_all                ? 
_refine_ls_shell.R_factor_all                     ? 
# 
_struct.entry_id                  2WBN 
_struct.title                     'Crystal structure of the g2p (large terminase) nuclease domain from the bacteriophage SPP1' 
_struct.pdbx_model_details        ? 
_struct.pdbx_CASP_flag            ? 
_struct.pdbx_model_type_details   ? 
# 
_struct_keywords.entry_id        2WBN 
_struct_keywords.pdbx_keywords   'VIRAL PROTEIN' 
_struct_keywords.text            'LARGE TERMINASE, NUCLEASE, VIRAL PROTEIN, DNA PACKAGING' 
# 
loop_
_struct_asym.id 
_struct_asym.pdbx_blank_PDB_chainid_flag 
_struct_asym.pdbx_modified 
_struct_asym.entity_id 
_struct_asym.details 
A N N 1 ? 
B N N 2 ? 
# 
loop_
_struct_ref.id 
_struct_ref.db_name 
_struct_ref.db_code 
_struct_ref.entity_id 
_struct_ref.pdbx_seq_one_letter_code 
_struct_ref.pdbx_align_begin 
_struct_ref.pdbx_db_accession 
_struct_ref.pdbx_db_isoform 
1 PDB 2WBN       1 ? ? 2WBN   ? 
2 UNP TERL_BPSPP 1 ? ? P54308 ? 
# 
loop_
_struct_ref_seq.align_id 
_struct_ref_seq.ref_id 
_struct_ref_seq.pdbx_PDB_id_code 
_struct_ref_seq.pdbx_strand_id 
_struct_ref_seq.seq_align_beg 
_struct_ref_seq.pdbx_seq_align_beg_ins_code 
_struct_ref_seq.seq_align_end 
_struct_ref_seq.pdbx_seq_align_end_ins_code 
_struct_ref_seq.pdbx_db_accession 
_struct_ref_seq.db_align_beg 
_struct_ref_seq.pdbx_db_align_beg_ins_code 
_struct_ref_seq.db_align_end 
_struct_ref_seq.pdbx_db_align_end_ins_code 
_struct_ref_seq.pdbx_auth_seq_align_beg 
_struct_ref_seq.pdbx_auth_seq_align_end 
1 1 2WBN A 1  ? 21  ? 2WBN   211 ? 231 ? 211 231 
2 2 2WBN A 22 ? 212 ? P54308 232 ? 422 ? 232 422 
# 
_pdbx_struct_assembly.id                   1 
_pdbx_struct_assembly.details              author_and_software_defined_assembly 
_pdbx_struct_assembly.method_details       PISA 
_pdbx_struct_assembly.oligomeric_details   monomeric 
_pdbx_struct_assembly.oligomeric_count     1 
# 
_pdbx_struct_assembly_gen.assembly_id       1 
_pdbx_struct_assembly_gen.oper_expression   1 
_pdbx_struct_assembly_gen.asym_id_list      A,B 
# 
_pdbx_struct_oper_list.id                   1 
_pdbx_struct_oper_list.type                 'identity operation' 
_pdbx_struct_oper_list.name                 1_555 
_pdbx_struct_oper_list.symmetry_operation   x,y,z 
_pdbx_struct_oper_list.matrix[1][1]         1.0000000000 
_pdbx_struct_oper_list.matrix[1][2]         0.0000000000 
_pdbx_struct_oper_list.matrix[1][3]         0.0000000000 
_pdbx_struct_oper_list.vector[1]            0.0000000000 
_pdbx_struct_oper_list.matrix[2][1]         0.0000000000 
_pdbx_struct_oper_list.matrix[2][2]         1.0000000000 
_pdbx_struct_oper_list.matrix[2][3]         0.0000000000 
_pdbx_struct_oper_list.vector[2]            0.0000000000 
_pdbx_struct_oper_list.matrix[3][1]         0.0000000000 
_pdbx_struct_oper_list.matrix[3][2]         0.0000000000 
_pdbx_struct_oper_list.matrix[3][3]         1.0000000000 
_pdbx_struct_oper_list.vector[3]            0.0000000000 
# 
_struct_biol.id   1 
# 
loop_
_struct_conf.conf_type_id 
_struct_conf.id 
_struct_conf.pdbx_PDB_helix_id 
_struct_conf.beg_label_comp_id 
_struct_conf.beg_label_asym_id 
_struct_conf.beg_label_seq_id 
_struct_conf.pdbx_beg_PDB_ins_code 
_struct_conf.end_label_comp_id 
_struct_conf.end_label_asym_id 
_struct_conf.end_label_seq_id 
_struct_conf.pdbx_end_PDB_ins_code 
_struct_conf.beg_auth_comp_id 
_struct_conf.beg_auth_asym_id 
_struct_conf.beg_auth_seq_id 
_struct_conf.end_auth_comp_id 
_struct_conf.end_auth_asym_id 
_struct_conf.end_auth_seq_id 
_struct_conf.pdbx_PDB_helix_class 
_struct_conf.details 
_struct_conf.pdbx_PDB_helix_length 
HELX_P HELX_P1 1 THR A 41  ? PHE A 48  ? THR A 251 PHE A 258 1 ? 8  
HELX_P HELX_P2 2 SER A 90  ? ASN A 101 ? SER A 300 ASN A 311 1 ? 12 
HELX_P HELX_P3 3 GLU A 114 ? GLU A 124 ? GLU A 324 GLU A 334 1 ? 11 
HELX_P HELX_P4 4 GLY A 136 ? ASP A 138 ? GLY A 346 ASP A 348 5 ? 3  
HELX_P HELX_P5 5 SER A 139 ? GLU A 149 ? SER A 349 GLU A 359 1 ? 11 
HELX_P HELX_P6 6 THR A 160 ? ILE A 170 ? THR A 370 ILE A 380 1 ? 11 
HELX_P HELX_P7 7 ASN A 189 ? PHE A 199 ? ASN A 399 PHE A 409 1 ? 11 
HELX_P HELX_P8 8 GLU A 200 ? MSE A 203 ? GLU A 410 MSE A 413 5 ? 4  
# 
_struct_conf_type.id          HELX_P 
_struct_conf_type.criteria    ? 
_struct_conf_type.reference   ? 
# 
loop_
_struct_conn.id 
_struct_conn.conn_type_id 
_struct_conn.pdbx_leaving_atom_flag 
_struct_conn.pdbx_PDB_id 
_struct_conn.ptnr1_label_asym_id 
_struct_conn.ptnr1_label_comp_id 
_struct_conn.ptnr1_label_seq_id 
_struct_conn.ptnr1_label_atom_id 
_struct_conn.pdbx_ptnr1_label_alt_id 
_struct_conn.pdbx_ptnr1_PDB_ins_code 
_struct_conn.pdbx_ptnr1_standard_comp_id 
_struct_conn.ptnr1_symmetry 
_struct_conn.ptnr2_label_asym_id 
_struct_conn.ptnr2_label_comp_id 
_struct_conn.ptnr2_label_seq_id 
_struct_conn.ptnr2_label_atom_id 
_struct_conn.pdbx_ptnr2_label_alt_id 
_struct_conn.pdbx_ptnr2_PDB_ins_code 
_struct_conn.ptnr1_auth_asym_id 
_struct_conn.ptnr1_auth_comp_id 
_struct_conn.ptnr1_auth_seq_id 
_struct_conn.ptnr2_auth_asym_id 
_struct_conn.ptnr2_auth_comp_id 
_struct_conn.ptnr2_auth_seq_id 
_struct_conn.ptnr2_symmetry 
_struct_conn.pdbx_ptnr3_label_atom_id 
_struct_conn.pdbx_ptnr3_label_seq_id 
_struct_conn.pdbx_ptnr3_label_comp_id 
_struct_conn.pdbx_ptnr3_label_asym_id 
_struct_conn.pdbx_ptnr3_label_alt_id 
_struct_conn.pdbx_ptnr3_PDB_ins_code 
_struct_conn.details 
_struct_conn.pdbx_dist_value 
_struct_conn.pdbx_value_order 
_struct_conn.pdbx_role 
covale1 covale both ? A ASP 202 C ? ? ? 1_555 A MSE 203 N ? ? A ASP 412 A MSE 413 1_555 ? ? ? ? ? ? ? 1.330 ? ? 
covale2 covale both ? A MSE 203 C ? ? ? 1_555 A LYS 204 N ? ? A MSE 413 A LYS 414 1_555 ? ? ? ? ? ? ? 1.339 ? ? 
# 
_struct_conn_type.id          covale 
_struct_conn_type.criteria    ? 
_struct_conn_type.reference   ? 
# 
_pdbx_modification_feature.ordinal                            1 
_pdbx_modification_feature.label_comp_id                      MSE 
_pdbx_modification_feature.label_asym_id                      A 
_pdbx_modification_feature.label_seq_id                       203 
_pdbx_modification_feature.label_alt_id                       ? 
_pdbx_modification_feature.modified_residue_label_comp_id     . 
_pdbx_modification_feature.modified_residue_label_asym_id     . 
_pdbx_modification_feature.modified_residue_label_seq_id      . 
_pdbx_modification_feature.modified_residue_label_alt_id      . 
_pdbx_modification_feature.auth_comp_id                       MSE 
_pdbx_modification_feature.auth_asym_id                       A 
_pdbx_modification_feature.auth_seq_id                        413 
_pdbx_modification_feature.PDB_ins_code                       ? 
_pdbx_modification_feature.symmetry                           1_555 
_pdbx_modification_feature.modified_residue_auth_comp_id      . 
_pdbx_modification_feature.modified_residue_auth_asym_id      . 
_pdbx_modification_feature.modified_residue_auth_seq_id       . 
_pdbx_modification_feature.modified_residue_PDB_ins_code      . 
_pdbx_modification_feature.modified_residue_symmetry          . 
_pdbx_modification_feature.comp_id_linking_atom               . 
_pdbx_modification_feature.modified_residue_id_linking_atom   . 
_pdbx_modification_feature.modified_residue_id                MET 
_pdbx_modification_feature.ref_pcm_id                         1 
_pdbx_modification_feature.ref_comp_id                        MSE 
_pdbx_modification_feature.type                               Selenomethionine 
_pdbx_modification_feature.category                           'Named protein modification' 
# 
loop_
_struct_sheet.id 
_struct_sheet.type 
_struct_sheet.number_strands 
_struct_sheet.details 
AA ? 7 ? 
AB ? 2 ? 
# 
loop_
_struct_sheet_order.sheet_id 
_struct_sheet_order.range_id_1 
_struct_sheet_order.range_id_2 
_struct_sheet_order.offset 
_struct_sheet_order.sense 
AA 1 2 ? parallel      
AA 2 3 ? parallel      
AA 3 4 ? anti-parallel 
AA 4 5 ? anti-parallel 
AA 5 6 ? parallel      
AA 6 7 ? parallel      
AB 1 2 ? anti-parallel 
# 
loop_
_struct_sheet_range.sheet_id 
_struct_sheet_range.id 
_struct_sheet_range.beg_label_comp_id 
_struct_sheet_range.beg_label_asym_id 
_struct_sheet_range.beg_label_seq_id 
_struct_sheet_range.pdbx_beg_PDB_ins_code 
_struct_sheet_range.end_label_comp_id 
_struct_sheet_range.end_label_asym_id 
_struct_sheet_range.end_label_seq_id 
_struct_sheet_range.pdbx_end_PDB_ins_code 
_struct_sheet_range.beg_auth_comp_id 
_struct_sheet_range.beg_auth_asym_id 
_struct_sheet_range.beg_auth_seq_id 
_struct_sheet_range.end_auth_comp_id 
_struct_sheet_range.end_auth_asym_id 
_struct_sheet_range.end_auth_seq_id 
AA 1 LEU A 33  ? ILE A 35  ? LEU A 243 ILE A 245 
AA 2 ALA A 152 ? ILE A 155 ? ALA A 362 ILE A 365 
AA 3 ARG A 77  ? ASP A 86  ? ARG A 287 ASP A 296 
AA 4 LEU A 64  ? ASP A 72  ? LEU A 274 ASP A 282 
AA 5 ILE A 51  ? ASP A 56  ? ILE A 261 ASP A 266 
AA 6 ILE A 108 ? ALA A 110 ? ILE A 318 ALA A 320 
AA 7 ILE A 130 ? GLY A 132 ? ILE A 340 GLY A 342 
AB 1 TYR A 172 ? THR A 174 ? TYR A 382 THR A 384 
AB 2 PRO A 180 ? LEU A 184 ? PRO A 390 LEU A 394 
# 
loop_
_pdbx_struct_sheet_hbond.sheet_id 
_pdbx_struct_sheet_hbond.range_id_1 
_pdbx_struct_sheet_hbond.range_id_2 
_pdbx_struct_sheet_hbond.range_1_label_atom_id 
_pdbx_struct_sheet_hbond.range_1_label_comp_id 
_pdbx_struct_sheet_hbond.range_1_label_asym_id 
_pdbx_struct_sheet_hbond.range_1_label_seq_id 
_pdbx_struct_sheet_hbond.range_1_PDB_ins_code 
_pdbx_struct_sheet_hbond.range_1_auth_atom_id 
_pdbx_struct_sheet_hbond.range_1_auth_comp_id 
_pdbx_struct_sheet_hbond.range_1_auth_asym_id 
_pdbx_struct_sheet_hbond.range_1_auth_seq_id 
_pdbx_struct_sheet_hbond.range_2_label_atom_id 
_pdbx_struct_sheet_hbond.range_2_label_comp_id 
_pdbx_struct_sheet_hbond.range_2_label_asym_id 
_pdbx_struct_sheet_hbond.range_2_label_seq_id 
_pdbx_struct_sheet_hbond.range_2_PDB_ins_code 
_pdbx_struct_sheet_hbond.range_2_auth_atom_id 
_pdbx_struct_sheet_hbond.range_2_auth_comp_id 
_pdbx_struct_sheet_hbond.range_2_auth_asym_id 
_pdbx_struct_sheet_hbond.range_2_auth_seq_id 
AA 1 2 N GLN A 34  ? N GLN A 244 O ILE A 153 ? O ILE A 363 
AA 2 3 N VAL A 154 ? N VAL A 364 O ILE A 78  ? O ILE A 288 
AA 3 4 N ASP A 86  ? N ASP A 296 O LEU A 64  ? O LEU A 274 
AA 4 5 N TRP A 69  ? N TRP A 279 O ARG A 52  ? O ARG A 262 
AA 5 6 N LEU A 55  ? N LEU A 265 O ILE A 109 ? O ILE A 319 
AA 6 7 N ALA A 110 ? N ALA A 320 O GLU A 131 ? O GLU A 341 
AB 1 2 O GLN A 173 ? O GLN A 383 N ILE A 181 ? N ILE A 391 
# 
_pdbx_entry_details.entry_id                   2WBN 
_pdbx_entry_details.compound_details           ? 
_pdbx_entry_details.source_details             ? 
_pdbx_entry_details.nonpolymer_details         ? 
_pdbx_entry_details.sequence_details           ? 
_pdbx_entry_details.has_ligand_of_interest     ? 
_pdbx_entry_details.has_protein_modification   Y 
# 
loop_
_pdbx_validate_close_contact.id 
_pdbx_validate_close_contact.PDB_model_num 
_pdbx_validate_close_contact.auth_atom_id_1 
_pdbx_validate_close_contact.auth_asym_id_1 
_pdbx_validate_close_contact.auth_comp_id_1 
_pdbx_validate_close_contact.auth_seq_id_1 
_pdbx_validate_close_contact.PDB_ins_code_1 
_pdbx_validate_close_contact.label_alt_id_1 
_pdbx_validate_close_contact.auth_atom_id_2 
_pdbx_validate_close_contact.auth_asym_id_2 
_pdbx_validate_close_contact.auth_comp_id_2 
_pdbx_validate_close_contact.auth_seq_id_2 
_pdbx_validate_close_contact.PDB_ins_code_2 
_pdbx_validate_close_contact.label_alt_id_2 
_pdbx_validate_close_contact.dist 
1 1 O   A HOH 2098 ? ? O   A HOH 2122 ? ? 2.06 
2 1 NH1 A ARG 326  ? ? OD2 A ASP 329  ? ? 2.19 
# 
loop_
_pdbx_validate_torsion.id 
_pdbx_validate_torsion.PDB_model_num 
_pdbx_validate_torsion.auth_comp_id 
_pdbx_validate_torsion.auth_asym_id 
_pdbx_validate_torsion.auth_seq_id 
_pdbx_validate_torsion.PDB_ins_code 
_pdbx_validate_torsion.label_alt_id 
_pdbx_validate_torsion.phi 
_pdbx_validate_torsion.psi 
1 1 ASN A 242 ? ? -68.25  4.58   
2 1 ASP A 259 ? ? -144.08 27.59  
3 1 TYR A 269 ? ? -171.78 131.62 
4 1 ASP A 321 ? ? -30.40  106.03 
5 1 ARG A 339 ? ? -88.75  44.19  
6 1 ASN A 387 ? ? -57.88  -3.38  
7 1 PRO A 392 ? ? -81.00  39.80  
8 1 ASP A 396 ? ? -100.11 60.63  
# 
_pdbx_struct_mod_residue.id               1 
_pdbx_struct_mod_residue.label_asym_id    A 
_pdbx_struct_mod_residue.label_comp_id    MSE 
_pdbx_struct_mod_residue.label_seq_id     203 
_pdbx_struct_mod_residue.auth_asym_id     A 
_pdbx_struct_mod_residue.auth_comp_id     MSE 
_pdbx_struct_mod_residue.auth_seq_id      413 
_pdbx_struct_mod_residue.PDB_ins_code     ? 
_pdbx_struct_mod_residue.parent_comp_id   MET 
_pdbx_struct_mod_residue.details          SELENOMETHIONINE 
# 
_pdbx_refine_tls.pdbx_refine_id   'X-RAY DIFFRACTION' 
_pdbx_refine_tls.id               1 
_pdbx_refine_tls.details          ? 
_pdbx_refine_tls.method           refined 
_pdbx_refine_tls.origin_x         -0.3052 
_pdbx_refine_tls.origin_y         -0.0190 
_pdbx_refine_tls.origin_z         -0.2988 
_pdbx_refine_tls.T[1][1]          -0.1951 
_pdbx_refine_tls.T[2][2]          -0.0213 
_pdbx_refine_tls.T[3][3]          -0.0233 
_pdbx_refine_tls.T[1][2]          0.0039 
_pdbx_refine_tls.T[1][3]          0.0179 
_pdbx_refine_tls.T[2][3]          0.1284 
_pdbx_refine_tls.L[1][1]          4.0770 
_pdbx_refine_tls.L[2][2]          1.6886 
_pdbx_refine_tls.L[3][3]          1.7636 
_pdbx_refine_tls.L[1][2]          -0.6364 
_pdbx_refine_tls.L[1][3]          -0.2518 
_pdbx_refine_tls.L[2][3]          0.2507 
_pdbx_refine_tls.S[1][1]          0.1382 
_pdbx_refine_tls.S[1][2]          0.4840 
_pdbx_refine_tls.S[1][3]          0.5377 
_pdbx_refine_tls.S[2][1]          -0.2714 
_pdbx_refine_tls.S[2][2]          -0.0990 
_pdbx_refine_tls.S[2][3]          -0.0894 
_pdbx_refine_tls.S[3][1]          -0.0854 
_pdbx_refine_tls.S[3][2]          -0.0169 
_pdbx_refine_tls.S[3][3]          -0.0393 
# 
_pdbx_refine_tls_group.pdbx_refine_id      'X-RAY DIFFRACTION' 
_pdbx_refine_tls_group.id                  1 
_pdbx_refine_tls_group.refine_tls_id       1 
_pdbx_refine_tls_group.beg_auth_asym_id    A 
_pdbx_refine_tls_group.beg_auth_seq_id     237 
_pdbx_refine_tls_group.beg_label_asym_id   ? 
_pdbx_refine_tls_group.beg_label_seq_id    ? 
_pdbx_refine_tls_group.end_auth_asym_id    A 
_pdbx_refine_tls_group.end_auth_seq_id     414 
_pdbx_refine_tls_group.end_label_asym_id   ? 
_pdbx_refine_tls_group.end_label_seq_id    ? 
_pdbx_refine_tls_group.selection           ? 
_pdbx_refine_tls_group.selection_details   ? 
# 
loop_
_pdbx_unobs_or_zero_occ_residues.id 
_pdbx_unobs_or_zero_occ_residues.PDB_model_num 
_pdbx_unobs_or_zero_occ_residues.polymer_flag 
_pdbx_unobs_or_zero_occ_residues.occupancy_flag 
_pdbx_unobs_or_zero_occ_residues.auth_asym_id 
_pdbx_unobs_or_zero_occ_residues.auth_comp_id 
_pdbx_unobs_or_zero_occ_residues.auth_seq_id 
_pdbx_unobs_or_zero_occ_residues.PDB_ins_code 
_pdbx_unobs_or_zero_occ_residues.label_asym_id 
_pdbx_unobs_or_zero_occ_residues.label_comp_id 
_pdbx_unobs_or_zero_occ_residues.label_seq_id 
1  1 Y 1 A MSE 211 ? A MSE 1   
2  1 Y 1 A GLY 212 ? A GLY 2   
3  1 Y 1 A SER 213 ? A SER 3   
4  1 Y 1 A SER 214 ? A SER 4   
5  1 Y 1 A HIS 215 ? A HIS 5   
6  1 Y 1 A HIS 216 ? A HIS 6   
7  1 Y 1 A HIS 217 ? A HIS 7   
8  1 Y 1 A HIS 218 ? A HIS 8   
9  1 Y 1 A HIS 219 ? A HIS 9   
10 1 Y 1 A HIS 220 ? A HIS 10  
11 1 Y 1 A SER 221 ? A SER 11  
12 1 Y 1 A SER 222 ? A SER 12  
13 1 Y 1 A GLY 223 ? A GLY 13  
14 1 Y 1 A LEU 224 ? A LEU 14  
15 1 Y 1 A VAL 225 ? A VAL 15  
16 1 Y 1 A PRO 226 ? A PRO 16  
17 1 Y 1 A ARG 227 ? A ARG 17  
18 1 Y 1 A GLY 228 ? A GLY 18  
19 1 Y 1 A SER 229 ? A SER 19  
20 1 Y 1 A HIS 230 ? A HIS 20  
21 1 Y 1 A MSE 231 ? A MSE 21  
22 1 Y 1 A ALA 232 ? A ALA 22  
23 1 Y 1 A LEU 233 ? A LEU 23  
24 1 Y 1 A GLY 234 ? A GLY 24  
25 1 Y 1 A SER 235 ? A SER 25  
26 1 Y 1 A GLY 236 ? A GLY 26  
27 1 Y 1 A LYS 415 ? A LYS 205 
28 1 Y 1 A GLY 416 ? A GLY 206 
29 1 Y 1 A GLY 417 ? A GLY 207 
30 1 Y 1 A VAL 418 ? A VAL 208 
31 1 Y 1 A SER 419 ? A SER 209 
32 1 Y 1 A LEU 420 ? A LEU 210 
33 1 Y 1 A TRP 421 ? A TRP 211 
34 1 Y 1 A GLY 422 ? A GLY 212 
# 
loop_
_chem_comp_atom.comp_id 
_chem_comp_atom.atom_id 
_chem_comp_atom.type_symbol 
_chem_comp_atom.pdbx_aromatic_flag 
_chem_comp_atom.pdbx_stereo_config 
_chem_comp_atom.pdbx_ordinal 
ALA N    N  N N 1   
ALA CA   C  N S 2   
ALA C    C  N N 3   
ALA O    O  N N 4   
ALA CB   C  N N 5   
ALA OXT  O  N N 6   
ALA H    H  N N 7   
ALA H2   H  N N 8   
ALA HA   H  N N 9   
ALA HB1  H  N N 10  
ALA HB2  H  N N 11  
ALA HB3  H  N N 12  
ALA HXT  H  N N 13  
ARG N    N  N N 14  
ARG CA   C  N S 15  
ARG C    C  N N 16  
ARG O    O  N N 17  
ARG CB   C  N N 18  
ARG CG   C  N N 19  
ARG CD   C  N N 20  
ARG NE   N  N N 21  
ARG CZ   C  N N 22  
ARG NH1  N  N N 23  
ARG NH2  N  N N 24  
ARG OXT  O  N N 25  
ARG H    H  N N 26  
ARG H2   H  N N 27  
ARG HA   H  N N 28  
ARG HB2  H  N N 29  
ARG HB3  H  N N 30  
ARG HG2  H  N N 31  
ARG HG3  H  N N 32  
ARG HD2  H  N N 33  
ARG HD3  H  N N 34  
ARG HE   H  N N 35  
ARG HH11 H  N N 36  
ARG HH12 H  N N 37  
ARG HH21 H  N N 38  
ARG HH22 H  N N 39  
ARG HXT  H  N N 40  
ASN N    N  N N 41  
ASN CA   C  N S 42  
ASN C    C  N N 43  
ASN O    O  N N 44  
ASN CB   C  N N 45  
ASN CG   C  N N 46  
ASN OD1  O  N N 47  
ASN ND2  N  N N 48  
ASN OXT  O  N N 49  
ASN H    H  N N 50  
ASN H2   H  N N 51  
ASN HA   H  N N 52  
ASN HB2  H  N N 53  
ASN HB3  H  N N 54  
ASN HD21 H  N N 55  
ASN HD22 H  N N 56  
ASN HXT  H  N N 57  
ASP N    N  N N 58  
ASP CA   C  N S 59  
ASP C    C  N N 60  
ASP O    O  N N 61  
ASP CB   C  N N 62  
ASP CG   C  N N 63  
ASP OD1  O  N N 64  
ASP OD2  O  N N 65  
ASP OXT  O  N N 66  
ASP H    H  N N 67  
ASP H2   H  N N 68  
ASP HA   H  N N 69  
ASP HB2  H  N N 70  
ASP HB3  H  N N 71  
ASP HD2  H  N N 72  
ASP HXT  H  N N 73  
GLN N    N  N N 74  
GLN CA   C  N S 75  
GLN C    C  N N 76  
GLN O    O  N N 77  
GLN CB   C  N N 78  
GLN CG   C  N N 79  
GLN CD   C  N N 80  
GLN OE1  O  N N 81  
GLN NE2  N  N N 82  
GLN OXT  O  N N 83  
GLN H    H  N N 84  
GLN H2   H  N N 85  
GLN HA   H  N N 86  
GLN HB2  H  N N 87  
GLN HB3  H  N N 88  
GLN HG2  H  N N 89  
GLN HG3  H  N N 90  
GLN HE21 H  N N 91  
GLN HE22 H  N N 92  
GLN HXT  H  N N 93  
GLU N    N  N N 94  
GLU CA   C  N S 95  
GLU C    C  N N 96  
GLU O    O  N N 97  
GLU CB   C  N N 98  
GLU CG   C  N N 99  
GLU CD   C  N N 100 
GLU OE1  O  N N 101 
GLU OE2  O  N N 102 
GLU OXT  O  N N 103 
GLU H    H  N N 104 
GLU H2   H  N N 105 
GLU HA   H  N N 106 
GLU HB2  H  N N 107 
GLU HB3  H  N N 108 
GLU HG2  H  N N 109 
GLU HG3  H  N N 110 
GLU HE2  H  N N 111 
GLU HXT  H  N N 112 
GLY N    N  N N 113 
GLY CA   C  N N 114 
GLY C    C  N N 115 
GLY O    O  N N 116 
GLY OXT  O  N N 117 
GLY H    H  N N 118 
GLY H2   H  N N 119 
GLY HA2  H  N N 120 
GLY HA3  H  N N 121 
GLY HXT  H  N N 122 
HIS N    N  N N 123 
HIS CA   C  N S 124 
HIS C    C  N N 125 
HIS O    O  N N 126 
HIS CB   C  N N 127 
HIS CG   C  Y N 128 
HIS ND1  N  Y N 129 
HIS CD2  C  Y N 130 
HIS CE1  C  Y N 131 
HIS NE2  N  Y N 132 
HIS OXT  O  N N 133 
HIS H    H  N N 134 
HIS H2   H  N N 135 
HIS HA   H  N N 136 
HIS HB2  H  N N 137 
HIS HB3  H  N N 138 
HIS HD1  H  N N 139 
HIS HD2  H  N N 140 
HIS HE1  H  N N 141 
HIS HE2  H  N N 142 
HIS HXT  H  N N 143 
HOH O    O  N N 144 
HOH H1   H  N N 145 
HOH H2   H  N N 146 
ILE N    N  N N 147 
ILE CA   C  N S 148 
ILE C    C  N N 149 
ILE O    O  N N 150 
ILE CB   C  N S 151 
ILE CG1  C  N N 152 
ILE CG2  C  N N 153 
ILE CD1  C  N N 154 
ILE OXT  O  N N 155 
ILE H    H  N N 156 
ILE H2   H  N N 157 
ILE HA   H  N N 158 
ILE HB   H  N N 159 
ILE HG12 H  N N 160 
ILE HG13 H  N N 161 
ILE HG21 H  N N 162 
ILE HG22 H  N N 163 
ILE HG23 H  N N 164 
ILE HD11 H  N N 165 
ILE HD12 H  N N 166 
ILE HD13 H  N N 167 
ILE HXT  H  N N 168 
LEU N    N  N N 169 
LEU CA   C  N S 170 
LEU C    C  N N 171 
LEU O    O  N N 172 
LEU CB   C  N N 173 
LEU CG   C  N N 174 
LEU CD1  C  N N 175 
LEU CD2  C  N N 176 
LEU OXT  O  N N 177 
LEU H    H  N N 178 
LEU H2   H  N N 179 
LEU HA   H  N N 180 
LEU HB2  H  N N 181 
LEU HB3  H  N N 182 
LEU HG   H  N N 183 
LEU HD11 H  N N 184 
LEU HD12 H  N N 185 
LEU HD13 H  N N 186 
LEU HD21 H  N N 187 
LEU HD22 H  N N 188 
LEU HD23 H  N N 189 
LEU HXT  H  N N 190 
LYS N    N  N N 191 
LYS CA   C  N S 192 
LYS C    C  N N 193 
LYS O    O  N N 194 
LYS CB   C  N N 195 
LYS CG   C  N N 196 
LYS CD   C  N N 197 
LYS CE   C  N N 198 
LYS NZ   N  N N 199 
LYS OXT  O  N N 200 
LYS H    H  N N 201 
LYS H2   H  N N 202 
LYS HA   H  N N 203 
LYS HB2  H  N N 204 
LYS HB3  H  N N 205 
LYS HG2  H  N N 206 
LYS HG3  H  N N 207 
LYS HD2  H  N N 208 
LYS HD3  H  N N 209 
LYS HE2  H  N N 210 
LYS HE3  H  N N 211 
LYS HZ1  H  N N 212 
LYS HZ2  H  N N 213 
LYS HZ3  H  N N 214 
LYS HXT  H  N N 215 
MSE N    N  N N 216 
MSE CA   C  N S 217 
MSE C    C  N N 218 
MSE O    O  N N 219 
MSE OXT  O  N N 220 
MSE CB   C  N N 221 
MSE CG   C  N N 222 
MSE SE   SE N N 223 
MSE CE   C  N N 224 
MSE H    H  N N 225 
MSE H2   H  N N 226 
MSE HA   H  N N 227 
MSE HXT  H  N N 228 
MSE HB2  H  N N 229 
MSE HB3  H  N N 230 
MSE HG2  H  N N 231 
MSE HG3  H  N N 232 
MSE HE1  H  N N 233 
MSE HE2  H  N N 234 
MSE HE3  H  N N 235 
PHE N    N  N N 236 
PHE CA   C  N S 237 
PHE C    C  N N 238 
PHE O    O  N N 239 
PHE CB   C  N N 240 
PHE CG   C  Y N 241 
PHE CD1  C  Y N 242 
PHE CD2  C  Y N 243 
PHE CE1  C  Y N 244 
PHE CE2  C  Y N 245 
PHE CZ   C  Y N 246 
PHE OXT  O  N N 247 
PHE H    H  N N 248 
PHE H2   H  N N 249 
PHE HA   H  N N 250 
PHE HB2  H  N N 251 
PHE HB3  H  N N 252 
PHE HD1  H  N N 253 
PHE HD2  H  N N 254 
PHE HE1  H  N N 255 
PHE HE2  H  N N 256 
PHE HZ   H  N N 257 
PHE HXT  H  N N 258 
PRO N    N  N N 259 
PRO CA   C  N S 260 
PRO C    C  N N 261 
PRO O    O  N N 262 
PRO CB   C  N N 263 
PRO CG   C  N N 264 
PRO CD   C  N N 265 
PRO OXT  O  N N 266 
PRO H    H  N N 267 
PRO HA   H  N N 268 
PRO HB2  H  N N 269 
PRO HB3  H  N N 270 
PRO HG2  H  N N 271 
PRO HG3  H  N N 272 
PRO HD2  H  N N 273 
PRO HD3  H  N N 274 
PRO HXT  H  N N 275 
SER N    N  N N 276 
SER CA   C  N S 277 
SER C    C  N N 278 
SER O    O  N N 279 
SER CB   C  N N 280 
SER OG   O  N N 281 
SER OXT  O  N N 282 
SER H    H  N N 283 
SER H2   H  N N 284 
SER HA   H  N N 285 
SER HB2  H  N N 286 
SER HB3  H  N N 287 
SER HG   H  N N 288 
SER HXT  H  N N 289 
THR N    N  N N 290 
THR CA   C  N S 291 
THR C    C  N N 292 
THR O    O  N N 293 
THR CB   C  N R 294 
THR OG1  O  N N 295 
THR CG2  C  N N 296 
THR OXT  O  N N 297 
THR H    H  N N 298 
THR H2   H  N N 299 
THR HA   H  N N 300 
THR HB   H  N N 301 
THR HG1  H  N N 302 
THR HG21 H  N N 303 
THR HG22 H  N N 304 
THR HG23 H  N N 305 
THR HXT  H  N N 306 
TRP N    N  N N 307 
TRP CA   C  N S 308 
TRP C    C  N N 309 
TRP O    O  N N 310 
TRP CB   C  N N 311 
TRP CG   C  Y N 312 
TRP CD1  C  Y N 313 
TRP CD2  C  Y N 314 
TRP NE1  N  Y N 315 
TRP CE2  C  Y N 316 
TRP CE3  C  Y N 317 
TRP CZ2  C  Y N 318 
TRP CZ3  C  Y N 319 
TRP CH2  C  Y N 320 
TRP OXT  O  N N 321 
TRP H    H  N N 322 
TRP H2   H  N N 323 
TRP HA   H  N N 324 
TRP HB2  H  N N 325 
TRP HB3  H  N N 326 
TRP HD1  H  N N 327 
TRP HE1  H  N N 328 
TRP HE3  H  N N 329 
TRP HZ2  H  N N 330 
TRP HZ3  H  N N 331 
TRP HH2  H  N N 332 
TRP HXT  H  N N 333 
TYR N    N  N N 334 
TYR CA   C  N S 335 
TYR C    C  N N 336 
TYR O    O  N N 337 
TYR CB   C  N N 338 
TYR CG   C  Y N 339 
TYR CD1  C  Y N 340 
TYR CD2  C  Y N 341 
TYR CE1  C  Y N 342 
TYR CE2  C  Y N 343 
TYR CZ   C  Y N 344 
TYR OH   O  N N 345 
TYR OXT  O  N N 346 
TYR H    H  N N 347 
TYR H2   H  N N 348 
TYR HA   H  N N 349 
TYR HB2  H  N N 350 
TYR HB3  H  N N 351 
TYR HD1  H  N N 352 
TYR HD2  H  N N 353 
TYR HE1  H  N N 354 
TYR HE2  H  N N 355 
TYR HH   H  N N 356 
TYR HXT  H  N N 357 
VAL N    N  N N 358 
VAL CA   C  N S 359 
VAL C    C  N N 360 
VAL O    O  N N 361 
VAL CB   C  N N 362 
VAL CG1  C  N N 363 
VAL CG2  C  N N 364 
VAL OXT  O  N N 365 
VAL H    H  N N 366 
VAL H2   H  N N 367 
VAL HA   H  N N 368 
VAL HB   H  N N 369 
VAL HG11 H  N N 370 
VAL HG12 H  N N 371 
VAL HG13 H  N N 372 
VAL HG21 H  N N 373 
VAL HG22 H  N N 374 
VAL HG23 H  N N 375 
VAL HXT  H  N N 376 
# 
loop_
_chem_comp_bond.comp_id 
_chem_comp_bond.atom_id_1 
_chem_comp_bond.atom_id_2 
_chem_comp_bond.value_order 
_chem_comp_bond.pdbx_aromatic_flag 
_chem_comp_bond.pdbx_stereo_config 
_chem_comp_bond.pdbx_ordinal 
ALA N   CA   sing N N 1   
ALA N   H    sing N N 2   
ALA N   H2   sing N N 3   
ALA CA  C    sing N N 4   
ALA CA  CB   sing N N 5   
ALA CA  HA   sing N N 6   
ALA C   O    doub N N 7   
ALA C   OXT  sing N N 8   
ALA CB  HB1  sing N N 9   
ALA CB  HB2  sing N N 10  
ALA CB  HB3  sing N N 11  
ALA OXT HXT  sing N N 12  
ARG N   CA   sing N N 13  
ARG N   H    sing N N 14  
ARG N   H2   sing N N 15  
ARG CA  C    sing N N 16  
ARG CA  CB   sing N N 17  
ARG CA  HA   sing N N 18  
ARG C   O    doub N N 19  
ARG C   OXT  sing N N 20  
ARG CB  CG   sing N N 21  
ARG CB  HB2  sing N N 22  
ARG CB  HB3  sing N N 23  
ARG CG  CD   sing N N 24  
ARG CG  HG2  sing N N 25  
ARG CG  HG3  sing N N 26  
ARG CD  NE   sing N N 27  
ARG CD  HD2  sing N N 28  
ARG CD  HD3  sing N N 29  
ARG NE  CZ   sing N N 30  
ARG NE  HE   sing N N 31  
ARG CZ  NH1  sing N N 32  
ARG CZ  NH2  doub N N 33  
ARG NH1 HH11 sing N N 34  
ARG NH1 HH12 sing N N 35  
ARG NH2 HH21 sing N N 36  
ARG NH2 HH22 sing N N 37  
ARG OXT HXT  sing N N 38  
ASN N   CA   sing N N 39  
ASN N   H    sing N N 40  
ASN N   H2   sing N N 41  
ASN CA  C    sing N N 42  
ASN CA  CB   sing N N 43  
ASN CA  HA   sing N N 44  
ASN C   O    doub N N 45  
ASN C   OXT  sing N N 46  
ASN CB  CG   sing N N 47  
ASN CB  HB2  sing N N 48  
ASN CB  HB3  sing N N 49  
ASN CG  OD1  doub N N 50  
ASN CG  ND2  sing N N 51  
ASN ND2 HD21 sing N N 52  
ASN ND2 HD22 sing N N 53  
ASN OXT HXT  sing N N 54  
ASP N   CA   sing N N 55  
ASP N   H    sing N N 56  
ASP N   H2   sing N N 57  
ASP CA  C    sing N N 58  
ASP CA  CB   sing N N 59  
ASP CA  HA   sing N N 60  
ASP C   O    doub N N 61  
ASP C   OXT  sing N N 62  
ASP CB  CG   sing N N 63  
ASP CB  HB2  sing N N 64  
ASP CB  HB3  sing N N 65  
ASP CG  OD1  doub N N 66  
ASP CG  OD2  sing N N 67  
ASP OD2 HD2  sing N N 68  
ASP OXT HXT  sing N N 69  
GLN N   CA   sing N N 70  
GLN N   H    sing N N 71  
GLN N   H2   sing N N 72  
GLN CA  C    sing N N 73  
GLN CA  CB   sing N N 74  
GLN CA  HA   sing N N 75  
GLN C   O    doub N N 76  
GLN C   OXT  sing N N 77  
GLN CB  CG   sing N N 78  
GLN CB  HB2  sing N N 79  
GLN CB  HB3  sing N N 80  
GLN CG  CD   sing N N 81  
GLN CG  HG2  sing N N 82  
GLN CG  HG3  sing N N 83  
GLN CD  OE1  doub N N 84  
GLN CD  NE2  sing N N 85  
GLN NE2 HE21 sing N N 86  
GLN NE2 HE22 sing N N 87  
GLN OXT HXT  sing N N 88  
GLU N   CA   sing N N 89  
GLU N   H    sing N N 90  
GLU N   H2   sing N N 91  
GLU CA  C    sing N N 92  
GLU CA  CB   sing N N 93  
GLU CA  HA   sing N N 94  
GLU C   O    doub N N 95  
GLU C   OXT  sing N N 96  
GLU CB  CG   sing N N 97  
GLU CB  HB2  sing N N 98  
GLU CB  HB3  sing N N 99  
GLU CG  CD   sing N N 100 
GLU CG  HG2  sing N N 101 
GLU CG  HG3  sing N N 102 
GLU CD  OE1  doub N N 103 
GLU CD  OE2  sing N N 104 
GLU OE2 HE2  sing N N 105 
GLU OXT HXT  sing N N 106 
GLY N   CA   sing N N 107 
GLY N   H    sing N N 108 
GLY N   H2   sing N N 109 
GLY CA  C    sing N N 110 
GLY CA  HA2  sing N N 111 
GLY CA  HA3  sing N N 112 
GLY C   O    doub N N 113 
GLY C   OXT  sing N N 114 
GLY OXT HXT  sing N N 115 
HIS N   CA   sing N N 116 
HIS N   H    sing N N 117 
HIS N   H2   sing N N 118 
HIS CA  C    sing N N 119 
HIS CA  CB   sing N N 120 
HIS CA  HA   sing N N 121 
HIS C   O    doub N N 122 
HIS C   OXT  sing N N 123 
HIS CB  CG   sing N N 124 
HIS CB  HB2  sing N N 125 
HIS CB  HB3  sing N N 126 
HIS CG  ND1  sing Y N 127 
HIS CG  CD2  doub Y N 128 
HIS ND1 CE1  doub Y N 129 
HIS ND1 HD1  sing N N 130 
HIS CD2 NE2  sing Y N 131 
HIS CD2 HD2  sing N N 132 
HIS CE1 NE2  sing Y N 133 
HIS CE1 HE1  sing N N 134 
HIS NE2 HE2  sing N N 135 
HIS OXT HXT  sing N N 136 
HOH O   H1   sing N N 137 
HOH O   H2   sing N N 138 
ILE N   CA   sing N N 139 
ILE N   H    sing N N 140 
ILE N   H2   sing N N 141 
ILE CA  C    sing N N 142 
ILE CA  CB   sing N N 143 
ILE CA  HA   sing N N 144 
ILE C   O    doub N N 145 
ILE C   OXT  sing N N 146 
ILE CB  CG1  sing N N 147 
ILE CB  CG2  sing N N 148 
ILE CB  HB   sing N N 149 
ILE CG1 CD1  sing N N 150 
ILE CG1 HG12 sing N N 151 
ILE CG1 HG13 sing N N 152 
ILE CG2 HG21 sing N N 153 
ILE CG2 HG22 sing N N 154 
ILE CG2 HG23 sing N N 155 
ILE CD1 HD11 sing N N 156 
ILE CD1 HD12 sing N N 157 
ILE CD1 HD13 sing N N 158 
ILE OXT HXT  sing N N 159 
LEU N   CA   sing N N 160 
LEU N   H    sing N N 161 
LEU N   H2   sing N N 162 
LEU CA  C    sing N N 163 
LEU CA  CB   sing N N 164 
LEU CA  HA   sing N N 165 
LEU C   O    doub N N 166 
LEU C   OXT  sing N N 167 
LEU CB  CG   sing N N 168 
LEU CB  HB2  sing N N 169 
LEU CB  HB3  sing N N 170 
LEU CG  CD1  sing N N 171 
LEU CG  CD2  sing N N 172 
LEU CG  HG   sing N N 173 
LEU CD1 HD11 sing N N 174 
LEU CD1 HD12 sing N N 175 
LEU CD1 HD13 sing N N 176 
LEU CD2 HD21 sing N N 177 
LEU CD2 HD22 sing N N 178 
LEU CD2 HD23 sing N N 179 
LEU OXT HXT  sing N N 180 
LYS N   CA   sing N N 181 
LYS N   H    sing N N 182 
LYS N   H2   sing N N 183 
LYS CA  C    sing N N 184 
LYS CA  CB   sing N N 185 
LYS CA  HA   sing N N 186 
LYS C   O    doub N N 187 
LYS C   OXT  sing N N 188 
LYS CB  CG   sing N N 189 
LYS CB  HB2  sing N N 190 
LYS CB  HB3  sing N N 191 
LYS CG  CD   sing N N 192 
LYS CG  HG2  sing N N 193 
LYS CG  HG3  sing N N 194 
LYS CD  CE   sing N N 195 
LYS CD  HD2  sing N N 196 
LYS CD  HD3  sing N N 197 
LYS CE  NZ   sing N N 198 
LYS CE  HE2  sing N N 199 
LYS CE  HE3  sing N N 200 
LYS NZ  HZ1  sing N N 201 
LYS NZ  HZ2  sing N N 202 
LYS NZ  HZ3  sing N N 203 
LYS OXT HXT  sing N N 204 
MSE N   CA   sing N N 205 
MSE N   H    sing N N 206 
MSE N   H2   sing N N 207 
MSE CA  C    sing N N 208 
MSE CA  CB   sing N N 209 
MSE CA  HA   sing N N 210 
MSE C   O    doub N N 211 
MSE C   OXT  sing N N 212 
MSE OXT HXT  sing N N 213 
MSE CB  CG   sing N N 214 
MSE CB  HB2  sing N N 215 
MSE CB  HB3  sing N N 216 
MSE CG  SE   sing N N 217 
MSE CG  HG2  sing N N 218 
MSE CG  HG3  sing N N 219 
MSE SE  CE   sing N N 220 
MSE CE  HE1  sing N N 221 
MSE CE  HE2  sing N N 222 
MSE CE  HE3  sing N N 223 
PHE N   CA   sing N N 224 
PHE N   H    sing N N 225 
PHE N   H2   sing N N 226 
PHE CA  C    sing N N 227 
PHE CA  CB   sing N N 228 
PHE CA  HA   sing N N 229 
PHE C   O    doub N N 230 
PHE C   OXT  sing N N 231 
PHE CB  CG   sing N N 232 
PHE CB  HB2  sing N N 233 
PHE CB  HB3  sing N N 234 
PHE CG  CD1  doub Y N 235 
PHE CG  CD2  sing Y N 236 
PHE CD1 CE1  sing Y N 237 
PHE CD1 HD1  sing N N 238 
PHE CD2 CE2  doub Y N 239 
PHE CD2 HD2  sing N N 240 
PHE CE1 CZ   doub Y N 241 
PHE CE1 HE1  sing N N 242 
PHE CE2 CZ   sing Y N 243 
PHE CE2 HE2  sing N N 244 
PHE CZ  HZ   sing N N 245 
PHE OXT HXT  sing N N 246 
PRO N   CA   sing N N 247 
PRO N   CD   sing N N 248 
PRO N   H    sing N N 249 
PRO CA  C    sing N N 250 
PRO CA  CB   sing N N 251 
PRO CA  HA   sing N N 252 
PRO C   O    doub N N 253 
PRO C   OXT  sing N N 254 
PRO CB  CG   sing N N 255 
PRO CB  HB2  sing N N 256 
PRO CB  HB3  sing N N 257 
PRO CG  CD   sing N N 258 
PRO CG  HG2  sing N N 259 
PRO CG  HG3  sing N N 260 
PRO CD  HD2  sing N N 261 
PRO CD  HD3  sing N N 262 
PRO OXT HXT  sing N N 263 
SER N   CA   sing N N 264 
SER N   H    sing N N 265 
SER N   H2   sing N N 266 
SER CA  C    sing N N 267 
SER CA  CB   sing N N 268 
SER CA  HA   sing N N 269 
SER C   O    doub N N 270 
SER C   OXT  sing N N 271 
SER CB  OG   sing N N 272 
SER CB  HB2  sing N N 273 
SER CB  HB3  sing N N 274 
SER OG  HG   sing N N 275 
SER OXT HXT  sing N N 276 
THR N   CA   sing N N 277 
THR N   H    sing N N 278 
THR N   H2   sing N N 279 
THR CA  C    sing N N 280 
THR CA  CB   sing N N 281 
THR CA  HA   sing N N 282 
THR C   O    doub N N 283 
THR C   OXT  sing N N 284 
THR CB  OG1  sing N N 285 
THR CB  CG2  sing N N 286 
THR CB  HB   sing N N 287 
THR OG1 HG1  sing N N 288 
THR CG2 HG21 sing N N 289 
THR CG2 HG22 sing N N 290 
THR CG2 HG23 sing N N 291 
THR OXT HXT  sing N N 292 
TRP N   CA   sing N N 293 
TRP N   H    sing N N 294 
TRP N   H2   sing N N 295 
TRP CA  C    sing N N 296 
TRP CA  CB   sing N N 297 
TRP CA  HA   sing N N 298 
TRP C   O    doub N N 299 
TRP C   OXT  sing N N 300 
TRP CB  CG   sing N N 301 
TRP CB  HB2  sing N N 302 
TRP CB  HB3  sing N N 303 
TRP CG  CD1  doub Y N 304 
TRP CG  CD2  sing Y N 305 
TRP CD1 NE1  sing Y N 306 
TRP CD1 HD1  sing N N 307 
TRP CD2 CE2  doub Y N 308 
TRP CD2 CE3  sing Y N 309 
TRP NE1 CE2  sing Y N 310 
TRP NE1 HE1  sing N N 311 
TRP CE2 CZ2  sing Y N 312 
TRP CE3 CZ3  doub Y N 313 
TRP CE3 HE3  sing N N 314 
TRP CZ2 CH2  doub Y N 315 
TRP CZ2 HZ2  sing N N 316 
TRP CZ3 CH2  sing Y N 317 
TRP CZ3 HZ3  sing N N 318 
TRP CH2 HH2  sing N N 319 
TRP OXT HXT  sing N N 320 
TYR N   CA   sing N N 321 
TYR N   H    sing N N 322 
TYR N   H2   sing N N 323 
TYR CA  C    sing N N 324 
TYR CA  CB   sing N N 325 
TYR CA  HA   sing N N 326 
TYR C   O    doub N N 327 
TYR C   OXT  sing N N 328 
TYR CB  CG   sing N N 329 
TYR CB  HB2  sing N N 330 
TYR CB  HB3  sing N N 331 
TYR CG  CD1  doub Y N 332 
TYR CG  CD2  sing Y N 333 
TYR CD1 CE1  sing Y N 334 
TYR CD1 HD1  sing N N 335 
TYR CD2 CE2  doub Y N 336 
TYR CD2 HD2  sing N N 337 
TYR CE1 CZ   doub Y N 338 
TYR CE1 HE1  sing N N 339 
TYR CE2 CZ   sing Y N 340 
TYR CE2 HE2  sing N N 341 
TYR CZ  OH   sing N N 342 
TYR OH  HH   sing N N 343 
TYR OXT HXT  sing N N 344 
VAL N   CA   sing N N 345 
VAL N   H    sing N N 346 
VAL N   H2   sing N N 347 
VAL CA  C    sing N N 348 
VAL CA  CB   sing N N 349 
VAL CA  HA   sing N N 350 
VAL C   O    doub N N 351 
VAL C   OXT  sing N N 352 
VAL CB  CG1  sing N N 353 
VAL CB  CG2  sing N N 354 
VAL CB  HB   sing N N 355 
VAL CG1 HG11 sing N N 356 
VAL CG1 HG12 sing N N 357 
VAL CG1 HG13 sing N N 358 
VAL CG2 HG21 sing N N 359 
VAL CG2 HG22 sing N N 360 
VAL CG2 HG23 sing N N 361 
VAL OXT HXT  sing N N 362 
# 
_atom_sites.entry_id                    2WBN 
_atom_sites.fract_transf_matrix[1][1]   0.00324725 
_atom_sites.fract_transf_matrix[1][2]   0.01179979 
_atom_sites.fract_transf_matrix[1][3]   0.01109012 
_atom_sites.fract_transf_matrix[2][1]   -0.01234322 
_atom_sites.fract_transf_matrix[2][2]   0.00705769 
_atom_sites.fract_transf_matrix[2][3]   0.00840311 
_atom_sites.fract_transf_matrix[3][1]   0.00121639 
_atom_sites.fract_transf_matrix[3][2]   -0.00956228 
_atom_sites.fract_transf_matrix[3][3]   0.00981801 
_atom_sites.fract_transf_vector[1]      0.444100 
_atom_sites.fract_transf_vector[2]      0.440549 
_atom_sites.fract_transf_vector[3]      0.304128 
# 
loop_
_atom_type.symbol 
C  
N  
O  
SE 
# 
loop_
_atom_site.group_PDB 
_atom_site.id 
_atom_site.type_symbol 
_atom_site.label_atom_id 
_atom_site.label_alt_id 
_atom_site.label_comp_id 
_atom_site.label_asym_id 
_atom_site.label_entity_id 
_atom_site.label_seq_id 
_atom_site.pdbx_PDB_ins_code 
_atom_site.Cartn_x 
_atom_site.Cartn_y 
_atom_site.Cartn_z 
_atom_site.occupancy 
_atom_site.B_iso_or_equiv 
_atom_site.pdbx_formal_charge 
_atom_site.auth_seq_id 
_atom_site.auth_comp_id 
_atom_site.auth_asym_id 
_atom_site.auth_atom_id 
_atom_site.pdbx_PDB_model_num 
ATOM   1    N  N   . VAL A 1 27  ? -6.155  14.777  15.494  1.00  55.12 ? 237  VAL A N   1 
ATOM   2    C  CA  . VAL A 1 27  ? -6.057  13.843  16.659  1.00  54.79 ? 237  VAL A CA  1 
ATOM   3    C  C   . VAL A 1 27  ? -6.148  12.376  16.236  1.00  54.38 ? 237  VAL A C   1 
ATOM   4    O  O   . VAL A 1 27  ? -5.294  11.562  16.585  1.00  54.08 ? 237  VAL A O   1 
ATOM   5    C  CB  . VAL A 1 27  ? -7.167  14.133  17.658  1.00  54.99 ? 237  VAL A CB  1 
ATOM   6    C  CG1 . VAL A 1 27  ? -6.770  13.662  19.045  1.00  55.39 ? 237  VAL A CG1 1 
ATOM   7    C  CG2 . VAL A 1 27  ? -7.469  15.602  17.655  1.00  55.34 ? 237  VAL A CG2 1 
ATOM   8    N  N   . VAL A 1 28  ? -7.201  12.042  15.495  1.00  53.94 ? 238  VAL A N   1 
ATOM   9    C  CA  . VAL A 1 28  ? -7.392  10.704  14.961  1.00  53.25 ? 238  VAL A CA  1 
ATOM   10   C  C   . VAL A 1 28  ? -7.205  10.748  13.449  1.00  52.74 ? 238  VAL A C   1 
ATOM   11   O  O   . VAL A 1 28  ? -7.901  11.496  12.763  1.00  51.70 ? 238  VAL A O   1 
ATOM   12   C  CB  . VAL A 1 28  ? -8.813  10.192  15.241  1.00  53.70 ? 238  VAL A CB  1 
ATOM   13   C  CG1 . VAL A 1 28  ? -9.002  8.824   14.626  1.00  53.46 ? 238  VAL A CG1 1 
ATOM   14   C  CG2 . VAL A 1 28  ? -9.088  10.170  16.742  1.00  54.00 ? 238  VAL A CG2 1 
ATOM   15   N  N   . PRO A 1 29  ? -6.274  9.945   12.917  1.00  51.83 ? 239  PRO A N   1 
ATOM   16   C  CA  . PRO A 1 29  ? -6.112  9.897   11.476  1.00  51.74 ? 239  PRO A CA  1 
ATOM   17   C  C   . PRO A 1 29  ? -7.117  8.967   10.794  1.00  51.13 ? 239  PRO A C   1 
ATOM   18   O  O   . PRO A 1 29  ? -7.695  8.086   11.434  1.00  52.01 ? 239  PRO A O   1 
ATOM   19   C  CB  . PRO A 1 29  ? -4.707  9.326   11.314  1.00  51.68 ? 239  PRO A CB  1 
ATOM   20   C  CG  . PRO A 1 29  ? -4.553  8.427   12.491  1.00  51.86 ? 239  PRO A CG  1 
ATOM   21   C  CD  . PRO A 1 29  ? -5.282  9.103   13.606  1.00  52.21 ? 239  PRO A CD  1 
ATOM   22   N  N   . PHE A 1 30  ? -7.280  9.151   9.488   1.00  50.44 ? 240  PHE A N   1 
ATOM   23   C  CA  . PHE A 1 30  ? -8.067  8.248   8.648   1.00  49.32 ? 240  PHE A CA  1 
ATOM   24   C  C   . PHE A 1 30  ? -9.500  8.057   9.151   1.00  48.81 ? 240  PHE A C   1 
ATOM   25   O  O   . PHE A 1 30  ? -10.058 6.947   9.119   1.00  47.03 ? 240  PHE A O   1 
ATOM   26   C  CB  . PHE A 1 30  ? -7.370  6.889   8.492   1.00  49.79 ? 240  PHE A CB  1 
ATOM   27   C  CG  . PHE A 1 30  ? -6.029  6.954   7.796   1.00  49.47 ? 240  PHE A CG  1 
ATOM   28   C  CD1 . PHE A 1 30  ? -4.888  6.424   8.395   1.00  50.77 ? 240  PHE A CD1 1 
ATOM   29   C  CD2 . PHE A 1 30  ? -5.921  7.512   6.529   1.00  49.76 ? 240  PHE A CD2 1 
ATOM   30   C  CE1 . PHE A 1 30  ? -3.647  6.464   7.741   1.00  50.03 ? 240  PHE A CE1 1 
ATOM   31   C  CE2 . PHE A 1 30  ? -4.706  7.566   5.874   1.00  49.84 ? 240  PHE A CE2 1 
ATOM   32   C  CZ  . PHE A 1 30  ? -3.552  7.037   6.482   1.00  49.24 ? 240  PHE A CZ  1 
ATOM   33   N  N   . GLU A 1 31  ? -10.114 9.154   9.594   1.00  48.00 ? 241  GLU A N   1 
ATOM   34   C  CA  . GLU A 1 31  ? -11.544 9.147   9.889   1.00  47.53 ? 241  GLU A CA  1 
ATOM   35   C  C   . GLU A 1 31  ? -12.311 8.660   8.669   1.00  46.49 ? 241  GLU A C   1 
ATOM   36   O  O   . GLU A 1 31  ? -13.398 8.105   8.808   1.00  47.74 ? 241  GLU A O   1 
ATOM   37   C  CB  . GLU A 1 31  ? -12.022 10.536  10.303  1.00  47.75 ? 241  GLU A CB  1 
ATOM   38   C  CG  . GLU A 1 31  ? -11.471 10.999  11.650  1.00  49.24 ? 241  GLU A CG  1 
ATOM   39   C  CD  . GLU A 1 31  ? -11.924 12.404  12.003  1.00  51.41 ? 241  GLU A CD  1 
ATOM   40   O  OE1 . GLU A 1 31  ? -13.098 12.713  11.751  1.00  51.47 ? 241  GLU A OE1 1 
ATOM   41   O  OE2 . GLU A 1 31  ? -11.103 13.184  12.522  1.00  54.65 ? 241  GLU A OE2 1 
ATOM   42   N  N   . ASN A 1 32  ? -11.720 8.830   7.488   1.00  45.41 ? 242  ASN A N   1 
ATOM   43   C  CA  . ASN A 1 32  ? -12.285 8.346   6.218   1.00  44.63 ? 242  ASN A CA  1 
ATOM   44   C  C   . ASN A 1 32  ? -12.352 6.822   5.983   1.00  44.14 ? 242  ASN A C   1 
ATOM   45   O  O   . ASN A 1 32  ? -12.766 6.388   4.902   1.00  44.25 ? 242  ASN A O   1 
ATOM   46   C  CB  . ASN A 1 32  ? -11.551 8.997   5.044   1.00  43.92 ? 242  ASN A CB  1 
ATOM   47   C  CG  . ASN A 1 32  ? -10.107 8.578   4.945   1.00  43.89 ? 242  ASN A CG  1 
ATOM   48   O  OD1 . ASN A 1 32  ? -9.644  7.778   5.749   1.00  42.59 ? 242  ASN A OD1 1 
ATOM   49   N  ND2 . ASN A 1 32  ? -9.388  9.115   3.953   1.00  39.67 ? 242  ASN A ND2 1 
ATOM   50   N  N   . LEU A 1 33  ? -11.986 6.011   6.964   1.00  44.00 ? 243  LEU A N   1 
ATOM   51   C  CA  . LEU A 1 33  ? -11.941 4.553   6.762   1.00  44.02 ? 243  LEU A CA  1 
ATOM   52   C  C   . LEU A 1 33  ? -13.320 3.929   6.741   1.00  44.13 ? 243  LEU A C   1 
ATOM   53   O  O   . LEU A 1 33  ? -14.145 4.254   7.590   1.00  42.57 ? 243  LEU A O   1 
ATOM   54   C  CB  . LEU A 1 33  ? -11.101 3.859   7.841   1.00  44.75 ? 243  LEU A CB  1 
ATOM   55   C  CG  . LEU A 1 33  ? -9.581  3.982   7.766   1.00  46.66 ? 243  LEU A CG  1 
ATOM   56   C  CD1 . LEU A 1 33  ? -8.955  3.096   8.855   1.00  47.59 ? 243  LEU A CD1 1 
ATOM   57   C  CD2 . LEU A 1 33  ? -9.081  3.570   6.397   1.00  48.23 ? 243  LEU A CD2 1 
ATOM   58   N  N   . GLN A 1 34  ? -13.560 3.087   5.727   1.00  43.88 ? 244  GLN A N   1 
ATOM   59   C  CA  . GLN A 1 34  ? -14.779 2.313   5.600   1.00  45.53 ? 244  GLN A CA  1 
ATOM   60   C  C   . GLN A 1 34  ? -14.354 0.830   5.626   1.00  45.47 ? 244  GLN A C   1 
ATOM   61   O  O   . GLN A 1 34  ? -13.762 0.317   4.679   1.00  46.71 ? 244  GLN A O   1 
ATOM   62   C  CB  . GLN A 1 34  ? -15.521 2.712   4.323   1.00  45.65 ? 244  GLN A CB  1 
ATOM   63   C  CG  . GLN A 1 34  ? -16.953 2.320   4.301   1.00  47.55 ? 244  GLN A CG  1 
ATOM   64   C  CD  . GLN A 1 34  ? -17.886 3.178   5.178   1.00  43.29 ? 244  GLN A CD  1 
ATOM   65   O  OE1 . GLN A 1 34  ? -18.940 2.709   5.557   1.00  53.09 ? 244  GLN A OE1 1 
ATOM   66   N  NE2 . GLN A 1 34  ? -17.521 4.426   5.441   1.00  44.03 ? 244  GLN A NE2 1 
ATOM   67   N  N   . ILE A 1 35  ? -14.576 0.185   6.766   1.00  46.29 ? 245  ILE A N   1 
ATOM   68   C  CA  . ILE A 1 35  ? -14.036 -1.149  7.035   1.00  46.44 ? 245  ILE A CA  1 
ATOM   69   C  C   . ILE A 1 35  ? -15.149 -2.052  7.518   1.00  47.16 ? 245  ILE A C   1 
ATOM   70   O  O   . ILE A 1 35  ? -15.767 -1.810  8.571   1.00  45.66 ? 245  ILE A O   1 
ATOM   71   C  CB  . ILE A 1 35  ? -12.938 -1.169  8.129   1.00  47.08 ? 245  ILE A CB  1 
ATOM   72   C  CG1 . ILE A 1 35  ? -11.819 -0.175  7.836   1.00  47.52 ? 245  ILE A CG1 1 
ATOM   73   C  CG2 . ILE A 1 35  ? -12.371 -2.617  8.270   1.00  47.05 ? 245  ILE A CG2 1 
ATOM   74   C  CD1 . ILE A 1 35  ? -10.682 -0.168  8.877   1.00  48.24 ? 245  ILE A CD1 1 
ATOM   75   N  N   . GLU A 1 36  ? -15.382 -3.122  6.762   1.00  47.50 ? 246  GLU A N   1 
ATOM   76   C  CA  . GLU A 1 36  ? -16.421 -4.069  7.119   1.00  48.22 ? 246  GLU A CA  1 
ATOM   77   C  C   . GLU A 1 36  ? -16.234 -5.323  6.281   1.00  47.20 ? 246  GLU A C   1 
ATOM   78   O  O   . GLU A 1 36  ? -15.950 -5.241  5.084   1.00  46.31 ? 246  GLU A O   1 
ATOM   79   C  CB  . GLU A 1 36  ? -17.779 -3.456  6.863   1.00  49.20 ? 246  GLU A CB  1 
ATOM   80   C  CG  . GLU A 1 36  ? -18.963 -4.317  7.309   1.00  51.96 ? 246  GLU A CG  1 
ATOM   81   C  CD  . GLU A 1 36  ? -20.256 -3.546  7.300   1.00  56.40 ? 246  GLU A CD  1 
ATOM   82   O  OE1 . GLU A 1 36  ? -20.845 -3.372  6.200   1.00  59.50 ? 246  GLU A OE1 1 
ATOM   83   O  OE2 . GLU A 1 36  ? -20.700 -3.145  8.403   1.00  58.54 ? 246  GLU A OE2 1 
ATOM   84   N  N   . GLU A 1 37  ? -16.383 -6.473  6.921   1.00  47.32 ? 247  GLU A N   1 
ATOM   85   C  CA  . GLU A 1 37  ? -16.274 -7.763  6.244   1.00  47.43 ? 247  GLU A CA  1 
ATOM   86   C  C   . GLU A 1 37  ? -17.351 -7.856  5.172   1.00  47.05 ? 247  GLU A C   1 
ATOM   87   O  O   . GLU A 1 37  ? -18.517 -7.559  5.432   1.00  45.98 ? 247  GLU A O   1 
ATOM   88   C  CB  . GLU A 1 37  ? -16.411 -8.938  7.230   1.00  48.51 ? 247  GLU A CB  1 
ATOM   89   C  CG  . GLU A 1 37  ? -15.266 -9.052  8.244   1.00  50.26 ? 247  GLU A CG  1 
ATOM   90   C  CD  . GLU A 1 37  ? -15.292 -10.348 9.052   1.00  53.51 ? 247  GLU A CD  1 
ATOM   91   O  OE1 . GLU A 1 37  ? -16.364 -10.958 9.165   1.00  56.89 ? 247  GLU A OE1 1 
ATOM   92   O  OE2 . GLU A 1 37  ? -14.229 -10.761 9.560   1.00  57.72 ? 247  GLU A OE2 1 
ATOM   93   N  N   . GLY A 1 38  ? -16.936 -8.255  3.969   1.00  46.72 ? 248  GLY A N   1 
ATOM   94   C  CA  . GLY A 1 38  ? -17.815 -8.315  2.817   1.00  46.90 ? 248  GLY A CA  1 
ATOM   95   C  C   . GLY A 1 38  ? -18.125 -7.017  2.098   1.00  46.58 ? 248  GLY A C   1 
ATOM   96   O  O   . GLY A 1 38  ? -18.878 -7.035  1.150   1.00  45.52 ? 248  GLY A O   1 
ATOM   97   N  N   . ILE A 1 39  ? -17.549 -5.892  2.521   1.00  46.13 ? 249  ILE A N   1 
ATOM   98   C  CA  . ILE A 1 39  ? -17.892 -4.590  1.943   1.00  46.30 ? 249  ILE A CA  1 
ATOM   99   C  C   . ILE A 1 39  ? -17.480 -4.463  0.462   1.00  46.81 ? 249  ILE A C   1 
ATOM   100  O  O   . ILE A 1 39  ? -18.024 -3.629  -0.258  1.00  45.72 ? 249  ILE A O   1 
ATOM   101  C  CB  . ILE A 1 39  ? -17.267 -3.434  2.789   1.00  47.03 ? 249  ILE A CB  1 
ATOM   102  C  CG1 . ILE A 1 39  ? -18.003 -2.113  2.572   1.00  47.91 ? 249  ILE A CG1 1 
ATOM   103  C  CG2 . ILE A 1 39  ? -15.746 -3.311  2.516   1.00  44.92 ? 249  ILE A CG2 1 
ATOM   104  C  CD1 . ILE A 1 39  ? -17.549 -1.027  3.561   1.00  49.56 ? 249  ILE A CD1 1 
ATOM   105  N  N   . ILE A 1 40  ? -16.525 -5.278  0.009   1.00  46.30 ? 250  ILE A N   1 
ATOM   106  C  CA  . ILE A 1 40  ? -16.174 -5.333  -1.419  1.00  47.19 ? 250  ILE A CA  1 
ATOM   107  C  C   . ILE A 1 40  ? -16.583 -6.701  -1.972  1.00  47.38 ? 250  ILE A C   1 
ATOM   108  O  O   . ILE A 1 40  ? -16.102 -7.722  -1.488  1.00  47.37 ? 250  ILE A O   1 
ATOM   109  C  CB  . ILE A 1 40  ? -14.663 -5.095  -1.656  1.00  47.02 ? 250  ILE A CB  1 
ATOM   110  C  CG1 . ILE A 1 40  ? -14.273 -3.676  -1.213  1.00  47.73 ? 250  ILE A CG1 1 
ATOM   111  C  CG2 . ILE A 1 40  ? -14.317 -5.301  -3.128  1.00  47.44 ? 250  ILE A CG2 1 
ATOM   112  C  CD1 . ILE A 1 40  ? -12.793 -3.461  -0.972  1.00  45.00 ? 250  ILE A CD1 1 
ATOM   113  N  N   . THR A 1 41  ? -17.485 -6.719  -2.960  1.00  48.12 ? 251  THR A N   1 
ATOM   114  C  CA  . THR A 1 41  ? -17.972 -7.981  -3.546  1.00  48.10 ? 251  THR A CA  1 
ATOM   115  C  C   . THR A 1 41  ? -17.055 -8.492  -4.661  1.00  49.07 ? 251  THR A C   1 
ATOM   116  O  O   . THR A 1 41  ? -16.247 -7.753  -5.246  1.00  48.87 ? 251  THR A O   1 
ATOM   117  C  CB  . THR A 1 41  ? -19.408 -7.860  -4.135  1.00  48.21 ? 251  THR A CB  1 
ATOM   118  O  OG1 . THR A 1 41  ? -19.408 -6.897  -5.192  1.00  46.89 ? 251  THR A OG1 1 
ATOM   119  C  CG2 . THR A 1 41  ? -20.445 -7.463  -3.064  1.00  47.23 ? 251  THR A CG2 1 
ATOM   120  N  N   . ASP A 1 42  ? -17.185 -9.777  -4.946  1.00  49.97 ? 252  ASP A N   1 
ATOM   121  C  CA  . ASP A 1 42  ? -16.478 -10.392 -6.066  1.00  50.88 ? 252  ASP A CA  1 
ATOM   122  C  C   . ASP A 1 42  ? -16.786 -9.674  -7.390  1.00  50.96 ? 252  ASP A C   1 
ATOM   123  O  O   . ASP A 1 42  ? -15.891 -9.456  -8.213  1.00  51.26 ? 252  ASP A O   1 
ATOM   124  C  CB  . ASP A 1 42  ? -16.880 -11.863 -6.166  1.00  51.35 ? 252  ASP A CB  1 
ATOM   125  C  CG  . ASP A 1 42  ? -16.076 -12.764 -5.239  1.00  52.46 ? 252  ASP A CG  1 
ATOM   126  O  OD1 . ASP A 1 42  ? -15.255 -12.272 -4.422  1.00  53.32 ? 252  ASP A OD1 1 
ATOM   127  O  OD2 . ASP A 1 42  ? -16.286 -13.994 -5.332  1.00  55.65 ? 252  ASP A OD2 1 
ATOM   128  N  N   . ALA A 1 43  ? -18.043 -9.282  -7.560  1.00  51.38 ? 253  ALA A N   1 
ATOM   129  C  CA  . ALA A 1 43  ? -18.502 -8.589  -8.761  1.00  51.64 ? 253  ALA A CA  1 
ATOM   130  C  C   . ALA A 1 43  ? -17.813 -7.246  -8.912  1.00  51.84 ? 253  ALA A C   1 
ATOM   131  O  O   . ALA A 1 43  ? -17.435 -6.864  -10.017 1.00  51.62 ? 253  ALA A O   1 
ATOM   132  C  CB  . ALA A 1 43  ? -20.012 -8.411  -8.722  1.00  52.02 ? 253  ALA A CB  1 
ATOM   133  N  N   . GLU A 1 44  ? -17.641 -6.540  -7.799  1.00  51.99 ? 254  GLU A N   1 
ATOM   134  C  CA  . GLU A 1 44  ? -16.942 -5.265  -7.796  1.00  52.57 ? 254  GLU A CA  1 
ATOM   135  C  C   . GLU A 1 44  ? -15.480 -5.412  -8.196  1.00  52.28 ? 254  GLU A C   1 
ATOM   136  O  O   . GLU A 1 44  ? -14.980 -4.637  -9.003  1.00  52.18 ? 254  GLU A O   1 
ATOM   137  C  CB  . GLU A 1 44  ? -16.991 -4.624  -6.414  1.00  53.01 ? 254  GLU A CB  1 
ATOM   138  C  CG  . GLU A 1 44  ? -18.339 -4.100  -5.994  1.00  55.56 ? 254  GLU A CG  1 
ATOM   139  C  CD  . GLU A 1 44  ? -18.242 -3.467  -4.633  1.00  58.90 ? 254  GLU A CD  1 
ATOM   140  O  OE1 . GLU A 1 44  ? -17.823 -2.290  -4.559  1.00  62.29 ? 254  GLU A OE1 1 
ATOM   141  O  OE2 . GLU A 1 44  ? -18.521 -4.165  -3.637  1.00  59.76 ? 254  GLU A OE2 1 
ATOM   142  N  N   . VAL A 1 45  ? -14.798 -6.390  -7.606  1.00  52.24 ? 255  VAL A N   1 
ATOM   143  C  CA  . VAL A 1 45  ? -13.401 -6.662  -7.929  1.00  52.04 ? 255  VAL A CA  1 
ATOM   144  C  C   . VAL A 1 45  ? -13.301 -6.981  -9.412  1.00  52.33 ? 255  VAL A C   1 
ATOM   145  O  O   . VAL A 1 45  ? -12.348 -6.601  -10.065 1.00  52.82 ? 255  VAL A O   1 
ATOM   146  C  CB  . VAL A 1 45  ? -12.823 -7.830  -7.087  1.00  51.92 ? 255  VAL A CB  1 
ATOM   147  C  CG1 . VAL A 1 45  ? -11.449 -8.254  -7.607  1.00  51.53 ? 255  VAL A CG1 1 
ATOM   148  C  CG2 . VAL A 1 45  ? -12.747 -7.436  -5.600  1.00  51.34 ? 255  VAL A CG2 1 
ATOM   149  N  N   . ALA A 1 46  ? -14.308 -7.657  -9.948  1.00  53.17 ? 256  ALA A N   1 
ATOM   150  C  CA  . ALA A 1 46  ? -14.340 -7.951  -11.374 1.00  53.27 ? 256  ALA A CA  1 
ATOM   151  C  C   . ALA A 1 46  ? -14.341 -6.681  -12.254 1.00  53.81 ? 256  ALA A C   1 
ATOM   152  O  O   . ALA A 1 46  ? -13.723 -6.688  -13.308 1.00  53.99 ? 256  ALA A O   1 
ATOM   153  C  CB  . ALA A 1 46  ? -15.521 -8.828  -11.692 1.00  53.53 ? 256  ALA A CB  1 
ATOM   154  N  N   . ARG A 1 47  ? -14.999 -5.601  -11.813 1.00  54.33 ? 257  ARG A N   1 
ATOM   155  C  CA  . ARG A 1 47  ? -15.109 -4.351  -12.600 1.00  54.73 ? 257  ARG A CA  1 
ATOM   156  C  C   . ARG A 1 47  ? -13.972 -3.358  -12.403 1.00  54.69 ? 257  ARG A C   1 
ATOM   157  O  O   . ARG A 1 47  ? -13.700 -2.561  -13.299 1.00  54.19 ? 257  ARG A O   1 
ATOM   158  C  CB  . ARG A 1 47  ? -16.394 -3.584  -12.270 1.00  54.98 ? 257  ARG A CB  1 
ATOM   159  C  CG  . ARG A 1 47  ? -17.674 -4.356  -12.419 1.00  56.52 ? 257  ARG A CG  1 
ATOM   160  C  CD  . ARG A 1 47  ? -18.893 -3.437  -12.298 1.00  58.76 ? 257  ARG A CD  1 
ATOM   161  N  NE  . ARG A 1 47  ? -19.822 -3.943  -11.281 1.00  60.27 ? 257  ARG A NE  1 
ATOM   162  C  CZ  . ARG A 1 47  ? -19.964 -3.459  -10.048 1.00  60.70 ? 257  ARG A CZ  1 
ATOM   163  N  NH1 . ARG A 1 47  ? -19.276 -2.397  -9.641  1.00  61.04 ? 257  ARG A NH1 1 
ATOM   164  N  NH2 . ARG A 1 47  ? -20.832 -4.031  -9.214  1.00  61.81 ? 257  ARG A NH2 1 
ATOM   165  N  N   . PHE A 1 48  ? -13.354 -3.348  -11.225 1.00  54.90 ? 258  PHE A N   1 
ATOM   166  C  CA  . PHE A 1 48  ? -12.319 -2.358  -10.936 1.00  55.09 ? 258  PHE A CA  1 
ATOM   167  C  C   . PHE A 1 48  ? -11.273 -2.366  -12.032 1.00  55.14 ? 258  PHE A C   1 
ATOM   168  O  O   . PHE A 1 48  ? -10.732 -3.424  -12.378 1.00  55.71 ? 258  PHE A O   1 
ATOM   169  C  CB  . PHE A 1 48  ? -11.617 -2.633  -9.601  1.00  55.80 ? 258  PHE A CB  1 
ATOM   170  C  CG  . PHE A 1 48  ? -12.492 -2.455  -8.378  1.00  56.33 ? 258  PHE A CG  1 
ATOM   171  C  CD1 . PHE A 1 48  ? -13.533 -1.540  -8.353  1.00  57.62 ? 258  PHE A CD1 1 
ATOM   172  C  CD2 . PHE A 1 48  ? -12.229 -3.188  -7.225  1.00  58.18 ? 258  PHE A CD2 1 
ATOM   173  C  CE1 . PHE A 1 48  ? -14.324 -1.382  -7.209  1.00  58.42 ? 258  PHE A CE1 1 
ATOM   174  C  CE2 . PHE A 1 48  ? -13.021 -3.035  -6.082  1.00  57.05 ? 258  PHE A CE2 1 
ATOM   175  C  CZ  . PHE A 1 48  ? -14.065 -2.124  -6.080  1.00  57.38 ? 258  PHE A CZ  1 
ATOM   176  N  N   . ASP A 1 49  ? -10.977 -1.191  -12.574 1.00  54.64 ? 259  ASP A N   1 
ATOM   177  C  CA  . ASP A 1 49  ? -10.040 -1.101  -13.693 1.00  54.74 ? 259  ASP A CA  1 
ATOM   178  C  C   . ASP A 1 49  ? -9.158  0.155   -13.653 1.00  53.59 ? 259  ASP A C   1 
ATOM   179  O  O   . ASP A 1 49  ? -8.703  0.635   -14.684 1.00  54.01 ? 259  ASP A O   1 
ATOM   180  C  CB  . ASP A 1 49  ? -10.812 -1.204  -15.017 1.00  55.03 ? 259  ASP A CB  1 
ATOM   181  C  CG  . ASP A 1 49  ? -10.155 -2.169  -16.005 1.00  57.04 ? 259  ASP A CG  1 
ATOM   182  O  OD1 . ASP A 1 49  ? -9.020  -2.647  -15.734 1.00  60.13 ? 259  ASP A OD1 1 
ATOM   183  O  OD2 . ASP A 1 49  ? -10.781 -2.455  -17.044 1.00  57.90 ? 259  ASP A OD2 1 
ATOM   184  N  N   . ASN A 1 50  ? -8.914  0.671   -12.454 1.00  51.92 ? 260  ASN A N   1 
ATOM   185  C  CA  . ASN A 1 50  ? -7.976  1.761   -12.258 1.00  50.72 ? 260  ASN A CA  1 
ATOM   186  C  C   . ASN A 1 50  ? -7.063  1.324   -11.112 1.00  50.20 ? 260  ASN A C   1 
ATOM   187  O  O   . ASN A 1 50  ? -7.093  1.867   -10.005 1.00  49.61 ? 260  ASN A O   1 
ATOM   188  C  CB  . ASN A 1 50  ? -8.710  3.067   -11.961 1.00  50.47 ? 260  ASN A CB  1 
ATOM   189  C  CG  . ASN A 1 50  ? -7.822  4.286   -12.102 1.00  50.15 ? 260  ASN A CG  1 
ATOM   190  O  OD1 . ASN A 1 50  ? -6.799  4.247   -12.778 1.00  47.82 ? 260  ASN A OD1 1 
ATOM   191  N  ND2 . ASN A 1 50  ? -8.216  5.383   -11.472 1.00  50.51 ? 260  ASN A ND2 1 
ATOM   192  N  N   . ILE A 1 51  ? -6.266  0.304   -11.412 1.00  49.52 ? 261  ILE A N   1 
ATOM   193  C  CA  . ILE A 1 51  ? -5.456  -0.383  -10.419 1.00  49.04 ? 261  ILE A CA  1 
ATOM   194  C  C   . ILE A 1 51  ? -4.203  0.387   -10.076 1.00  48.46 ? 261  ILE A C   1 
ATOM   195  O  O   . ILE A 1 51  ? -3.552  0.977   -10.942 1.00  47.80 ? 261  ILE A O   1 
ATOM   196  C  CB  . ILE A 1 51  ? -5.076  -1.800  -10.903 1.00  49.20 ? 261  ILE A CB  1 
ATOM   197  C  CG1 . ILE A 1 51  ? -6.328  -2.687  -10.970 1.00  50.08 ? 261  ILE A CG1 1 
ATOM   198  C  CG2 . ILE A 1 51  ? -4.016  -2.430  -9.995  1.00  48.23 ? 261  ILE A CG2 1 
ATOM   199  C  CD1 . ILE A 1 51  ? -6.928  -2.778  -12.326 1.00  50.81 ? 261  ILE A CD1 1 
ATOM   200  N  N   . ARG A 1 52  ? -3.862  0.358   -8.798  1.00  48.21 ? 262  ARG A N   1 
ATOM   201  C  CA  . ARG A 1 52  ? -2.591  0.864   -8.302  1.00  47.48 ? 262  ARG A CA  1 
ATOM   202  C  C   . ARG A 1 52  ? -1.971  -0.171  -7.403  1.00  47.34 ? 262  ARG A C   1 
ATOM   203  O  O   . ARG A 1 52  ? -2.641  -0.715  -6.517  1.00  46.89 ? 262  ARG A O   1 
ATOM   204  C  CB  . ARG A 1 52  ? -2.803  2.146   -7.512  1.00  47.60 ? 262  ARG A CB  1 
ATOM   205  C  CG  . ARG A 1 52  ? -3.388  3.266   -8.319  1.00  47.95 ? 262  ARG A CG  1 
ATOM   206  C  CD  . ARG A 1 52  ? -2.430  3.800   -9.348  1.00  47.80 ? 262  ARG A CD  1 
ATOM   207  N  NE  . ARG A 1 52  ? -2.961  5.027   -9.931  1.00  48.32 ? 262  ARG A NE  1 
ATOM   208  C  CZ  . ARG A 1 52  ? -3.862  5.085   -10.912 1.00  49.54 ? 262  ARG A CZ  1 
ATOM   209  N  NH1 . ARG A 1 52  ? -4.269  6.274   -11.338 1.00  49.77 ? 262  ARG A NH1 1 
ATOM   210  N  NH2 . ARG A 1 52  ? -4.367  3.984   -11.473 1.00  49.61 ? 262  ARG A NH2 1 
ATOM   211  N  N   . GLN A 1 53  ? -0.682  -0.442  -7.612  1.00  47.00 ? 263  GLN A N   1 
ATOM   212  C  CA  . GLN A 1 53  ? 0.030   -1.429  -6.803  1.00  46.04 ? 263  GLN A CA  1 
ATOM   213  C  C   . GLN A 1 53  ? 1.313   -0.848  -6.231  1.00  46.08 ? 263  GLN A C   1 
ATOM   214  O  O   . GLN A 1 53  ? 2.030   -0.084  -6.907  1.00  45.60 ? 263  GLN A O   1 
ATOM   215  C  CB  . GLN A 1 53  ? 0.323   -2.697  -7.605  1.00  46.14 ? 263  GLN A CB  1 
ATOM   216  C  CG  . GLN A 1 53  ? -0.923  -3.348  -8.198  1.00  47.63 ? 263  GLN A CG  1 
ATOM   217  C  CD  . GLN A 1 53  ? -0.626  -4.622  -8.958  1.00  46.86 ? 263  GLN A CD  1 
ATOM   218  O  OE1 . GLN A 1 53  ? 0.157   -4.642  -9.922  1.00  49.03 ? 263  GLN A OE1 1 
ATOM   219  N  NE2 . GLN A 1 53  ? -1.259  -5.685  -8.549  1.00  43.01 ? 263  GLN A NE2 1 
ATOM   220  N  N   . GLY A 1 54  ? 1.579   -1.196  -4.976  1.00  45.63 ? 264  GLY A N   1 
ATOM   221  C  CA  . GLY A 1 54  ? 2.784   -0.764  -4.274  1.00  45.40 ? 264  GLY A CA  1 
ATOM   222  C  C   . GLY A 1 54  ? 3.492   -1.912  -3.581  1.00  45.19 ? 264  GLY A C   1 
ATOM   223  O  O   . GLY A 1 54  ? 2.894   -2.950  -3.297  1.00  45.04 ? 264  GLY A O   1 
ATOM   224  N  N   . LEU A 1 55  ? 4.779   -1.729  -3.327  1.00  44.91 ? 265  LEU A N   1 
ATOM   225  C  CA  . LEU A 1 55  ? 5.579   -2.783  -2.719  1.00  44.55 ? 265  LEU A CA  1 
ATOM   226  C  C   . LEU A 1 55  ? 6.636   -2.168  -1.836  1.00  44.47 ? 265  LEU A C   1 
ATOM   227  O  O   . LEU A 1 55  ? 7.406   -1.322  -2.285  1.00  44.81 ? 265  LEU A O   1 
ATOM   228  C  CB  . LEU A 1 55  ? 6.225   -3.656  -3.798  1.00  44.78 ? 265  LEU A CB  1 
ATOM   229  C  CG  . LEU A 1 55  ? 7.200   -4.725  -3.299  1.00  43.59 ? 265  LEU A CG  1 
ATOM   230  C  CD1 . LEU A 1 55  ? 6.529   -5.725  -2.381  1.00  44.92 ? 265  LEU A CD1 1 
ATOM   231  C  CD2 . LEU A 1 55  ? 7.833   -5.426  -4.483  1.00  44.28 ? 265  LEU A CD2 1 
ATOM   232  N  N   . ASP A 1 56  ? 6.644   -2.581  -0.575  1.00  44.47 ? 266  ASP A N   1 
ATOM   233  C  CA  . ASP A 1 56  ? 7.709   -2.300  0.332   1.00  45.19 ? 266  ASP A CA  1 
ATOM   234  C  C   . ASP A 1 56  ? 8.449   -3.610  0.604   1.00  45.01 ? 266  ASP A C   1 
ATOM   235  O  O   . ASP A 1 56  ? 7.817   -4.619  0.872   1.00  45.12 ? 266  ASP A O   1 
ATOM   236  C  CB  . ASP A 1 56  ? 7.186   -1.701  1.632   1.00  45.59 ? 266  ASP A CB  1 
ATOM   237  C  CG  . ASP A 1 56  ? 8.320   -1.210  2.521   1.00  46.49 ? 266  ASP A CG  1 
ATOM   238  O  OD1 . ASP A 1 56  ? 9.021   -2.056  3.128   1.00  47.75 ? 266  ASP A OD1 1 
ATOM   239  O  OD2 . ASP A 1 56  ? 8.554   0.018   2.569   1.00  50.77 ? 266  ASP A OD2 1 
ATOM   240  N  N   . PHE A 1 57  ? 9.777   -3.584  0.534   1.00  45.48 ? 267  PHE A N   1 
ATOM   241  C  CA  . PHE A 1 57  ? 10.577  -4.808  0.599   1.00  45.50 ? 267  PHE A CA  1 
ATOM   242  C  C   . PHE A 1 57  ? 10.829  -5.362  1.993   1.00  46.72 ? 267  PHE A C   1 
ATOM   243  O  O   . PHE A 1 57  ? 11.272  -6.511  2.135   1.00  46.37 ? 267  PHE A O   1 
ATOM   244  C  CB  . PHE A 1 57  ? 11.910  -4.608  -0.123  1.00  45.59 ? 267  PHE A CB  1 
ATOM   245  C  CG  . PHE A 1 57  ? 11.774  -4.528  -1.613  1.00  42.58 ? 267  PHE A CG  1 
ATOM   246  C  CD1 . PHE A 1 57  ? 11.942  -3.326  -2.272  1.00  41.69 ? 267  PHE A CD1 1 
ATOM   247  C  CD2 . PHE A 1 57  ? 11.434  -5.658  -2.353  1.00  43.35 ? 267  PHE A CD2 1 
ATOM   248  C  CE1 . PHE A 1 57  ? 11.794  -3.244  -3.662  1.00  42.38 ? 267  PHE A CE1 1 
ATOM   249  C  CE2 . PHE A 1 57  ? 11.282  -5.589  -3.731  1.00  42.43 ? 267  PHE A CE2 1 
ATOM   250  C  CZ  . PHE A 1 57  ? 11.454  -4.375  -4.385  1.00  42.22 ? 267  PHE A CZ  1 
ATOM   251  N  N   . GLY A 1 58  ? 10.562  -4.569  3.020   1.00  47.00 ? 268  GLY A N   1 
ATOM   252  C  CA  . GLY A 1 58  ? 10.901  -4.994  4.369   1.00  48.58 ? 268  GLY A CA  1 
ATOM   253  C  C   . GLY A 1 58  ? 12.386  -4.764  4.594   1.00  49.92 ? 268  GLY A C   1 
ATOM   254  O  O   . GLY A 1 58  ? 13.147  -4.566  3.657   1.00  52.13 ? 268  GLY A O   1 
ATOM   255  N  N   . TYR A 1 59  ? 12.774  -4.791  5.843   1.00  50.81 ? 269  TYR A N   1 
ATOM   256  C  CA  . TYR A 1 59  ? 14.113  -4.492  6.265   1.00  50.79 ? 269  TYR A CA  1 
ATOM   257  C  C   . TYR A 1 59  ? 14.168  -4.845  7.746   1.00  51.37 ? 269  TYR A C   1 
ATOM   258  O  O   . TYR A 1 59  ? 13.276  -4.472  8.519   1.00  51.84 ? 269  TYR A O   1 
ATOM   259  C  CB  . TYR A 1 59  ? 14.435  -3.015  6.036   1.00  50.95 ? 269  TYR A CB  1 
ATOM   260  C  CG  . TYR A 1 59  ? 15.816  -2.604  6.505   1.00  50.71 ? 269  TYR A CG  1 
ATOM   261  C  CD1 . TYR A 1 59  ? 16.945  -3.235  6.026   1.00  50.05 ? 269  TYR A CD1 1 
ATOM   262  C  CD2 . TYR A 1 59  ? 15.986  -1.584  7.437   1.00  51.65 ? 269  TYR A CD2 1 
ATOM   263  C  CE1 . TYR A 1 59  ? 18.208  -2.873  6.471   1.00  49.30 ? 269  TYR A CE1 1 
ATOM   264  C  CE2 . TYR A 1 59  ? 17.260  -1.208  7.881   1.00  50.16 ? 269  TYR A CE2 1 
ATOM   265  C  CZ  . TYR A 1 59  ? 18.359  -1.846  7.394   1.00  48.79 ? 269  TYR A CZ  1 
ATOM   266  O  OH  . TYR A 1 59  ? 19.621  -1.475  7.837   1.00  49.08 ? 269  TYR A OH  1 
ATOM   267  N  N   . GLY A 1 60  ? 15.199  -5.588  8.138   1.00  52.70 ? 270  GLY A N   1 
ATOM   268  C  CA  . GLY A 1 60  ? 15.307  -6.101  9.499   1.00  53.23 ? 270  GLY A CA  1 
ATOM   269  C  C   . GLY A 1 60  ? 14.111  -7.003  9.730   1.00  53.81 ? 270  GLY A C   1 
ATOM   270  O  O   . GLY A 1 60  ? 13.792  -7.830  8.869   1.00  54.43 ? 270  GLY A O   1 
ATOM   271  N  N   . PRO A 1 61  ? 13.414  -6.827  10.868  1.00  54.04 ? 271  PRO A N   1 
ATOM   272  C  CA  . PRO A 1 61  ? 12.252  -7.660  11.153  1.00  54.17 ? 271  PRO A CA  1 
ATOM   273  C  C   . PRO A 1 61  ? 10.987  -7.259  10.400  1.00  53.59 ? 271  PRO A C   1 
ATOM   274  O  O   . PRO A 1 61  ? 10.007  -8.003  10.432  1.00  54.40 ? 271  PRO A O   1 
ATOM   275  C  CB  . PRO A 1 61  ? 12.037  -7.434  12.652  1.00  54.25 ? 271  PRO A CB  1 
ATOM   276  C  CG  . PRO A 1 61  ? 12.451  -5.996  12.851  1.00  54.88 ? 271  PRO A CG  1 
ATOM   277  C  CD  . PRO A 1 61  ? 13.595  -5.770  11.889  1.00  54.05 ? 271  PRO A CD  1 
ATOM   278  N  N   . ASP A 1 62  ? 11.008  -6.099  9.737   1.00  52.13 ? 272  ASP A N   1 
ATOM   279  C  CA  . ASP A 1 62  ? 9.840   -5.577  9.030   1.00  49.94 ? 272  ASP A CA  1 
ATOM   280  C  C   . ASP A 1 62  ? 9.517   -6.401  7.787   1.00  48.13 ? 272  ASP A C   1 
ATOM   281  O  O   . ASP A 1 62  ? 10.444  -6.876  7.094   1.00  47.28 ? 272  ASP A O   1 
ATOM   282  C  CB  . ASP A 1 62  ? 10.063  -4.120  8.675   1.00  50.13 ? 272  ASP A CB  1 
ATOM   283  C  CG  . ASP A 1 62  ? 10.136  -3.253  9.901   1.00  51.49 ? 272  ASP A CG  1 
ATOM   284  O  OD1 . ASP A 1 62  ? 9.968   -3.800  11.026  1.00  54.52 ? 272  ASP A OD1 1 
ATOM   285  O  OD2 . ASP A 1 62  ? 10.338  -2.052  9.752   1.00  51.19 ? 272  ASP A OD2 1 
ATOM   286  N  N   . PRO A 1 63  ? 8.214   -6.638  7.540   1.00  46.65 ? 273  PRO A N   1 
ATOM   287  C  CA  . PRO A 1 63  ? 7.828   -7.509  6.442   1.00  46.10 ? 273  PRO A CA  1 
ATOM   288  C  C   . PRO A 1 63  ? 7.835   -6.834  5.082   1.00  45.30 ? 273  PRO A C   1 
ATOM   289  O  O   . PRO A 1 63  ? 7.622   -5.624  4.969   1.00  46.08 ? 273  PRO A O   1 
ATOM   290  C  CB  . PRO A 1 63  ? 6.389   -7.892  6.787   1.00  45.52 ? 273  PRO A CB  1 
ATOM   291  C  CG  . PRO A 1 63  ? 5.854   -6.673  7.478   1.00  47.20 ? 273  PRO A CG  1 
ATOM   292  C  CD  . PRO A 1 63  ? 7.041   -6.067  8.221   1.00  46.61 ? 273  PRO A CD  1 
ATOM   293  N  N   . LEU A 1 64  ? 8.000   -7.647  4.053   1.00  44.54 ? 274  LEU A N   1 
ATOM   294  C  CA  . LEU A 1 64  ? 7.653   -7.225  2.710   1.00  43.95 ? 274  LEU A CA  1 
ATOM   295  C  C   . LEU A 1 64  ? 6.128   -7.044  2.700   1.00  43.43 ? 274  LEU A C   1 
ATOM   296  O  O   . LEU A 1 64  ? 5.404   -7.838  3.308   1.00  43.30 ? 274  LEU A O   1 
ATOM   297  C  CB  . LEU A 1 64  ? 8.100   -8.277  1.691   1.00  43.97 ? 274  LEU A CB  1 
ATOM   298  C  CG  . LEU A 1 64  ? 7.613   -8.112  0.234   1.00  43.29 ? 274  LEU A CG  1 
ATOM   299  C  CD1 . LEU A 1 64  ? 8.701   -8.709  -0.693  1.00  43.13 ? 274  LEU A CD1 1 
ATOM   300  C  CD2 . LEU A 1 64  ? 6.264   -8.796  -0.011  1.00  42.13 ? 274  LEU A CD2 1 
ATOM   301  N  N   . ALA A 1 65  ? 5.652   -5.986  2.062   1.00  43.83 ? 275  ALA A N   1 
ATOM   302  C  CA  . ALA A 1 65  ? 4.208   -5.715  1.945   1.00  45.03 ? 275  ALA A CA  1 
ATOM   303  C  C   . ALA A 1 65  ? 3.871   -5.278  0.522   1.00  44.96 ? 275  ALA A C   1 
ATOM   304  O  O   . ALA A 1 65  ? 4.340   -4.223  0.052   1.00  45.65 ? 275  ALA A O   1 
ATOM   305  C  CB  . ALA A 1 65  ? 3.787   -4.662  2.946   1.00  45.52 ? 275  ALA A CB  1 
ATOM   306  N  N   . PHE A 1 66  ? 3.141   -6.151  -0.180  1.00  45.28 ? 276  PHE A N   1 
ATOM   307  C  CA  . PHE A 1 66  ? 2.578   -5.864  -1.496  1.00  45.88 ? 276  PHE A CA  1 
ATOM   308  C  C   . PHE A 1 66  ? 1.106   -5.473  -1.338  1.00  46.10 ? 276  PHE A C   1 
ATOM   309  O  O   . PHE A 1 66  ? 0.353   -6.172  -0.652  1.00  46.18 ? 276  PHE A O   1 
ATOM   310  C  CB  . PHE A 1 66  ? 2.668   -7.100  -2.394  1.00  46.25 ? 276  PHE A CB  1 
ATOM   311  C  CG  . PHE A 1 66  ? 1.911   -6.971  -3.685  1.00  46.17 ? 276  PHE A CG  1 
ATOM   312  C  CD1 . PHE A 1 66  ? 2.460   -6.280  -4.760  1.00  47.79 ? 276  PHE A CD1 1 
ATOM   313  C  CD2 . PHE A 1 66  ? 0.651   -7.522  -3.822  1.00  48.15 ? 276  PHE A CD2 1 
ATOM   314  C  CE1 . PHE A 1 66  ? 1.768   -6.152  -5.948  1.00  48.87 ? 276  PHE A CE1 1 
ATOM   315  C  CE2 . PHE A 1 66  ? -0.059  -7.391  -5.011  1.00  49.54 ? 276  PHE A CE2 1 
ATOM   316  C  CZ  . PHE A 1 66  ? 0.497   -6.702  -6.070  1.00  49.18 ? 276  PHE A CZ  1 
ATOM   317  N  N   . VAL A 1 67  ? 0.699   -4.373  -1.966  1.00  45.54 ? 277  VAL A N   1 
ATOM   318  C  CA  . VAL A 1 67  ? -0.720  -3.960  -1.944  1.00  44.74 ? 277  VAL A CA  1 
ATOM   319  C  C   . VAL A 1 67  ? -1.219  -3.710  -3.369  1.00  44.96 ? 277  VAL A C   1 
ATOM   320  O  O   . VAL A 1 67  ? -0.461  -3.244  -4.226  1.00  44.21 ? 277  VAL A O   1 
ATOM   321  C  CB  . VAL A 1 67  ? -0.952  -2.716  -1.041  1.00  44.48 ? 277  VAL A CB  1 
ATOM   322  C  CG1 . VAL A 1 67  ? -0.456  -2.993  0.390   1.00  43.38 ? 277  VAL A CG1 1 
ATOM   323  C  CG2 . VAL A 1 67  ? -0.289  -1.418  -1.639  1.00  42.67 ? 277  VAL A CG2 1 
ATOM   324  N  N   . ARG A 1 68  ? -2.496  -4.039  -3.601  1.00  44.62 ? 278  ARG A N   1 
ATOM   325  C  CA  . ARG A 1 68  ? -3.206  -3.736  -4.832  1.00  44.96 ? 278  ARG A CA  1 
ATOM   326  C  C   . ARG A 1 68  ? -4.535  -3.055  -4.478  1.00  45.28 ? 278  ARG A C   1 
ATOM   327  O  O   . ARG A 1 68  ? -5.310  -3.594  -3.689  1.00  45.08 ? 278  ARG A O   1 
ATOM   328  C  CB  . ARG A 1 68  ? -3.458  -5.013  -5.618  1.00  45.10 ? 278  ARG A CB  1 
ATOM   329  C  CG  . ARG A 1 68  ? -4.289  -4.868  -6.903  1.00  45.94 ? 278  ARG A CG  1 
ATOM   330  C  CD  . ARG A 1 68  ? -4.629  -6.266  -7.451  1.00  46.00 ? 278  ARG A CD  1 
ATOM   331  N  NE  . ARG A 1 68  ? -5.413  -6.259  -8.700  1.00  47.75 ? 278  ARG A NE  1 
ATOM   332  C  CZ  . ARG A 1 68  ? -4.916  -6.203  -9.939  1.00  48.40 ? 278  ARG A CZ  1 
ATOM   333  N  NH1 . ARG A 1 68  ? -3.613  -6.120  -10.152 1.00  49.73 ? 278  ARG A NH1 1 
ATOM   334  N  NH2 . ARG A 1 68  ? -5.742  -6.210  -10.990 1.00  48.69 ? 278  ARG A NH2 1 
ATOM   335  N  N   . TRP A 1 69  ? -4.753  -1.879  -5.063  1.00  44.87 ? 279  TRP A N   1 
ATOM   336  C  CA  . TRP A 1 69  ? -5.936  -1.044  -4.830  1.00  44.52 ? 279  TRP A CA  1 
ATOM   337  C  C   . TRP A 1 69  ? -6.593  -0.646  -6.147  1.00  44.66 ? 279  TRP A C   1 
ATOM   338  O  O   . TRP A 1 69  ? -5.945  -0.637  -7.196  1.00  45.74 ? 279  TRP A O   1 
ATOM   339  C  CB  . TRP A 1 69  ? -5.506  0.258   -4.183  1.00  43.99 ? 279  TRP A CB  1 
ATOM   340  C  CG  . TRP A 1 69  ? -4.909  0.170   -2.854  1.00  43.73 ? 279  TRP A CG  1 
ATOM   341  C  CD1 . TRP A 1 69  ? -3.593  -0.089  -2.550  1.00  42.88 ? 279  TRP A CD1 1 
ATOM   342  C  CD2 . TRP A 1 69  ? -5.565  0.427   -1.619  1.00  43.15 ? 279  TRP A CD2 1 
ATOM   343  N  NE1 . TRP A 1 69  ? -3.416  -0.057  -1.186  1.00  44.14 ? 279  TRP A NE1 1 
ATOM   344  C  CE2 . TRP A 1 69  ? -4.610  0.271   -0.594  1.00  43.81 ? 279  TRP A CE2 1 
ATOM   345  C  CE3 . TRP A 1 69  ? -6.880  0.732   -1.269  1.00  43.25 ? 279  TRP A CE3 1 
ATOM   346  C  CZ2 . TRP A 1 69  ? -4.935  0.422   0.751   1.00  42.38 ? 279  TRP A CZ2 1 
ATOM   347  C  CZ3 . TRP A 1 69  ? -7.200  0.882   0.061   1.00  42.35 ? 279  TRP A CZ3 1 
ATOM   348  C  CH2 . TRP A 1 69  ? -6.247  0.731   1.055   1.00  43.68 ? 279  TRP A CH2 1 
ATOM   349  N  N   . HIS A 1 70  ? -7.862  -0.259  -6.070  1.00  44.77 ? 280  HIS A N   1 
ATOM   350  C  CA  . HIS A 1 70  ? -8.556  0.422   -7.152  1.00  44.50 ? 280  HIS A CA  1 
ATOM   351  C  C   . HIS A 1 70  ? -8.827  1.863   -6.741  1.00  44.74 ? 280  HIS A C   1 
ATOM   352  O  O   . HIS A 1 70  ? -9.192  2.140   -5.590  1.00  43.64 ? 280  HIS A O   1 
ATOM   353  C  CB  . HIS A 1 70  ? -9.887  -0.249  -7.473  1.00  44.08 ? 280  HIS A CB  1 
ATOM   354  C  CG  . HIS A 1 70  ? -10.753 0.562   -8.397  1.00  44.98 ? 280  HIS A CG  1 
ATOM   355  N  ND1 . HIS A 1 70  ? -10.424 0.791   -9.714  1.00  45.03 ? 280  HIS A ND1 1 
ATOM   356  C  CD2 . HIS A 1 70  ? -11.921 1.214   -8.184  1.00  45.46 ? 280  HIS A CD2 1 
ATOM   357  C  CE1 . HIS A 1 70  ? -11.353 1.545   -10.276 1.00  45.07 ? 280  HIS A CE1 1 
ATOM   358  N  NE2 . HIS A 1 70  ? -12.278 1.811   -9.370  1.00  44.07 ? 280  HIS A NE2 1 
ATOM   359  N  N   . TYR A 1 71  ? -8.708  2.759   -7.716  1.00  44.94 ? 281  TYR A N   1 
ATOM   360  C  CA  . TYR A 1 71  ? -8.822  4.190   -7.498  1.00  45.47 ? 281  TYR A CA  1 
ATOM   361  C  C   . TYR A 1 71  ? -10.002 4.769   -8.262  1.00  45.50 ? 281  TYR A C   1 
ATOM   362  O  O   . TYR A 1 71  ? -9.992  4.802   -9.491  1.00  45.87 ? 281  TYR A O   1 
ATOM   363  C  CB  . TYR A 1 71  ? -7.536  4.860   -7.978  1.00  45.43 ? 281  TYR A CB  1 
ATOM   364  C  CG  . TYR A 1 71  ? -7.459  6.348   -7.731  1.00  46.81 ? 281  TYR A CG  1 
ATOM   365  C  CD1 . TYR A 1 71  ? -8.104  6.943   -6.646  1.00  45.91 ? 281  TYR A CD1 1 
ATOM   366  C  CD2 . TYR A 1 71  ? -6.719  7.162   -8.575  1.00  47.05 ? 281  TYR A CD2 1 
ATOM   367  C  CE1 . TYR A 1 71  ? -8.007  8.295   -6.417  1.00  46.82 ? 281  TYR A CE1 1 
ATOM   368  C  CE2 . TYR A 1 71  ? -6.615  8.506   -8.349  1.00  47.25 ? 281  TYR A CE2 1 
ATOM   369  C  CZ  . TYR A 1 71  ? -7.256  9.073   -7.270  1.00  47.43 ? 281  TYR A CZ  1 
ATOM   370  O  OH  . TYR A 1 71  ? -7.160  10.430  -7.056  1.00  49.05 ? 281  TYR A OH  1 
ATOM   371  N  N   . ASP A 1 72  ? -11.030 5.209   -7.534  1.00  45.84 ? 282  ASP A N   1 
ATOM   372  C  CA  . ASP A 1 72  ? -12.138 5.957   -8.124  1.00  46.03 ? 282  ASP A CA  1 
ATOM   373  C  C   . ASP A 1 72  ? -11.811 7.439   -7.936  1.00  46.39 ? 282  ASP A C   1 
ATOM   374  O  O   . ASP A 1 72  ? -12.061 8.021   -6.877  1.00  46.11 ? 282  ASP A O   1 
ATOM   375  C  CB  . ASP A 1 72  ? -13.466 5.585   -7.441  1.00  46.09 ? 282  ASP A CB  1 
ATOM   376  C  CG  . ASP A 1 72  ? -14.686 6.187   -8.130  1.00  46.24 ? 282  ASP A CG  1 
ATOM   377  O  OD1 . ASP A 1 72  ? -14.592 7.265   -8.749  1.00  44.60 ? 282  ASP A OD1 1 
ATOM   378  O  OD2 . ASP A 1 72  ? -15.764 5.575   -8.038  1.00  44.95 ? 282  ASP A OD2 1 
ATOM   379  N  N   . LYS A 1 73  ? -11.223 8.035   -8.967  1.00  47.06 ? 283  LYS A N   1 
ATOM   380  C  CA  . LYS A 1 73  ? -10.771 9.425   -8.904  1.00  47.70 ? 283  LYS A CA  1 
ATOM   381  C  C   . LYS A 1 73  ? -11.912 10.425  -8.710  1.00  47.90 ? 283  LYS A C   1 
ATOM   382  O  O   . LYS A 1 73  ? -11.782 11.359  -7.912  1.00  48.50 ? 283  LYS A O   1 
ATOM   383  C  CB  . LYS A 1 73  ? -9.963  9.767   -10.159 1.00  48.19 ? 283  LYS A CB  1 
ATOM   384  C  CG  . LYS A 1 73  ? -9.385  11.174  -10.158 1.00  50.20 ? 283  LYS A CG  1 
ATOM   385  C  CD  . LYS A 1 73  ? -8.435  11.424  -11.325 1.00  51.93 ? 283  LYS A CD  1 
ATOM   386  C  CE  . LYS A 1 73  ? -8.000  12.889  -11.343 1.00  53.50 ? 283  LYS A CE  1 
ATOM   387  N  NZ  . LYS A 1 73  ? -7.425  13.340  -12.648 1.00  54.85 ? 283  LYS A NZ  1 
ATOM   388  N  N   . ARG A 1 74  ? -13.023 10.226  -9.420  1.00  47.23 ? 284  ARG A N   1 
ATOM   389  C  CA  . ARG A 1 74  ? -14.157 11.150  -9.348  1.00  47.65 ? 284  ARG A CA  1 
ATOM   390  C  C   . ARG A 1 74  ? -14.778 11.217  -7.942  1.00  47.10 ? 284  ARG A C   1 
ATOM   391  O  O   . ARG A 1 74  ? -15.164 12.290  -7.488  1.00  47.16 ? 284  ARG A O   1 
ATOM   392  C  CB  . ARG A 1 74  ? -15.246 10.761  -10.357 1.00  47.70 ? 284  ARG A CB  1 
ATOM   393  C  CG  . ARG A 1 74  ? -14.810 10.693  -11.816 1.00  49.31 ? 284  ARG A CG  1 
ATOM   394  C  CD  . ARG A 1 74  ? -16.010 10.274  -12.665 1.00  52.07 ? 284  ARG A CD  1 
ATOM   395  N  NE  . ARG A 1 74  ? -15.731 10.082  -14.090 1.00  54.56 ? 284  ARG A NE  1 
ATOM   396  C  CZ  . ARG A 1 74  ? -16.645 9.713   -14.995 1.00  57.37 ? 284  ARG A CZ  1 
ATOM   397  N  NH1 . ARG A 1 74  ? -17.912 9.495   -14.630 1.00  58.67 ? 284  ARG A NH1 1 
ATOM   398  N  NH2 . ARG A 1 74  ? -16.304 9.565   -16.276 1.00  57.64 ? 284  ARG A NH2 1 
ATOM   399  N  N   . LYS A 1 75  ? -14.880 10.074  -7.265  1.00  46.60 ? 285  LYS A N   1 
ATOM   400  C  CA  . LYS A 1 75  ? -15.445 10.023  -5.915  1.00  46.41 ? 285  LYS A CA  1 
ATOM   401  C  C   . LYS A 1 75  ? -14.395 10.208  -4.822  1.00  46.33 ? 285  LYS A C   1 
ATOM   402  O  O   . LYS A 1 75  ? -14.740 10.255  -3.635  1.00  46.61 ? 285  LYS A O   1 
ATOM   403  C  CB  . LYS A 1 75  ? -16.166 8.693   -5.671  1.00  46.28 ? 285  LYS A CB  1 
ATOM   404  C  CG  . LYS A 1 75  ? -17.204 8.332   -6.716  1.00  46.53 ? 285  LYS A CG  1 
ATOM   405  C  CD  . LYS A 1 75  ? -18.133 7.231   -6.209  1.00  47.78 ? 285  LYS A CD  1 
ATOM   406  C  CE  . LYS A 1 75  ? -19.383 7.116   -7.059  1.00  48.82 ? 285  LYS A CE  1 
ATOM   407  N  NZ  . LYS A 1 75  ? -20.316 6.112   -6.482  1.00  50.62 ? 285  LYS A NZ  1 
ATOM   408  N  N   . ASN A 1 76  ? -13.123 10.278  -5.211  1.00  46.33 ? 286  ASN A N   1 
ATOM   409  C  CA  . ASN A 1 76  ? -12.023 10.369  -4.250  1.00  46.49 ? 286  ASN A CA  1 
ATOM   410  C  C   . ASN A 1 76  ? -12.011 9.207   -3.270  1.00  45.66 ? 286  ASN A C   1 
ATOM   411  O  O   . ASN A 1 76  ? -11.911 9.398   -2.055  1.00  44.74 ? 286  ASN A O   1 
ATOM   412  C  CB  . ASN A 1 76  ? -12.073 11.702  -3.497  1.00  46.97 ? 286  ASN A CB  1 
ATOM   413  C  CG  . ASN A 1 76  ? -11.043 12.659  -3.980  1.00  49.67 ? 286  ASN A CG  1 
ATOM   414  O  OD1 . ASN A 1 76  ? -11.228 13.329  -5.008  1.00  52.23 ? 286  ASN A OD1 1 
ATOM   415  N  ND2 . ASN A 1 76  ? -9.934  12.740  -3.254  1.00  51.08 ? 286  ASN A ND2 1 
ATOM   416  N  N   . ARG A 1 77  ? -12.110 8.003   -3.815  1.00  45.54 ? 287  ARG A N   1 
ATOM   417  C  CA  . ARG A 1 77  ? -12.081 6.791   -3.007  1.00  46.07 ? 287  ARG A CA  1 
ATOM   418  C  C   . ARG A 1 77  ? -11.061 5.812   -3.502  1.00  45.63 ? 287  ARG A C   1 
ATOM   419  O  O   . ARG A 1 77  ? -10.788 5.727   -4.705  1.00  45.76 ? 287  ARG A O   1 
ATOM   420  C  CB  . ARG A 1 77  ? -13.405 6.052   -3.054  1.00  46.09 ? 287  ARG A CB  1 
ATOM   421  C  CG  . ARG A 1 77  ? -14.551 6.775   -2.479  1.00  48.96 ? 287  ARG A CG  1 
ATOM   422  C  CD  . ARG A 1 77  ? -15.732 5.825   -2.484  1.00  51.90 ? 287  ARG A CD  1 
ATOM   423  N  NE  . ARG A 1 77  ? -16.969 6.512   -2.211  1.00  54.04 ? 287  ARG A NE  1 
ATOM   424  C  CZ  . ARG A 1 77  ? -18.175 5.996   -2.430  1.00  55.55 ? 287  ARG A CZ  1 
ATOM   425  N  NH1 . ARG A 1 77  ? -18.325 4.767   -2.937  1.00  55.27 ? 287  ARG A NH1 1 
ATOM   426  N  NH2 . ARG A 1 77  ? -19.233 6.722   -2.150  1.00  57.09 ? 287  ARG A NH2 1 
ATOM   427  N  N   . ILE A 1 78  ? -10.542 5.031   -2.570  1.00  45.59 ? 288  ILE A N   1 
ATOM   428  C  CA  . ILE A 1 78  ? -9.696  3.904   -2.918  1.00  45.10 ? 288  ILE A CA  1 
ATOM   429  C  C   . ILE A 1 78  ? -10.269 2.648   -2.281  1.00  44.90 ? 288  ILE A C   1 
ATOM   430  O  O   . ILE A 1 78  ? -10.885 2.715   -1.220  1.00  45.12 ? 288  ILE A O   1 
ATOM   431  C  CB  . ILE A 1 78  ? -8.225  4.132   -2.533  1.00  45.56 ? 288  ILE A CB  1 
ATOM   432  C  CG1 . ILE A 1 78  ? -8.015  4.247   -1.020  1.00  45.03 ? 288  ILE A CG1 1 
ATOM   433  C  CG2 . ILE A 1 78  ? -7.657  5.359   -3.276  1.00  45.80 ? 288  ILE A CG2 1 
ATOM   434  C  CD1 . ILE A 1 78  ? -6.508  4.287   -0.630  1.00  44.61 ? 288  ILE A CD1 1 
ATOM   435  N  N   . TYR A 1 79  ? -10.090 1.519   -2.954  1.00  44.15 ? 289  TYR A N   1 
ATOM   436  C  CA  . TYR A 1 79  ? -10.638 0.243   -2.535  1.00  44.76 ? 289  TYR A CA  1 
ATOM   437  C  C   . TYR A 1 79  ? -9.513  -0.779  -2.505  1.00  44.85 ? 289  TYR A C   1 
ATOM   438  O  O   . TYR A 1 79  ? -8.878  -0.979  -3.529  1.00  45.39 ? 289  TYR A O   1 
ATOM   439  C  CB  . TYR A 1 79  ? -11.651 -0.253  -3.562  1.00  44.67 ? 289  TYR A CB  1 
ATOM   440  C  CG  . TYR A 1 79  ? -12.894 0.566   -3.748  1.00  46.22 ? 289  TYR A CG  1 
ATOM   441  C  CD1 . TYR A 1 79  ? -12.909 1.655   -4.613  1.00  45.38 ? 289  TYR A CD1 1 
ATOM   442  C  CD2 . TYR A 1 79  ? -14.077 0.218   -3.097  1.00  44.65 ? 289  TYR A CD2 1 
ATOM   443  C  CE1 . TYR A 1 79  ? -14.060 2.377   -4.808  1.00  48.07 ? 289  TYR A CE1 1 
ATOM   444  C  CE2 . TYR A 1 79  ? -15.231 0.939   -3.291  1.00  48.29 ? 289  TYR A CE2 1 
ATOM   445  C  CZ  . TYR A 1 79  ? -15.211 2.017   -4.139  1.00  46.86 ? 289  TYR A CZ  1 
ATOM   446  O  OH  . TYR A 1 79  ? -16.346 2.721   -4.330  1.00  47.50 ? 289  TYR A OH  1 
ATOM   447  N  N   . ALA A 1 80  ? -9.282  -1.419  -1.352  1.00  44.97 ? 290  ALA A N   1 
ATOM   448  C  CA  . ALA A 1 80  ? -8.248  -2.452  -1.218  1.00  45.06 ? 290  ALA A CA  1 
ATOM   449  C  C   . ALA A 1 80  ? -8.708  -3.751  -1.852  1.00  44.98 ? 290  ALA A C   1 
ATOM   450  O  O   . ALA A 1 80  ? -9.782  -4.270  -1.524  1.00  45.89 ? 290  ALA A O   1 
ATOM   451  C  CB  . ALA A 1 80  ? -7.864  -2.658  0.258   1.00  44.20 ? 290  ALA A CB  1 
ATOM   452  N  N   . ILE A 1 81  ? -7.899  -4.271  -2.776  1.00  45.48 ? 291  ILE A N   1 
ATOM   453  C  CA  . ILE A 1 81  ? -8.253  -5.473  -3.533  1.00  45.88 ? 291  ILE A CA  1 
ATOM   454  C  C   . ILE A 1 81  ? -7.523  -6.688  -2.982  1.00  45.35 ? 291  ILE A C   1 
ATOM   455  O  O   . ILE A 1 81  ? -8.128  -7.733  -2.734  1.00  44.81 ? 291  ILE A O   1 
ATOM   456  C  CB  . ILE A 1 81  ? -7.919  -5.315  -5.043  1.00  46.17 ? 291  ILE A CB  1 
ATOM   457  C  CG1 . ILE A 1 81  ? -8.714  -4.151  -5.646  1.00  47.89 ? 291  ILE A CG1 1 
ATOM   458  C  CG2 . ILE A 1 81  ? -8.199  -6.621  -5.786  1.00  47.08 ? 291  ILE A CG2 1 
ATOM   459  C  CD1 . ILE A 1 81  ? -8.432  -3.874  -7.144  1.00  48.29 ? 291  ILE A CD1 1 
ATOM   460  N  N   . ASP A 1 82  ? -6.212  -6.551  -2.797  1.00  45.08 ? 292  ASP A N   1 
ATOM   461  C  CA  . ASP A 1 82  ? -5.421  -7.659  -2.334  1.00  45.03 ? 292  ASP A CA  1 
ATOM   462  C  C   . ASP A 1 82  ? -4.121  -7.168  -1.689  1.00  45.27 ? 292  ASP A C   1 
ATOM   463  O  O   . ASP A 1 82  ? -3.796  -5.984  -1.737  1.00  45.19 ? 292  ASP A O   1 
ATOM   464  C  CB  . ASP A 1 82  ? -5.146  -8.596  -3.508  1.00  45.15 ? 292  ASP A CB  1 
ATOM   465  C  CG  . ASP A 1 82  ? -5.023  -10.055 -3.100  1.00  45.59 ? 292  ASP A CG  1 
ATOM   466  O  OD1 . ASP A 1 82  ? -4.945  -10.360 -1.890  1.00  47.96 ? 292  ASP A OD1 1 
ATOM   467  O  OD2 . ASP A 1 82  ? -4.998  -10.912 -4.010  1.00  47.19 ? 292  ASP A OD2 1 
ATOM   468  N  N   . GLU A 1 83  ? -3.414  -8.100  -1.054  1.00  45.48 ? 293  GLU A N   1 
ATOM   469  C  CA  . GLU A 1 83  ? -2.178  -7.812  -0.351  1.00  45.79 ? 293  GLU A CA  1 
ATOM   470  C  C   . GLU A 1 83  ? -1.359  -9.100  -0.195  1.00  45.62 ? 293  GLU A C   1 
ATOM   471  O  O   . GLU A 1 83  ? -1.895  -10.213 -0.285  1.00  45.90 ? 293  GLU A O   1 
ATOM   472  C  CB  . GLU A 1 83  ? -2.482  -7.235  1.039   1.00  45.77 ? 293  GLU A CB  1 
ATOM   473  C  CG  . GLU A 1 83  ? -3.040  -8.282  2.001   1.00  47.72 ? 293  GLU A CG  1 
ATOM   474  C  CD  . GLU A 1 83  ? -3.489  -7.758  3.348   1.00  48.42 ? 293  GLU A CD  1 
ATOM   475  O  OE1 . GLU A 1 83  ? -3.625  -6.531  3.521   1.00  51.28 ? 293  GLU A OE1 1 
ATOM   476  O  OE2 . GLU A 1 83  ? -3.715  -8.598  4.257   1.00  47.61 ? 293  GLU A OE2 1 
ATOM   477  N  N   . LEU A 1 84  ? -0.064  -8.931  0.053   1.00  45.16 ? 294  LEU A N   1 
ATOM   478  C  CA  . LEU A 1 84  ? 0.792   -9.995  0.542   1.00  44.92 ? 294  LEU A CA  1 
ATOM   479  C  C   . LEU A 1 84  ? 1.731   -9.365  1.554   1.00  44.79 ? 294  LEU A C   1 
ATOM   480  O  O   . LEU A 1 84  ? 2.485   -8.445  1.222   1.00  45.85 ? 294  LEU A O   1 
ATOM   481  C  CB  . LEU A 1 84  ? 1.596   -10.655 -0.590  1.00  45.68 ? 294  LEU A CB  1 
ATOM   482  C  CG  . LEU A 1 84  ? 2.518   -11.820 -0.213  1.00  45.61 ? 294  LEU A CG  1 
ATOM   483  C  CD1 . LEU A 1 84  ? 1.741   -13.080 0.237   1.00  47.92 ? 294  LEU A CD1 1 
ATOM   484  C  CD2 . LEU A 1 84  ? 3.444   -12.154 -1.382  1.00  48.20 ? 294  LEU A CD2 1 
ATOM   485  N  N   . VAL A 1 85  ? 1.685   -9.862  2.782   1.00  44.37 ? 295  VAL A N   1 
ATOM   486  C  CA  . VAL A 1 85  ? 2.576   -9.435  3.854   1.00  44.61 ? 295  VAL A CA  1 
ATOM   487  C  C   . VAL A 1 85  ? 3.383   -10.646 4.317   1.00  45.01 ? 295  VAL A C   1 
ATOM   488  O  O   . VAL A 1 85  ? 2.818   -11.659 4.753   1.00  45.99 ? 295  VAL A O   1 
ATOM   489  C  CB  . VAL A 1 85  ? 1.793   -8.795  5.013   1.00  44.80 ? 295  VAL A CB  1 
ATOM   490  C  CG1 . VAL A 1 85  ? 2.753   -8.332  6.136   1.00  44.36 ? 295  VAL A CG1 1 
ATOM   491  C  CG2 . VAL A 1 85  ? 0.939   -7.606  4.493   1.00  46.43 ? 295  VAL A CG2 1 
ATOM   492  N  N   . ASP A 1 86  ? 4.704   -10.535 4.244   1.00  45.43 ? 296  ASP A N   1 
ATOM   493  C  CA  . ASP A 1 86  ? 5.600   -11.643 4.539   1.00  45.78 ? 296  ASP A CA  1 
ATOM   494  C  C   . ASP A 1 86  ? 6.815   -11.157 5.311   1.00  44.89 ? 296  ASP A C   1 
ATOM   495  O  O   . ASP A 1 86  ? 7.630   -10.383 4.778   1.00  43.36 ? 296  ASP A O   1 
ATOM   496  C  CB  . ASP A 1 86  ? 6.023   -12.229 3.193   1.00  46.99 ? 296  ASP A CB  1 
ATOM   497  C  CG  . ASP A 1 86  ? 6.676   -13.557 3.302   1.00  52.00 ? 296  ASP A CG  1 
ATOM   498  O  OD1 . ASP A 1 86  ? 6.905   -14.039 4.436   1.00  56.17 ? 296  ASP A OD1 1 
ATOM   499  O  OD2 . ASP A 1 86  ? 6.971   -14.130 2.204   1.00  58.92 ? 296  ASP A OD2 1 
ATOM   500  N  N   . HIS A 1 87  ? 6.936   -11.622 6.556   1.00  44.24 ? 297  HIS A N   1 
ATOM   501  C  CA  . HIS A 1 87  ? 8.087   -11.332 7.389   1.00  44.68 ? 297  HIS A CA  1 
ATOM   502  C  C   . HIS A 1 87  ? 9.331   -12.101 6.969   1.00  45.00 ? 297  HIS A C   1 
ATOM   503  O  O   . HIS A 1 87  ? 10.424  -11.695 7.284   1.00  45.42 ? 297  HIS A O   1 
ATOM   504  C  CB  . HIS A 1 87  ? 7.780   -11.598 8.867   1.00  44.09 ? 297  HIS A CB  1 
ATOM   505  C  CG  . HIS A 1 87  ? 6.867   -10.576 9.465   1.00  45.21 ? 297  HIS A CG  1 
ATOM   506  N  ND1 . HIS A 1 87  ? 5.495   -10.672 9.383   1.00  46.31 ? 297  HIS A ND1 1 
ATOM   507  C  CD2 . HIS A 1 87  ? 7.128   -9.406  10.100  1.00  46.66 ? 297  HIS A CD2 1 
ATOM   508  C  CE1 . HIS A 1 87  ? 4.948   -9.607  9.940   1.00  48.69 ? 297  HIS A CE1 1 
ATOM   509  N  NE2 . HIS A 1 87  ? 5.913   -8.825  10.389  1.00  44.89 ? 297  HIS A NE2 1 
ATOM   510  N  N   . LYS A 1 88  ? 9.138   -13.212 6.272   1.00  46.45 ? 298  LYS A N   1 
ATOM   511  C  CA  . LYS A 1 88  ? 10.232  -14.065 5.778   1.00  47.12 ? 298  LYS A CA  1 
ATOM   512  C  C   . LYS A 1 88  ? 10.335  -13.763 4.296   1.00  48.72 ? 298  LYS A C   1 
ATOM   513  O  O   . LYS A 1 88  ? 9.717   -14.428 3.441   1.00  50.44 ? 298  LYS A O   1 
ATOM   514  C  CB  . LYS A 1 88  ? 9.902   -15.525 6.071   1.00  47.31 ? 298  LYS A CB  1 
ATOM   515  C  CG  . LYS A 1 88  ? 9.849   -15.740 7.588   1.00  46.77 ? 298  LYS A CG  1 
ATOM   516  C  CD  . LYS A 1 88  ? 9.664   -17.138 7.991   1.00  47.86 ? 298  LYS A CD  1 
ATOM   517  C  CE  . LYS A 1 88  ? 9.179   -17.199 9.416   1.00  46.64 ? 298  LYS A CE  1 
ATOM   518  N  NZ  . LYS A 1 88  ? 10.276  -17.038 10.421  1.00  40.62 ? 298  LYS A NZ  1 
ATOM   519  N  N   . VAL A 1 89  ? 11.078  -12.712 3.995   1.00  48.67 ? 299  VAL A N   1 
ATOM   520  C  CA  . VAL A 1 89  ? 10.981  -12.064 2.692   1.00  48.60 ? 299  VAL A CA  1 
ATOM   521  C  C   . VAL A 1 89  ? 11.559  -12.957 1.577   1.00  48.56 ? 299  VAL A C   1 
ATOM   522  O  O   . VAL A 1 89  ? 12.722  -13.404 1.641   1.00  47.92 ? 299  VAL A O   1 
ATOM   523  C  CB  . VAL A 1 89  ? 11.706  -10.712 2.711   1.00  49.22 ? 299  VAL A CB  1 
ATOM   524  C  CG1 . VAL A 1 89  ? 11.662  -10.042 1.323   1.00  48.32 ? 299  VAL A CG1 1 
ATOM   525  C  CG2 . VAL A 1 89  ? 11.135  -9.808  3.800   1.00  49.33 ? 299  VAL A CG2 1 
ATOM   526  N  N   . SER A 1 90  ? 10.725  -13.237 0.581   1.00  48.10 ? 300  SER A N   1 
ATOM   527  C  CA  . SER A 1 90  ? 11.138  -13.991 -0.591  1.00  48.04 ? 300  SER A CA  1 
ATOM   528  C  C   . SER A 1 90  ? 10.633  -13.256 -1.817  1.00  47.34 ? 300  SER A C   1 
ATOM   529  O  O   . SER A 1 90  ? 9.419   -13.035 -1.977  1.00  47.38 ? 300  SER A O   1 
ATOM   530  C  CB  . SER A 1 90  ? 10.580  -15.414 -0.563  1.00  48.27 ? 300  SER A CB  1 
ATOM   531  O  OG  . SER A 1 90  ? 10.810  -16.056 -1.812  1.00  49.71 ? 300  SER A OG  1 
ATOM   532  N  N   . LEU A 1 91  ? 11.571  -12.835 -2.659  1.00  46.56 ? 301  LEU A N   1 
ATOM   533  C  CA  . LEU A 1 91  ? 11.216  -12.274 -3.952  1.00  46.62 ? 301  LEU A CA  1 
ATOM   534  C  C   . LEU A 1 91  ? 10.622  -13.360 -4.860  1.00  46.82 ? 301  LEU A C   1 
ATOM   535  O  O   . LEU A 1 91  ? 9.704   -13.080 -5.622  1.00  46.66 ? 301  LEU A O   1 
ATOM   536  C  CB  . LEU A 1 91  ? 12.434  -11.605 -4.600  1.00  46.62 ? 301  LEU A CB  1 
ATOM   537  C  CG  . LEU A 1 91  ? 13.063  -10.435 -3.825  1.00  46.07 ? 301  LEU A CG  1 
ATOM   538  C  CD1 . LEU A 1 91  ? 14.121  -9.723  -4.680  1.00  46.68 ? 301  LEU A CD1 1 
ATOM   539  C  CD2 . LEU A 1 91  ? 11.967  -9.444  -3.383  1.00  44.81 ? 301  LEU A CD2 1 
ATOM   540  N  N   . LYS A 1 92  ? 11.129  -14.591 -4.783  1.00  47.07 ? 302  LYS A N   1 
ATOM   541  C  CA  . LYS A 1 92  ? 10.525  -15.697 -5.541  1.00  48.08 ? 302  LYS A CA  1 
ATOM   542  C  C   . LYS A 1 92  ? 9.031   -15.840 -5.199  1.00  48.04 ? 302  LYS A C   1 
ATOM   543  O  O   . LYS A 1 92  ? 8.184   -15.897 -6.093  1.00  47.69 ? 302  LYS A O   1 
ATOM   544  C  CB  . LYS A 1 92  ? 11.252  -17.017 -5.275  1.00  48.32 ? 302  LYS A CB  1 
ATOM   545  C  CG  . LYS A 1 92  ? 10.596  -18.233 -5.972  1.00  50.79 ? 302  LYS A CG  1 
ATOM   546  C  CD  . LYS A 1 92  ? 11.575  -19.379 -6.200  1.00  52.37 ? 302  LYS A CD  1 
ATOM   547  C  CE  . LYS A 1 92  ? 10.922  -20.571 -6.927  1.00  53.79 ? 302  LYS A CE  1 
ATOM   548  N  NZ  . LYS A 1 92  ? 10.271  -20.188 -8.232  1.00  53.73 ? 302  LYS A NZ  1 
ATOM   549  N  N   . ARG A 1 93  ? 8.723   -15.874 -3.902  1.00  48.62 ? 303  ARG A N   1 
ATOM   550  C  CA  . ARG A 1 93  ? 7.328   -16.021 -3.412  1.00  48.81 ? 303  ARG A CA  1 
ATOM   551  C  C   . ARG A 1 93  ? 6.461   -14.840 -3.817  1.00  48.49 ? 303  ARG A C   1 
ATOM   552  O  O   . ARG A 1 93  ? 5.269   -14.998 -4.112  1.00  48.64 ? 303  ARG A O   1 
ATOM   553  C  CB  . ARG A 1 93  ? 7.283   -16.195 -1.882  1.00  49.51 ? 303  ARG A CB  1 
ATOM   554  C  CG  . ARG A 1 93  ? 5.866   -16.297 -1.314  1.00  51.33 ? 303  ARG A CG  1 
ATOM   555  C  CD  . ARG A 1 93  ? 5.774   -16.619 0.185   1.00  55.41 ? 303  ARG A CD  1 
ATOM   556  N  NE  . ARG A 1 93  ? 4.362   -16.822 0.557   1.00  57.78 ? 303  ARG A NE  1 
ATOM   557  C  CZ  . ARG A 1 93  ? 3.667   -16.158 1.490   1.00  59.82 ? 303  ARG A CZ  1 
ATOM   558  N  NH1 . ARG A 1 93  ? 4.229   -15.221 2.249   1.00  62.18 ? 303  ARG A NH1 1 
ATOM   559  N  NH2 . ARG A 1 93  ? 2.374   -16.452 1.679   1.00  58.08 ? 303  ARG A NH2 1 
ATOM   560  N  N   . THR A 1 94  ? 7.053   -13.655 -3.835  1.00  47.51 ? 304  THR A N   1 
ATOM   561  C  CA  . THR A 1 94  ? 6.326   -12.453 -4.189  1.00  47.62 ? 304  THR A CA  1 
ATOM   562  C  C   . THR A 1 94  ? 5.961   -12.472 -5.675  1.00  46.90 ? 304  THR A C   1 
ATOM   563  O  O   . THR A 1 94  ? 4.801   -12.244 -6.040  1.00  46.21 ? 304  THR A O   1 
ATOM   564  C  CB  . THR A 1 94  ? 7.153   -11.229 -3.837  1.00  47.95 ? 304  THR A CB  1 
ATOM   565  O  OG1 . THR A 1 94  ? 7.489   -11.292 -2.441  1.00  51.14 ? 304  THR A OG1 1 
ATOM   566  C  CG2 . THR A 1 94  ? 6.399   -9.962  -4.116  1.00  47.21 ? 304  THR A CG2 1 
ATOM   567  N  N   . ALA A 1 95  ? 6.937   -12.779 -6.527  1.00  45.62 ? 305  ALA A N   1 
ATOM   568  C  CA  . ALA A 1 95  ? 6.683   -12.872 -7.970  1.00  45.44 ? 305  ALA A CA  1 
ATOM   569  C  C   . ALA A 1 95  ? 5.681   -13.987 -8.279  1.00  45.62 ? 305  ALA A C   1 
ATOM   570  O  O   . ALA A 1 95  ? 4.762   -13.786 -9.061  1.00  45.49 ? 305  ALA A O   1 
ATOM   571  C  CB  . ALA A 1 95  ? 8.005   -13.090 -8.749  1.00  44.72 ? 305  ALA A CB  1 
ATOM   572  N  N   . ASP A 1 96  ? 5.830   -15.148 -7.647  1.00  46.07 ? 306  ASP A N   1 
ATOM   573  C  CA  . ASP A 1 96  ? 4.864   -16.238 -7.838  1.00  46.86 ? 306  ASP A CA  1 
ATOM   574  C  C   . ASP A 1 96  ? 3.425   -15.798 -7.514  1.00  46.62 ? 306  ASP A C   1 
ATOM   575  O  O   . ASP A 1 96  ? 2.494   -16.099 -8.266  1.00  46.26 ? 306  ASP A O   1 
ATOM   576  C  CB  . ASP A 1 96  ? 5.268   -17.487 -7.041  1.00  47.13 ? 306  ASP A CB  1 
ATOM   577  C  CG  . ASP A 1 96  ? 6.521   -18.162 -7.604  1.00  49.69 ? 306  ASP A CG  1 
ATOM   578  O  OD1 . ASP A 1 96  ? 7.065   -17.667 -8.623  1.00  52.19 ? 306  ASP A OD1 1 
ATOM   579  O  OD2 . ASP A 1 96  ? 6.977   -19.187 -7.036  1.00  52.36 ? 306  ASP A OD2 1 
ATOM   580  N  N   . PHE A 1 97  ? 3.255   -15.064 -6.421  1.00  46.18 ? 307  PHE A N   1 
ATOM   581  C  CA  . PHE A 1 97  ? 1.945   -14.555 -6.014  1.00  46.67 ? 307  PHE A CA  1 
ATOM   582  C  C   . PHE A 1 97  ? 1.386   -13.585 -7.045  1.00  46.85 ? 307  PHE A C   1 
ATOM   583  O  O   . PHE A 1 97  ? 0.207   -13.668 -7.425  1.00  46.76 ? 307  PHE A O   1 
ATOM   584  C  CB  . PHE A 1 97  ? 2.025   -13.870 -4.634  1.00  46.54 ? 307  PHE A CB  1 
ATOM   585  C  CG  . PHE A 1 97  ? 0.749   -13.215 -4.220  1.00  47.11 ? 307  PHE A CG  1 
ATOM   586  C  CD1 . PHE A 1 97  ? -0.286  -13.971 -3.673  1.00  47.78 ? 307  PHE A CD1 1 
ATOM   587  C  CD2 . PHE A 1 97  ? 0.564   -11.853 -4.386  1.00  48.06 ? 307  PHE A CD2 1 
ATOM   588  C  CE1 . PHE A 1 97  ? -1.479  -13.370 -3.288  1.00  47.78 ? 307  PHE A CE1 1 
ATOM   589  C  CE2 . PHE A 1 97  ? -0.633  -11.247 -4.010  1.00  47.69 ? 307  PHE A CE2 1 
ATOM   590  C  CZ  . PHE A 1 97  ? -1.651  -12.011 -3.455  1.00  48.22 ? 307  PHE A CZ  1 
ATOM   591  N  N   . VAL A 1 98  ? 2.242   -12.683 -7.519  1.00  47.42 ? 308  VAL A N   1 
ATOM   592  C  CA  . VAL A 1 98  ? 1.856   -11.687 -8.511  1.00  48.19 ? 308  VAL A CA  1 
ATOM   593  C  C   . VAL A 1 98  ? 1.479   -12.366 -9.827  1.00  49.19 ? 308  VAL A C   1 
ATOM   594  O  O   . VAL A 1 98  ? 0.408   -12.104 -10.390 1.00  49.12 ? 308  VAL A O   1 
ATOM   595  C  CB  . VAL A 1 98  ? 2.982   -10.618 -8.684  1.00  48.40 ? 308  VAL A CB  1 
ATOM   596  C  CG1 . VAL A 1 98  ? 2.796   -9.817  -9.967  1.00  47.71 ? 308  VAL A CG1 1 
ATOM   597  C  CG2 . VAL A 1 98  ? 2.989   -9.694  -7.474  1.00  47.08 ? 308  VAL A CG2 1 
ATOM   598  N  N   . ARG A 1 99  ? 2.338   -13.272 -10.300 1.00  50.46 ? 309  ARG A N   1 
ATOM   599  C  CA  . ARG A 1 99  ? 2.028   -14.054 -11.502 1.00  51.42 ? 309  ARG A CA  1 
ATOM   600  C  C   . ARG A 1 99  ? 0.764   -14.908 -11.338 1.00  51.63 ? 309  ARG A C   1 
ATOM   601  O  O   . ARG A 1 99  ? -0.135  -14.848 -12.178 1.00  51.60 ? 309  ARG A O   1 
ATOM   602  C  CB  . ARG A 1 99  ? 3.222   -14.929 -11.922 1.00  51.79 ? 309  ARG A CB  1 
ATOM   603  C  CG  . ARG A 1 99  ? 4.294   -14.188 -12.723 1.00  54.09 ? 309  ARG A CG  1 
ATOM   604  C  CD  . ARG A 1 99  ? 5.229   -15.168 -13.438 1.00  56.40 ? 309  ARG A CD  1 
ATOM   605  N  NE  . ARG A 1 99  ? 5.891   -16.027 -12.464 1.00  58.91 ? 309  ARG A NE  1 
ATOM   606  C  CZ  . ARG A 1 99  ? 6.958   -15.679 -11.750 1.00  62.32 ? 309  ARG A CZ  1 
ATOM   607  N  NH1 . ARG A 1 99  ? 7.462   -16.532 -10.870 1.00  63.58 ? 309  ARG A NH1 1 
ATOM   608  N  NH2 . ARG A 1 99  ? 7.526   -14.482 -11.900 1.00  64.10 ? 309  ARG A NH2 1 
ATOM   609  N  N   . LYS A 1 100 ? 0.684   -15.676 -10.248 1.00  52.16 ? 310  LYS A N   1 
ATOM   610  C  CA  . LYS A 1 100 ? -0.466  -16.560 -9.982  1.00  52.46 ? 310  LYS A CA  1 
ATOM   611  C  C   . LYS A 1 100 ? -1.802  -15.817 -10.114 1.00  52.51 ? 310  LYS A C   1 
ATOM   612  O  O   . LYS A 1 100 ? -2.748  -16.335 -10.706 1.00  52.54 ? 310  LYS A O   1 
ATOM   613  C  CB  . LYS A 1 100 ? -0.361  -17.193 -8.592  1.00  52.88 ? 310  LYS A CB  1 
ATOM   614  C  CG  . LYS A 1 100 ? -1.119  -18.499 -8.402  1.00  55.15 ? 310  LYS A CG  1 
ATOM   615  C  CD  . LYS A 1 100 ? -1.546  -18.692 -6.926  1.00  57.77 ? 310  LYS A CD  1 
ATOM   616  C  CE  . LYS A 1 100 ? -1.822  -20.162 -6.579  1.00  59.52 ? 310  LYS A CE  1 
ATOM   617  N  NZ  . LYS A 1 100 ? -2.878  -20.317 -5.513  1.00  60.99 ? 310  LYS A NZ  1 
ATOM   618  N  N   . ASN A 1 101 ? -1.864  -14.598 -9.591  1.00  52.04 ? 311  ASN A N   1 
ATOM   619  C  CA  . ASN A 1 101 ? -3.085  -13.801 -9.630  1.00  52.17 ? 311  ASN A CA  1 
ATOM   620  C  C   . ASN A 1 101 ? -3.246  -12.925 -10.872 1.00  51.96 ? 311  ASN A C   1 
ATOM   621  O  O   . ASN A 1 101 ? -4.176  -12.144 -10.951 1.00  52.23 ? 311  ASN A O   1 
ATOM   622  C  CB  . ASN A 1 101 ? -3.142  -12.929 -8.372  1.00  52.04 ? 311  ASN A CB  1 
ATOM   623  C  CG  . ASN A 1 101 ? -3.437  -13.735 -7.133  1.00  52.73 ? 311  ASN A CG  1 
ATOM   624  O  OD1 . ASN A 1 101 ? -4.577  -14.121 -6.902  1.00  54.92 ? 311  ASN A OD1 1 
ATOM   625  N  ND2 . ASN A 1 101 ? -2.416  -14.007 -6.339  1.00  51.69 ? 311  ASN A ND2 1 
ATOM   626  N  N   . LYS A 1 102 ? -2.327  -13.045 -11.822 1.00  52.42 ? 312  LYS A N   1 
ATOM   627  C  CA  . LYS A 1 102 ? -2.321  -12.210 -13.029 1.00  52.65 ? 312  LYS A CA  1 
ATOM   628  C  C   . LYS A 1 102 ? -2.321  -10.710 -12.685 1.00  52.63 ? 312  LYS A C   1 
ATOM   629  O  O   . LYS A 1 102 ? -2.998  -9.904  -13.333 1.00  52.69 ? 312  LYS A O   1 
ATOM   630  C  CB  . LYS A 1 102 ? -3.495  -12.579 -13.945 1.00  52.64 ? 312  LYS A CB  1 
ATOM   631  C  CG  . LYS A 1 102 ? -3.648  -14.076 -14.165 1.00  52.84 ? 312  LYS A CG  1 
ATOM   632  C  CD  . LYS A 1 102 ? -4.776  -14.388 -15.136 1.00  54.49 ? 312  LYS A CD  1 
ATOM   633  C  CE  . LYS A 1 102 ? -4.927  -15.889 -15.326 1.00  54.93 ? 312  LYS A CE  1 
ATOM   634  N  NZ  . LYS A 1 102 ? -6.082  -16.243 -16.216 1.00  56.53 ? 312  LYS A NZ  1 
ATOM   635  N  N   . TYR A 1 103 ? -1.545  -10.352 -11.663 1.00  52.03 ? 313  TYR A N   1 
ATOM   636  C  CA  . TYR A 1 103 ? -1.336  -8.960  -11.295 1.00  51.83 ? 313  TYR A CA  1 
ATOM   637  C  C   . TYR A 1 103 ? -0.106  -8.384  -12.003 1.00  52.63 ? 313  TYR A C   1 
ATOM   638  O  O   . TYR A 1 103 ? 0.283   -7.247  -11.745 1.00  51.69 ? 313  TYR A O   1 
ATOM   639  C  CB  . TYR A 1 103 ? -1.140  -8.837  -9.777  1.00  52.08 ? 313  TYR A CB  1 
ATOM   640  C  CG  . TYR A 1 103 ? -2.324  -9.229  -8.912  1.00  50.80 ? 313  TYR A CG  1 
ATOM   641  C  CD1 . TYR A 1 103 ? -3.626  -9.273  -9.419  1.00  50.53 ? 313  TYR A CD1 1 
ATOM   642  C  CD2 . TYR A 1 103 ? -2.136  -9.527  -7.556  1.00  50.07 ? 313  TYR A CD2 1 
ATOM   643  C  CE1 . TYR A 1 103 ? -4.701  -9.613  -8.609  1.00  49.83 ? 313  TYR A CE1 1 
ATOM   644  C  CE2 . TYR A 1 103 ? -3.197  -9.867  -6.756  1.00  48.97 ? 313  TYR A CE2 1 
ATOM   645  C  CZ  . TYR A 1 103 ? -4.474  -9.908  -7.280  1.00  50.60 ? 313  TYR A CZ  1 
ATOM   646  O  OH  . TYR A 1 103 ? -5.518  -10.257 -6.457  1.00  48.90 ? 313  TYR A OH  1 
ATOM   647  N  N   . GLU A 1 104 ? 0.479   -9.153  -12.923 1.00  53.61 ? 314  GLU A N   1 
ATOM   648  C  CA  . GLU A 1 104 ? 1.746   -8.781  -13.577 1.00  54.68 ? 314  GLU A CA  1 
ATOM   649  C  C   . GLU A 1 104 ? 1.514   -7.667  -14.594 1.00  54.64 ? 314  GLU A C   1 
ATOM   650  O  O   . GLU A 1 104 ? 2.446   -6.948  -14.971 1.00  54.76 ? 314  GLU A O   1 
ATOM   651  C  CB  . GLU A 1 104 ? 2.374   -9.973  -14.325 1.00  54.89 ? 314  GLU A CB  1 
ATOM   652  C  CG  . GLU A 1 104 ? 1.994   -11.368 -13.810 1.00  57.14 ? 314  GLU A CG  1 
ATOM   653  C  CD  . GLU A 1 104 ? 1.789   -12.365 -14.938 1.00  59.11 ? 314  GLU A CD  1 
ATOM   654  O  OE1 . GLU A 1 104 ? 0.709   -13.006 -14.999 1.00  59.98 ? 314  GLU A OE1 1 
ATOM   655  O  OE2 . GLU A 1 104 ? 2.715   -12.498 -15.767 1.00  60.99 ? 314  GLU A OE2 1 
ATOM   656  N  N   . SER A 1 105 ? 0.272   -7.549  -15.055 1.00  54.48 ? 315  SER A N   1 
ATOM   657  C  CA  . SER A 1 105 ? -0.066  -6.636  -16.136 1.00  54.44 ? 315  SER A CA  1 
ATOM   658  C  C   . SER A 1 105 ? -0.309  -5.213  -15.646 1.00  53.70 ? 315  SER A C   1 
ATOM   659  O  O   . SER A 1 105 ? -0.391  -4.298  -16.452 1.00  54.22 ? 315  SER A O   1 
ATOM   660  C  CB  . SER A 1 105 ? -1.295  -7.153  -16.889 1.00  54.51 ? 315  SER A CB  1 
ATOM   661  O  OG  . SER A 1 105 ? -2.348  -7.440  -15.986 1.00  56.56 ? 315  SER A OG  1 
ATOM   662  N  N   . ALA A 1 106 ? -0.450  -5.028  -14.336 1.00  52.83 ? 316  ALA A N   1 
ATOM   663  C  CA  . ALA A 1 106 ? -0.542  -3.694  -13.759 1.00  51.87 ? 316  ALA A CA  1 
ATOM   664  C  C   . ALA A 1 106 ? 0.800   -3.347  -13.123 1.00  51.22 ? 316  ALA A C   1 
ATOM   665  O  O   . ALA A 1 106 ? 1.498   -4.210  -12.580 1.00  50.98 ? 316  ALA A O   1 
ATOM   666  C  CB  . ALA A 1 106 ? -1.665  -3.620  -12.730 1.00  51.88 ? 316  ALA A CB  1 
ATOM   667  N  N   . ARG A 1 107 ? 1.153   -2.073  -13.199 1.00  50.26 ? 317  ARG A N   1 
ATOM   668  C  CA  . ARG A 1 107 ? 2.428   -1.587  -12.703 1.00  49.92 ? 317  ARG A CA  1 
ATOM   669  C  C   . ARG A 1 107 ? 2.557   -1.722  -11.191 1.00  49.19 ? 317  ARG A C   1 
ATOM   670  O  O   . ARG A 1 107 ? 1.594   -1.493  -10.478 1.00  48.31 ? 317  ARG A O   1 
ATOM   671  C  CB  . ARG A 1 107 ? 2.578   -0.118  -13.068 1.00  50.38 ? 317  ARG A CB  1 
ATOM   672  C  CG  . ARG A 1 107 ? 3.892   0.466   -12.645 1.00  51.98 ? 317  ARG A CG  1 
ATOM   673  C  CD  . ARG A 1 107 ? 4.181   1.724   -13.397 1.00  54.22 ? 317  ARG A CD  1 
ATOM   674  N  NE  . ARG A 1 107 ? 3.254   2.787   -13.040 1.00  56.30 ? 317  ARG A NE  1 
ATOM   675  C  CZ  . ARG A 1 107 ? 3.231   3.982   -13.624 1.00  56.23 ? 317  ARG A CZ  1 
ATOM   676  N  NH1 . ARG A 1 107 ? 4.088   4.274   -14.597 1.00  56.55 ? 317  ARG A NH1 1 
ATOM   677  N  NH2 . ARG A 1 107 ? 2.348   4.890   -13.232 1.00  56.89 ? 317  ARG A NH2 1 
ATOM   678  N  N   . ILE A 1 108 ? 3.764   -2.059  -10.724 1.00  48.00 ? 318  ILE A N   1 
ATOM   679  C  CA  . ILE A 1 108 ? 4.096   -2.054  -9.289  1.00  47.34 ? 318  ILE A CA  1 
ATOM   680  C  C   . ILE A 1 108 ? 5.135   -0.959  -9.023  1.00  46.72 ? 318  ILE A C   1 
ATOM   681  O  O   . ILE A 1 108 ? 6.217   -0.943  -9.652  1.00  46.51 ? 318  ILE A O   1 
ATOM   682  C  CB  . ILE A 1 108 ? 4.636   -3.426  -8.813  1.00  47.01 ? 318  ILE A CB  1 
ATOM   683  C  CG1 . ILE A 1 108 ? 3.612   -4.534  -9.089  1.00  47.92 ? 318  ILE A CG1 1 
ATOM   684  C  CG2 . ILE A 1 108 ? 5.003   -3.396  -7.313  1.00  48.07 ? 318  ILE A CG2 1 
ATOM   685  C  CD1 . ILE A 1 108 ? 4.156   -5.949  -8.937  1.00  48.46 ? 318  ILE A CD1 1 
ATOM   686  N  N   . ILE A 1 109 ? 4.786   -0.016  -8.150  1.00  45.69 ? 319  ILE A N   1 
ATOM   687  C  CA  . ILE A 1 109 ? 5.718   1.001   -7.702  1.00  45.84 ? 319  ILE A CA  1 
ATOM   688  C  C   . ILE A 1 109 ? 6.321   0.489   -6.411  1.00  45.81 ? 319  ILE A C   1 
ATOM   689  O  O   . ILE A 1 109 ? 5.596   0.168   -5.455  1.00  44.92 ? 319  ILE A O   1 
ATOM   690  C  CB  . ILE A 1 109 ? 5.068   2.395   -7.520  1.00  46.59 ? 319  ILE A CB  1 
ATOM   691  C  CG1 . ILE A 1 109 ? 4.434   2.869   -8.842  1.00  47.21 ? 319  ILE A CG1 1 
ATOM   692  C  CG2 . ILE A 1 109 ? 6.123   3.415   -7.115  1.00  47.28 ? 319  ILE A CG2 1 
ATOM   693  C  CD1 . ILE A 1 109 ? 3.790   4.278   -8.795  1.00  46.19 ? 319  ILE A CD1 1 
ATOM   694  N  N   . ALA A 1 110 ? 7.652   0.385   -6.393  1.00  45.09 ? 320  ALA A N   1 
ATOM   695  C  CA  . ALA A 1 110 ? 8.350   -0.262  -5.312  1.00  45.52 ? 320  ALA A CA  1 
ATOM   696  C  C   . ALA A 1 110 ? 9.306   0.641   -4.564  1.00  45.71 ? 320  ALA A C   1 
ATOM   697  O  O   . ALA A 1 110 ? 9.979   1.493   -5.138  1.00  46.06 ? 320  ALA A O   1 
ATOM   698  C  CB  . ALA A 1 110 ? 9.109   -1.501  -5.828  1.00  45.39 ? 320  ALA A CB  1 
ATOM   699  N  N   . ASP A 1 111 ? 9.350   0.400   -3.258  1.00  46.07 ? 321  ASP A N   1 
ATOM   700  C  CA  . ASP A 1 111 ? 10.382  0.847   -2.327  1.00  45.78 ? 321  ASP A CA  1 
ATOM   701  C  C   . ASP A 1 111 ? 11.758  0.980   -2.987  1.00  44.99 ? 321  ASP A C   1 
ATOM   702  O  O   . ASP A 1 111 ? 12.420  -0.015  -3.256  1.00  43.83 ? 321  ASP A O   1 
ATOM   703  C  CB  . ASP A 1 111 ? 10.369  -0.191  -1.177  1.00  46.13 ? 321  ASP A CB  1 
ATOM   704  C  CG  . ASP A 1 111 ? 11.525  -0.071  -0.187  1.00  46.49 ? 321  ASP A CG  1 
ATOM   705  O  OD1 . ASP A 1 111 ? 12.239  0.959   -0.146  1.00  47.64 ? 321  ASP A OD1 1 
ATOM   706  O  OD2 . ASP A 1 111 ? 11.699  -1.070  0.586   1.00  47.58 ? 321  ASP A OD2 1 
ATOM   707  N  N   . SER A 1 112 ? 12.190  2.223   -3.223  1.00  44.78 ? 322  SER A N   1 
ATOM   708  C  CA  . SER A 1 112 ? 13.401  2.483   -4.000  1.00  44.42 ? 322  SER A CA  1 
ATOM   709  C  C   . SER A 1 112 ? 14.693  2.311   -3.182  1.00  43.15 ? 322  SER A C   1 
ATOM   710  O  O   . SER A 1 112 ? 15.768  2.446   -3.733  1.00  42.66 ? 322  SER A O   1 
ATOM   711  C  CB  . SER A 1 112 ? 13.356  3.875   -4.651  1.00  45.18 ? 322  SER A CB  1 
ATOM   712  O  OG  . SER A 1 112 ? 13.402  4.907   -3.683  1.00  47.19 ? 322  SER A OG  1 
ATOM   713  N  N   . SER A 1 113 ? 14.586  1.989   -1.887  1.00  41.64 ? 323  SER A N   1 
ATOM   714  C  CA  . SER A 1 113 ? 15.771  1.757   -1.045  1.00  40.57 ? 323  SER A CA  1 
ATOM   715  C  C   . SER A 1 113 ? 16.481  0.438   -1.369  1.00  40.24 ? 323  SER A C   1 
ATOM   716  O  O   . SER A 1 113 ? 17.624  0.226   -0.945  1.00  39.91 ? 323  SER A O   1 
ATOM   717  C  CB  . SER A 1 113 ? 15.399  1.770   0.451   1.00  40.87 ? 323  SER A CB  1 
ATOM   718  O  OG  . SER A 1 113 ? 14.714  0.591   0.820   1.00  41.29 ? 323  SER A OG  1 
ATOM   719  N  N   . GLU A 1 114 ? 15.826  -0.429  -2.133  1.00  40.31 ? 324  GLU A N   1 
ATOM   720  C  CA  . GLU A 1 114 ? 16.394  -1.714  -2.526  1.00  41.38 ? 324  GLU A CA  1 
ATOM   721  C  C   . GLU A 1 114 ? 16.465  -1.815  -4.063  1.00  41.30 ? 324  GLU A C   1 
ATOM   722  O  O   . GLU A 1 114 ? 15.725  -2.591  -4.680  1.00  41.62 ? 324  GLU A O   1 
ATOM   723  C  CB  . GLU A 1 114 ? 15.554  -2.845  -1.926  1.00  42.39 ? 324  GLU A CB  1 
ATOM   724  C  CG  . GLU A 1 114 ? 15.488  -2.807  -0.388  1.00  44.55 ? 324  GLU A CG  1 
ATOM   725  C  CD  . GLU A 1 114 ? 15.129  -4.156  0.248   1.00  46.11 ? 324  GLU A CD  1 
ATOM   726  O  OE1 . GLU A 1 114 ? 15.242  -5.219  -0.414  1.00  46.43 ? 324  GLU A OE1 1 
ATOM   727  O  OE2 . GLU A 1 114 ? 14.753  -4.156  1.431   1.00  49.86 ? 324  GLU A OE2 1 
ATOM   728  N  N   . PRO A 1 115 ? 17.340  -1.014  -4.687  1.00  41.03 ? 325  PRO A N   1 
ATOM   729  C  CA  . PRO A 1 115 ? 17.394  -1.010  -6.166  1.00  41.51 ? 325  PRO A CA  1 
ATOM   730  C  C   . PRO A 1 115 ? 17.694  -2.384  -6.773  1.00  41.14 ? 325  PRO A C   1 
ATOM   731  O  O   . PRO A 1 115 ? 17.194  -2.688  -7.838  1.00  41.94 ? 325  PRO A O   1 
ATOM   732  C  CB  . PRO A 1 115 ? 18.476  0.008   -6.483  1.00  40.72 ? 325  PRO A CB  1 
ATOM   733  C  CG  . PRO A 1 115 ? 19.293  0.111   -5.241  1.00  41.62 ? 325  PRO A CG  1 
ATOM   734  C  CD  . PRO A 1 115 ? 18.337  -0.104  -4.107  1.00  40.76 ? 325  PRO A CD  1 
ATOM   735  N  N   . ARG A 1 116 ? 18.449  -3.226  -6.081  1.00  41.99 ? 326  ARG A N   1 
ATOM   736  C  CA  . ARG A 1 116 ? 18.812  -4.535  -6.639  1.00  42.56 ? 326  ARG A CA  1 
ATOM   737  C  C   . ARG A 1 116 ? 17.684  -5.564  -6.430  1.00  42.38 ? 326  ARG A C   1 
ATOM   738  O  O   . ARG A 1 116 ? 17.613  -6.557  -7.157  1.00  42.64 ? 326  ARG A O   1 
ATOM   739  C  CB  . ARG A 1 116 ? 20.121  -5.052  -6.054  1.00  42.55 ? 326  ARG A CB  1 
ATOM   740  C  CG  . ARG A 1 116 ? 21.297  -4.047  -5.997  1.00  45.89 ? 326  ARG A CG  1 
ATOM   741  C  CD  . ARG A 1 116 ? 21.534  -3.302  -7.286  1.00  46.83 ? 326  ARG A CD  1 
ATOM   742  N  NE  . ARG A 1 116 ? 22.545  -3.909  -8.122  1.00  48.92 ? 326  ARG A NE  1 
ATOM   743  C  CZ  . ARG A 1 116 ? 22.339  -4.582  -9.251  1.00  48.86 ? 326  ARG A CZ  1 
ATOM   744  N  NH1 . ARG A 1 116 ? 21.116  -4.786  -9.706  1.00  52.95 ? 326  ARG A NH1 1 
ATOM   745  N  NH2 . ARG A 1 116 ? 23.368  -5.077  -9.913  1.00  45.98 ? 326  ARG A NH2 1 
ATOM   746  N  N   . SER A 1 117 ? 16.814  -5.335  -5.446  1.00  42.54 ? 327  SER A N   1 
ATOM   747  C  CA  . SER A 1 117 ? 15.613  -6.175  -5.283  1.00  42.08 ? 327  SER A CA  1 
ATOM   748  C  C   . SER A 1 117 ? 14.658  -5.915  -6.425  1.00  41.85 ? 327  SER A C   1 
ATOM   749  O  O   . SER A 1 117 ? 14.035  -6.836  -6.936  1.00  42.30 ? 327  SER A O   1 
ATOM   750  C  CB  . SER A 1 117 ? 14.915  -5.924  -3.958  1.00  42.19 ? 327  SER A CB  1 
ATOM   751  O  OG  . SER A 1 117 ? 15.755  -6.303  -2.891  1.00  43.36 ? 327  SER A OG  1 
ATOM   752  N  N   . ILE A 1 118 ? 14.538  -4.653  -6.812  1.00  41.70 ? 328  ILE A N   1 
ATOM   753  C  CA  . ILE A 1 118 ? 13.790  -4.273  -8.012  1.00  42.32 ? 328  ILE A CA  1 
ATOM   754  C  C   . ILE A 1 118 ? 14.366  -4.937  -9.275  1.00  43.31 ? 328  ILE A C   1 
ATOM   755  O  O   . ILE A 1 118 ? 13.626  -5.555  -10.045 1.00  43.99 ? 328  ILE A O   1 
ATOM   756  C  CB  . ILE A 1 118 ? 13.737  -2.750  -8.161  1.00  42.23 ? 328  ILE A CB  1 
ATOM   757  C  CG1 . ILE A 1 118 ? 12.880  -2.149  -7.038  1.00  42.57 ? 328  ILE A CG1 1 
ATOM   758  C  CG2 . ILE A 1 118 ? 13.167  -2.352  -9.526  1.00  43.67 ? 328  ILE A CG2 1 
ATOM   759  C  CD1 . ILE A 1 118 ? 12.878  -0.662  -7.016  1.00  43.30 ? 328  ILE A CD1 1 
ATOM   760  N  N   . ASP A 1 119 ? 15.677  -4.830  -9.456  1.00  43.64 ? 329  ASP A N   1 
ATOM   761  C  CA  . ASP A 1 119 ? 16.376  -5.475  -10.580 1.00  44.87 ? 329  ASP A CA  1 
ATOM   762  C  C   . ASP A 1 119 ? 16.084  -6.983  -10.566 1.00  44.85 ? 329  ASP A C   1 
ATOM   763  O  O   . ASP A 1 119 ? 15.722  -7.555  -11.583 1.00  45.51 ? 329  ASP A O   1 
ATOM   764  C  CB  . ASP A 1 119 ? 17.892  -5.271  -10.470 1.00  45.03 ? 329  ASP A CB  1 
ATOM   765  C  CG  . ASP A 1 119 ? 18.349  -3.831  -10.769 1.00  47.19 ? 329  ASP A CG  1 
ATOM   766  O  OD1 . ASP A 1 119 ? 17.616  -3.043  -11.395 1.00  50.90 ? 329  ASP A OD1 1 
ATOM   767  O  OD2 . ASP A 1 119 ? 19.489  -3.495  -10.387 1.00  48.29 ? 329  ASP A OD2 1 
ATOM   768  N  N   . ALA A 1 120 ? 16.246  -7.609  -9.401  1.00  45.04 ? 330  ALA A N   1 
ATOM   769  C  CA  . ALA A 1 120 ? 15.976  -9.043  -9.222  1.00  45.14 ? 330  ALA A CA  1 
ATOM   770  C  C   . ALA A 1 120 ? 14.576  -9.460  -9.680  1.00  45.18 ? 330  ALA A C   1 
ATOM   771  O  O   . ALA A 1 120 ? 14.430  -10.424 -10.430 1.00  44.46 ? 330  ALA A O   1 
ATOM   772  C  CB  . ALA A 1 120 ? 16.178  -9.447  -7.759  1.00  45.00 ? 330  ALA A CB  1 
ATOM   773  N  N   . LEU A 1 121 ? 13.554  -8.742  -9.222  1.00  45.53 ? 331  LEU A N   1 
ATOM   774  C  CA  . LEU A 1 121 ? 12.175  -9.065  -9.616  1.00  46.50 ? 331  LEU A CA  1 
ATOM   775  C  C   . LEU A 1 121 ? 11.971  -8.945  -11.128 1.00  47.05 ? 331  LEU A C   1 
ATOM   776  O  O   . LEU A 1 121 ? 11.233  -9.738  -11.710 1.00  46.20 ? 331  LEU A O   1 
ATOM   777  C  CB  . LEU A 1 121 ? 11.152  -8.197  -8.876  1.00  46.32 ? 331  LEU A CB  1 
ATOM   778  C  CG  . LEU A 1 121 ? 10.812  -8.606  -7.436  1.00  46.93 ? 331  LEU A CG  1 
ATOM   779  C  CD1 . LEU A 1 121 ? 9.954   -7.522  -6.800  1.00  48.98 ? 331  LEU A CD1 1 
ATOM   780  C  CD2 . LEU A 1 121 ? 10.094  -9.961  -7.358  1.00  48.32 ? 331  LEU A CD2 1 
ATOM   781  N  N   . LYS A 1 122 ? 12.622  -7.952  -11.739 1.00  48.09 ? 332  LYS A N   1 
ATOM   782  C  CA  . LYS A 1 122 ? 12.578  -7.734  -13.196 1.00  49.24 ? 332  LYS A CA  1 
ATOM   783  C  C   . LYS A 1 122 ? 13.336  -8.809  -13.972 1.00  49.63 ? 332  LYS A C   1 
ATOM   784  O  O   . LYS A 1 122 ? 12.773  -9.492  -14.827 1.00  50.07 ? 332  LYS A O   1 
ATOM   785  C  CB  . LYS A 1 122 ? 13.195  -6.374  -13.570 1.00  49.60 ? 332  LYS A CB  1 
ATOM   786  C  CG  . LYS A 1 122 ? 12.214  -5.247  -13.855 1.00  51.21 ? 332  LYS A CG  1 
ATOM   787  C  CD  . LYS A 1 122 ? 12.959  -3.963  -14.248 1.00  52.40 ? 332  LYS A CD  1 
ATOM   788  C  CE  . LYS A 1 122 ? 12.123  -3.049  -15.136 1.00  53.02 ? 332  LYS A CE  1 
ATOM   789  N  NZ  . LYS A 1 122 ? 12.071  -3.508  -16.558 1.00  51.82 ? 332  LYS A NZ  1 
ATOM   790  N  N   . LEU A 1 123 ? 14.626  -8.936  -13.683 1.00  49.81 ? 333  LEU A N   1 
ATOM   791  C  CA  . LEU A 1 123 ? 15.521  -9.703  -14.539 1.00  49.82 ? 333  LEU A CA  1 
ATOM   792  C  C   . LEU A 1 123 ? 15.566  -11.173 -14.138 1.00  50.41 ? 333  LEU A C   1 
ATOM   793  O  O   . LEU A 1 123 ? 15.874  -12.021 -14.955 1.00  50.53 ? 333  LEU A O   1 
ATOM   794  C  CB  . LEU A 1 123 ? 16.925  -9.090  -14.514 1.00  49.98 ? 333  LEU A CB  1 
ATOM   795  C  CG  . LEU A 1 123 ? 16.999  -7.577  -14.787 1.00  49.26 ? 333  LEU A CG  1 
ATOM   796  C  CD1 . LEU A 1 123 ? 18.430  -7.108  -14.722 1.00  49.14 ? 333  LEU A CD1 1 
ATOM   797  C  CD2 . LEU A 1 123 ? 16.365  -7.199  -16.128 1.00  50.08 ? 333  LEU A CD2 1 
ATOM   798  N  N   . GLU A 1 124 ? 15.264  -11.486 -12.882 1.00  51.05 ? 334  GLU A N   1 
ATOM   799  C  CA  . GLU A 1 124 ? 15.318  -12.878 -12.422 1.00  51.58 ? 334  GLU A CA  1 
ATOM   800  C  C   . GLU A 1 124 ? 13.945  -13.525 -12.381 1.00  51.34 ? 334  GLU A C   1 
ATOM   801  O  O   . GLU A 1 124 ? 13.818  -14.701 -12.691 1.00  51.08 ? 334  GLU A O   1 
ATOM   802  C  CB  . GLU A 1 124 ? 15.968  -12.996 -11.049 1.00  51.95 ? 334  GLU A CB  1 
ATOM   803  C  CG  . GLU A 1 124 ? 16.482  -14.406 -10.767 1.00  54.74 ? 334  GLU A CG  1 
ATOM   804  C  CD  . GLU A 1 124 ? 16.765  -14.670 -9.296  1.00  57.76 ? 334  GLU A CD  1 
ATOM   805  O  OE1 . GLU A 1 124 ? 17.078  -13.708 -8.551  1.00  58.94 ? 334  GLU A OE1 1 
ATOM   806  O  OE2 . GLU A 1 124 ? 16.680  -15.854 -8.891  1.00  59.64 ? 334  GLU A OE2 1 
ATOM   807  N  N   . HIS A 1 125 ? 12.924  -12.760 -12.005 1.00  51.29 ? 335  HIS A N   1 
ATOM   808  C  CA  . HIS A 1 125 ? 11.590  -13.313 -11.777 1.00  51.61 ? 335  HIS A CA  1 
ATOM   809  C  C   . HIS A 1 125 ? 10.540  -12.858 -12.792 1.00  52.03 ? 335  HIS A C   1 
ATOM   810  O  O   . HIS A 1 125 ? 9.370   -13.197 -12.660 1.00  52.59 ? 335  HIS A O   1 
ATOM   811  C  CB  . HIS A 1 125 ? 11.144  -12.979 -10.349 1.00  51.30 ? 335  HIS A CB  1 
ATOM   812  C  CG  . HIS A 1 125 ? 12.123  -13.419 -9.308  1.00  50.94 ? 335  HIS A CG  1 
ATOM   813  N  ND1 . HIS A 1 125 ? 12.445  -14.743 -9.111  1.00  51.95 ? 335  HIS A ND1 1 
ATOM   814  C  CD2 . HIS A 1 125 ? 12.881  -12.715 -8.436  1.00  50.57 ? 335  HIS A CD2 1 
ATOM   815  C  CE1 . HIS A 1 125 ? 13.343  -14.838 -8.148  1.00  51.34 ? 335  HIS A CE1 1 
ATOM   816  N  NE2 . HIS A 1 125 ? 13.624  -13.622 -7.718  1.00  50.77 ? 335  HIS A NE2 1 
ATOM   817  N  N   . GLY A 1 126 ? 10.947  -12.078 -13.787 1.00  52.41 ? 336  GLY A N   1 
ATOM   818  C  CA  . GLY A 1 126 ? 10.059  -11.693 -14.890 1.00  52.53 ? 336  GLY A CA  1 
ATOM   819  C  C   . GLY A 1 126 ? 8.905   -10.758 -14.556 1.00  52.71 ? 336  GLY A C   1 
ATOM   820  O  O   . GLY A 1 126 ? 7.903   -10.726 -15.282 1.00  52.49 ? 336  GLY A O   1 
ATOM   821  N  N   . ILE A 1 127 ? 9.032   -9.988  -13.475 1.00  52.22 ? 337  ILE A N   1 
ATOM   822  C  CA  . ILE A 1 127 ? 8.034   -8.961  -13.159 1.00  52.51 ? 337  ILE A CA  1 
ATOM   823  C  C   . ILE A 1 127 ? 8.483   -7.669  -13.844 1.00  52.86 ? 337  ILE A C   1 
ATOM   824  O  O   . ILE A 1 127 ? 9.224   -6.869  -13.279 1.00  52.45 ? 337  ILE A O   1 
ATOM   825  C  CB  . ILE A 1 127 ? 7.852   -8.771  -11.635 1.00  52.14 ? 337  ILE A CB  1 
ATOM   826  C  CG1 . ILE A 1 127 ? 7.571   -10.120 -10.962 1.00  52.04 ? 337  ILE A CG1 1 
ATOM   827  C  CG2 . ILE A 1 127 ? 6.721   -7.773  -11.345 1.00  51.77 ? 337  ILE A CG2 1 
ATOM   828  C  CD1 . ILE A 1 127 ? 6.245   -10.760 -11.368 1.00  52.13 ? 337  ILE A CD1 1 
ATOM   829  N  N   . ASN A 1 128 ? 8.021   -7.488  -15.076 1.00  53.25 ? 338  ASN A N   1 
ATOM   830  C  CA  . ASN A 1 128 ? 8.533   -6.448  -15.954 1.00  53.92 ? 338  ASN A CA  1 
ATOM   831  C  C   . ASN A 1 128 ? 8.060   -5.055  -15.594 1.00  53.91 ? 338  ASN A C   1 
ATOM   832  O  O   . ASN A 1 128 ? 8.830   -4.092  -15.705 1.00  54.13 ? 338  ASN A O   1 
ATOM   833  C  CB  . ASN A 1 128 ? 8.135   -6.748  -17.397 1.00  54.36 ? 338  ASN A CB  1 
ATOM   834  C  CG  . ASN A 1 128 ? 8.749   -8.035  -17.913 1.00  56.26 ? 338  ASN A CG  1 
ATOM   835  O  OD1 . ASN A 1 128 ? 9.927   -8.326  -17.666 1.00  59.30 ? 338  ASN A OD1 1 
ATOM   836  N  ND2 . ASN A 1 128 ? 7.956   -8.813  -18.647 1.00  59.29 ? 338  ASN A ND2 1 
ATOM   837  N  N   . ARG A 1 129 ? 6.802   -4.946  -15.171 1.00  53.59 ? 339  ARG A N   1 
ATOM   838  C  CA  . ARG A 1 129 ? 6.195   -3.654  -14.867 1.00  53.75 ? 339  ARG A CA  1 
ATOM   839  C  C   . ARG A 1 129 ? 6.432   -3.257  -13.419 1.00  53.57 ? 339  ARG A C   1 
ATOM   840  O  O   . ARG A 1 129 ? 5.530   -2.823  -12.719 1.00  54.47 ? 339  ARG A O   1 
ATOM   841  C  CB  . ARG A 1 129 ? 4.697   -3.683  -15.201 1.00  53.60 ? 339  ARG A CB  1 
ATOM   842  C  CG  . ARG A 1 129 ? 4.442   -3.950  -16.682 1.00  55.02 ? 339  ARG A CG  1 
ATOM   843  C  CD  . ARG A 1 129 ? 2.985   -3.993  -17.068 1.00  56.33 ? 339  ARG A CD  1 
ATOM   844  N  NE  . ARG A 1 129 ? 2.845   -4.527  -18.428 1.00  59.61 ? 339  ARG A NE  1 
ATOM   845  C  CZ  . ARG A 1 129 ? 1.746   -4.453  -19.176 1.00  61.38 ? 339  ARG A CZ  1 
ATOM   846  N  NH1 . ARG A 1 129 ? 0.648   -3.856  -18.721 1.00  63.06 ? 339  ARG A NH1 1 
ATOM   847  N  NH2 . ARG A 1 129 ? 1.742   -4.980  -20.397 1.00  62.45 ? 339  ARG A NH2 1 
ATOM   848  N  N   . ILE A 1 130 ? 7.648   -3.440  -12.942 1.00  53.64 ? 340  ILE A N   1 
ATOM   849  C  CA  . ILE A 1 130 ? 8.001   -2.933  -11.630 1.00  53.13 ? 340  ILE A CA  1 
ATOM   850  C  C   . ILE A 1 130 ? 8.907   -1.740  -11.868 1.00  53.28 ? 340  ILE A C   1 
ATOM   851  O  O   . ILE A 1 130 ? 9.783   -1.779  -12.754 1.00  52.57 ? 340  ILE A O   1 
ATOM   852  C  CB  . ILE A 1 130 ? 8.663   -4.003  -10.741 1.00  53.27 ? 340  ILE A CB  1 
ATOM   853  C  CG1 . ILE A 1 130 ? 8.953   -3.435  -9.344  1.00  53.14 ? 340  ILE A CG1 1 
ATOM   854  C  CG2 . ILE A 1 130 ? 9.955   -4.550  -11.377 1.00  53.27 ? 340  ILE A CG2 1 
ATOM   855  C  CD1 . ILE A 1 130 ? 9.007   -4.474  -8.280  1.00  53.73 ? 340  ILE A CD1 1 
ATOM   856  N  N   . GLU A 1 131 ? 8.657   -0.651  -11.148 1.00  52.70 ? 341  GLU A N   1 
ATOM   857  C  CA  . GLU A 1 131 ? 9.602   0.456   -11.144 1.00  53.17 ? 341  GLU A CA  1 
ATOM   858  C  C   . GLU A 1 131 ? 9.767   1.056   -9.755  1.00  52.36 ? 341  GLU A C   1 
ATOM   859  O  O   . GLU A 1 131 ? 8.882   0.953   -8.905  1.00  51.61 ? 341  GLU A O   1 
ATOM   860  C  CB  . GLU A 1 131 ? 9.234   1.525   -12.181 1.00  53.79 ? 341  GLU A CB  1 
ATOM   861  C  CG  . GLU A 1 131 ? 8.070   2.434   -11.826 1.00  55.81 ? 341  GLU A CG  1 
ATOM   862  C  CD  . GLU A 1 131 ? 7.731   3.382   -12.973 1.00  58.11 ? 341  GLU A CD  1 
ATOM   863  O  OE1 . GLU A 1 131 ? 6.997   2.958   -13.892 1.00  59.72 ? 341  GLU A OE1 1 
ATOM   864  O  OE2 . GLU A 1 131 ? 8.201   4.544   -12.961 1.00  59.48 ? 341  GLU A OE2 1 
ATOM   865  N  N   . GLY A 1 132 ? 10.932  1.658   -9.530  1.00  51.49 ? 342  GLY A N   1 
ATOM   866  C  CA  . GLY A 1 132 ? 11.225  2.310   -8.273  1.00  51.53 ? 342  GLY A CA  1 
ATOM   867  C  C   . GLY A 1 132 ? 10.313  3.501   -8.060  1.00  52.10 ? 342  GLY A C   1 
ATOM   868  O  O   . GLY A 1 132 ? 9.988   4.218   -9.018  1.00  51.50 ? 342  GLY A O   1 
ATOM   869  N  N   . ALA A 1 133 ? 9.873   3.693   -6.816  1.00  51.84 ? 343  ALA A N   1 
ATOM   870  C  CA  . ALA A 1 133 ? 9.185   4.913   -6.431  1.00  52.20 ? 343  ALA A CA  1 
ATOM   871  C  C   . ALA A 1 133 ? 10.098  6.091   -6.744  1.00  52.96 ? 343  ALA A C   1 
ATOM   872  O  O   . ALA A 1 133 ? 11.249  6.102   -6.338  1.00  51.80 ? 343  ALA A O   1 
ATOM   873  C  CB  . ALA A 1 133 ? 8.841   4.900   -4.954  1.00  52.41 ? 343  ALA A CB  1 
ATOM   874  N  N   . LYS A 1 134 ? 9.567   7.066   -7.478  1.00  53.79 ? 344  LYS A N   1 
ATOM   875  C  CA  . LYS A 1 134 ? 10.304  8.280   -7.828  1.00  55.22 ? 344  LYS A CA  1 
ATOM   876  C  C   . LYS A 1 134 ? 10.449  9.224   -6.639  1.00  55.73 ? 344  LYS A C   1 
ATOM   877  O  O   . LYS A 1 134 ? 11.467  9.910   -6.509  1.00  55.58 ? 344  LYS A O   1 
ATOM   878  C  CB  . LYS A 1 134 ? 9.623   9.010   -8.995  1.00  55.30 ? 344  LYS A CB  1 
ATOM   879  C  CG  . LYS A 1 134 ? 9.798   8.308   -10.337 1.00  56.60 ? 344  LYS A CG  1 
ATOM   880  C  CD  . LYS A 1 134 ? 9.005   8.989   -11.450 1.00  58.24 ? 344  LYS A CD  1 
ATOM   881  C  CE  . LYS A 1 134 ? 9.523   8.579   -12.836 1.00  59.56 ? 344  LYS A CE  1 
ATOM   882  N  NZ  . LYS A 1 134 ? 9.603   7.086   -12.970 1.00  60.06 ? 344  LYS A NZ  1 
ATOM   883  N  N   . LYS A 1 135 ? 9.438   9.264   -5.775  1.00  56.32 ? 345  LYS A N   1 
ATOM   884  C  CA  . LYS A 1 135 ? 9.458   10.187  -4.649  1.00  56.97 ? 345  LYS A CA  1 
ATOM   885  C  C   . LYS A 1 135 ? 10.429  9.710   -3.578  1.00  57.56 ? 345  LYS A C   1 
ATOM   886  O  O   . LYS A 1 135 ? 10.706  8.519   -3.466  1.00  57.43 ? 345  LYS A O   1 
ATOM   887  C  CB  . LYS A 1 135 ? 8.063   10.387  -4.068  1.00  57.19 ? 345  LYS A CB  1 
ATOM   888  C  CG  . LYS A 1 135 ? 7.160   11.290  -4.905  1.00  57.07 ? 345  LYS A CG  1 
ATOM   889  C  CD  . LYS A 1 135 ? 5.956   11.708  -4.087  1.00  57.49 ? 345  LYS A CD  1 
ATOM   890  C  CE  . LYS A 1 135 ? 5.037   12.674  -4.817  1.00  57.76 ? 345  LYS A CE  1 
ATOM   891  N  NZ  . LYS A 1 135 ? 3.820   12.837  -3.979  1.00  57.51 ? 345  LYS A NZ  1 
ATOM   892  N  N   . GLY A 1 136 ? 10.946  10.664  -2.807  1.00  58.26 ? 346  GLY A N   1 
ATOM   893  C  CA  . GLY A 1 136 ? 12.027  10.412  -1.863  1.00  58.78 ? 346  GLY A CA  1 
ATOM   894  C  C   . GLY A 1 136 ? 11.547  10.311  -0.433  1.00  58.91 ? 346  GLY A C   1 
ATOM   895  O  O   . GLY A 1 136 ? 10.348  10.280  -0.189  1.00  59.19 ? 346  GLY A O   1 
ATOM   896  N  N   . PRO A 1 137 ? 12.490  10.268  0.527   1.00  59.16 ? 347  PRO A N   1 
ATOM   897  C  CA  . PRO A 1 137 ? 12.115  10.171  1.939   1.00  59.18 ? 347  PRO A CA  1 
ATOM   898  C  C   . PRO A 1 137 ? 11.349  11.397  2.458   1.00  59.15 ? 347  PRO A C   1 
ATOM   899  O  O   . PRO A 1 137 ? 10.525  11.257  3.367   1.00  60.36 ? 347  PRO A O   1 
ATOM   900  C  CB  . PRO A 1 137 ? 13.461  10.013  2.657   1.00  59.23 ? 347  PRO A CB  1 
ATOM   901  C  CG  . PRO A 1 137 ? 14.446  9.614   1.579   1.00  59.36 ? 347  PRO A CG  1 
ATOM   902  C  CD  . PRO A 1 137 ? 13.955  10.285  0.346   1.00  59.43 ? 347  PRO A CD  1 
ATOM   903  N  N   . ASP A 1 138 ? 11.579  12.572  1.866   1.00  58.47 ? 348  ASP A N   1 
ATOM   904  C  CA  . ASP A 1 138 ? 10.853  13.792  2.253   1.00  58.21 ? 348  ASP A CA  1 
ATOM   905  C  C   . ASP A 1 138 ? 9.395   13.883  1.757   1.00  57.61 ? 348  ASP A C   1 
ATOM   906  O  O   . ASP A 1 138 ? 8.716   14.870  2.021   1.00  57.95 ? 348  ASP A O   1 
ATOM   907  C  CB  . ASP A 1 138 ? 11.638  15.026  1.799   1.00  58.09 ? 348  ASP A CB  1 
ATOM   908  C  CG  . ASP A 1 138 ? 12.952  15.159  2.527   1.00  58.89 ? 348  ASP A CG  1 
ATOM   909  O  OD1 . ASP A 1 138 ? 13.003  14.693  3.685   1.00  60.10 ? 348  ASP A OD1 1 
ATOM   910  O  OD2 . ASP A 1 138 ? 13.928  15.711  1.956   1.00  59.45 ? 348  ASP A OD2 1 
ATOM   911  N  N   . SER A 1 139 ? 8.915   12.867  1.050   1.00  57.20 ? 349  SER A N   1 
ATOM   912  C  CA  . SER A 1 139 ? 7.517   12.838  0.577   1.00  56.68 ? 349  SER A CA  1 
ATOM   913  C  C   . SER A 1 139 ? 6.562   12.122  1.520   1.00  55.82 ? 349  SER A C   1 
ATOM   914  O  O   . SER A 1 139 ? 5.360   12.076  1.253   1.00  55.60 ? 349  SER A O   1 
ATOM   915  C  CB  . SER A 1 139 ? 7.439   12.132  -0.779  1.00  56.98 ? 349  SER A CB  1 
ATOM   916  O  OG  . SER A 1 139 ? 7.755   10.752  -0.650  1.00  56.53 ? 349  SER A OG  1 
ATOM   917  N  N   . VAL A 1 140 ? 7.081   11.551  2.606   1.00  54.94 ? 350  VAL A N   1 
ATOM   918  C  CA  . VAL A 1 140 ? 6.270   10.681  3.461   1.00  54.27 ? 350  VAL A CA  1 
ATOM   919  C  C   . VAL A 1 140 ? 5.038   11.385  4.032   1.00  53.94 ? 350  VAL A C   1 
ATOM   920  O  O   . VAL A 1 140 ? 3.907   10.915  3.853   1.00  52.79 ? 350  VAL A O   1 
ATOM   921  C  CB  . VAL A 1 140 ? 7.090   10.046  4.617   1.00  54.19 ? 350  VAL A CB  1 
ATOM   922  C  CG1 . VAL A 1 140 ? 6.155   9.368   5.627   1.00  53.55 ? 350  VAL A CG1 1 
ATOM   923  C  CG2 . VAL A 1 140 ? 8.108   9.046   4.060   1.00  53.32 ? 350  VAL A CG2 1 
ATOM   924  N  N   . GLU A 1 141 ? 5.255   12.502  4.717   1.00  53.36 ? 351  GLU A N   1 
ATOM   925  C  CA  . GLU A 1 141 ? 4.160   13.197  5.393   1.00  53.39 ? 351  GLU A CA  1 
ATOM   926  C  C   . GLU A 1 141 ? 3.090   13.633  4.380   1.00  52.72 ? 351  GLU A C   1 
ATOM   927  O  O   . GLU A 1 141 ? 1.902   13.401  4.605   1.00  51.79 ? 351  GLU A O   1 
ATOM   928  C  CB  . GLU A 1 141 ? 4.694   14.372  6.217   1.00  53.90 ? 351  GLU A CB  1 
ATOM   929  C  CG  . GLU A 1 141 ? 3.630   15.330  6.754   1.00  57.06 ? 351  GLU A CG  1 
ATOM   930  C  CD  . GLU A 1 141 ? 4.211   16.424  7.630   1.00  60.79 ? 351  GLU A CD  1 
ATOM   931  O  OE1 . GLU A 1 141 ? 5.415   16.338  7.964   1.00  63.05 ? 351  GLU A OE1 1 
ATOM   932  O  OE2 . GLU A 1 141 ? 3.465   17.375  7.984   1.00  63.85 ? 351  GLU A OE2 1 
ATOM   933  N  N   . HIS A 1 142 ? 3.529   14.239  3.269   1.00  52.18 ? 352  HIS A N   1 
ATOM   934  C  CA  . HIS A 1 142 ? 2.665   14.606  2.129   1.00  52.06 ? 352  HIS A CA  1 
ATOM   935  C  C   . HIS A 1 142 ? 1.802   13.433  1.681   1.00  51.36 ? 352  HIS A C   1 
ATOM   936  O  O   . HIS A 1 142 ? 0.592   13.574  1.520   1.00  50.12 ? 352  HIS A O   1 
ATOM   937  C  CB  . HIS A 1 142 ? 3.519   15.059  0.923   1.00  52.58 ? 352  HIS A CB  1 
ATOM   938  C  CG  . HIS A 1 142 ? 2.728   15.614  -0.231  1.00  55.47 ? 352  HIS A CG  1 
ATOM   939  N  ND1 . HIS A 1 142 ? 2.827   16.930  -0.637  1.00  58.94 ? 352  HIS A ND1 1 
ATOM   940  C  CD2 . HIS A 1 142 ? 1.843   15.028  -1.077  1.00  58.23 ? 352  HIS A CD2 1 
ATOM   941  C  CE1 . HIS A 1 142 ? 2.030   17.133  -1.672  1.00  59.58 ? 352  HIS A CE1 1 
ATOM   942  N  NE2 . HIS A 1 142 ? 1.415   15.997  -1.954  1.00  58.58 ? 352  HIS A NE2 1 
ATOM   943  N  N   . GLY A 1 143 ? 2.435   12.279  1.472   1.00  50.95 ? 353  GLY A N   1 
ATOM   944  C  CA  . GLY A 1 143 ? 1.732   11.095  0.955   1.00  50.74 ? 353  GLY A CA  1 
ATOM   945  C  C   . GLY A 1 143 ? 0.684   10.538  1.897   1.00  50.49 ? 353  GLY A C   1 
ATOM   946  O  O   . GLY A 1 143 ? -0.357  10.031  1.453   1.00  50.15 ? 353  GLY A O   1 
ATOM   947  N  N   . GLU A 1 144 ? 0.975   10.598  3.196   1.00  50.21 ? 354  GLU A N   1 
ATOM   948  C  CA  . GLU A 1 144 ? 0.034   10.164  4.225   1.00  50.32 ? 354  GLU A CA  1 
ATOM   949  C  C   . GLU A 1 144 ? -1.138  11.118  4.328   1.00  49.86 ? 354  GLU A C   1 
ATOM   950  O  O   . GLU A 1 144 ? -2.283  10.681  4.514   1.00  49.58 ? 354  GLU A O   1 
ATOM   951  C  CB  . GLU A 1 144 ? 0.733   10.041  5.578   1.00  50.93 ? 354  GLU A CB  1 
ATOM   952  C  CG  . GLU A 1 144 ? 1.822   8.938   5.580   1.00  51.86 ? 354  GLU A CG  1 
ATOM   953  C  CD  . GLU A 1 144 ? 2.658   8.870   6.861   1.00  54.69 ? 354  GLU A CD  1 
ATOM   954  O  OE1 . GLU A 1 144 ? 2.602   9.807   7.688   1.00  54.58 ? 354  GLU A OE1 1 
ATOM   955  O  OE2 . GLU A 1 144 ? 3.387   7.852   7.030   1.00  56.57 ? 354  GLU A OE2 1 
ATOM   956  N  N   . ARG A 1 145 ? -0.851  12.415  4.235   1.00  48.41 ? 355  ARG A N   1 
ATOM   957  C  CA  . ARG A 1 145 ? -1.885  13.440  4.222   1.00  48.48 ? 355  ARG A CA  1 
ATOM   958  C  C   . ARG A 1 145 ? -2.802  13.259  3.026   1.00  47.52 ? 355  ARG A C   1 
ATOM   959  O  O   . ARG A 1 145 ? -4.016  13.389  3.152   1.00  47.75 ? 355  ARG A O   1 
ATOM   960  C  CB  . ARG A 1 145 ? -1.275  14.855  4.202   1.00  48.92 ? 355  ARG A CB  1 
ATOM   961  C  CG  . ARG A 1 145 ? -2.336  15.966  4.279   1.00  50.75 ? 355  ARG A CG  1 
ATOM   962  C  CD  . ARG A 1 145 ? -1.756  17.390  4.251   1.00  53.64 ? 355  ARG A CD  1 
ATOM   963  N  NE  . ARG A 1 145 ? -2.799  18.381  3.950   1.00  55.86 ? 355  ARG A NE  1 
ATOM   964  C  CZ  . ARG A 1 145 ? -2.658  19.705  4.033   1.00  57.33 ? 355  ARG A CZ  1 
ATOM   965  N  NH1 . ARG A 1 145 ? -1.510  20.250  4.430   1.00  57.58 ? 355  ARG A NH1 1 
ATOM   966  N  NH2 . ARG A 1 145 ? -3.683  20.495  3.729   1.00  58.41 ? 355  ARG A NH2 1 
ATOM   967  N  N   . TRP A 1 146 ? -2.236  12.945  1.867   1.00  46.80 ? 356  TRP A N   1 
ATOM   968  C  CA  . TRP A 1 146 ? -3.058  12.722  0.683   1.00  46.67 ? 356  TRP A CA  1 
ATOM   969  C  C   . TRP A 1 146 ? -4.045  11.587  0.917   1.00  46.48 ? 356  TRP A C   1 
ATOM   970  O  O   . TRP A 1 146 ? -5.253  11.707  0.632   1.00  44.18 ? 356  TRP A O   1 
ATOM   971  C  CB  . TRP A 1 146 ? -2.191  12.431  -0.535  1.00  47.15 ? 356  TRP A CB  1 
ATOM   972  C  CG  . TRP A 1 146 ? -2.975  12.359  -1.813  1.00  47.29 ? 356  TRP A CG  1 
ATOM   973  C  CD1 . TRP A 1 146 ? -3.300  13.396  -2.643  1.00  46.94 ? 356  TRP A CD1 1 
ATOM   974  C  CD2 . TRP A 1 146 ? -3.522  11.183  -2.403  1.00  45.81 ? 356  TRP A CD2 1 
ATOM   975  N  NE1 . TRP A 1 146 ? -4.010  12.929  -3.720  1.00  46.45 ? 356  TRP A NE1 1 
ATOM   976  C  CE2 . TRP A 1 146 ? -4.153  11.572  -3.601  1.00  46.69 ? 356  TRP A CE2 1 
ATOM   977  C  CE3 . TRP A 1 146 ? -3.529  9.829   -2.040  1.00  45.62 ? 356  TRP A CE3 1 
ATOM   978  C  CZ2 . TRP A 1 146 ? -4.803  10.658  -4.434  1.00  47.31 ? 356  TRP A CZ2 1 
ATOM   979  C  CZ3 . TRP A 1 146 ? -4.169  8.922   -2.871  1.00  46.81 ? 356  TRP A CZ3 1 
ATOM   980  C  CH2 . TRP A 1 146 ? -4.790  9.338   -4.057  1.00  46.68 ? 356  TRP A CH2 1 
ATOM   981  N  N   . LEU A 1 147 ? -3.548  10.484  1.467   1.00  46.45 ? 357  LEU A N   1 
ATOM   982  C  CA  . LEU A 1 147 ? -4.426  9.367   1.801   1.00  47.00 ? 357  LEU A CA  1 
ATOM   983  C  C   . LEU A 1 147 ? -5.526  9.765   2.810   1.00  47.24 ? 357  LEU A C   1 
ATOM   984  O  O   . LEU A 1 147 ? -6.697  9.378   2.660   1.00  47.78 ? 357  LEU A O   1 
ATOM   985  C  CB  . LEU A 1 147 ? -3.599  8.188   2.324   1.00  47.02 ? 357  LEU A CB  1 
ATOM   986  C  CG  . LEU A 1 147 ? -2.716  7.445   1.315   1.00  47.09 ? 357  LEU A CG  1 
ATOM   987  C  CD1 . LEU A 1 147 ? -1.819  6.465   2.071   1.00  44.17 ? 357  LEU A CD1 1 
ATOM   988  C  CD2 . LEU A 1 147 ? -3.560  6.717   0.247   1.00  44.57 ? 357  LEU A CD2 1 
ATOM   989  N  N   . ASP A 1 148 ? -5.159  10.543  3.825   1.00  47.50 ? 358  ASP A N   1 
ATOM   990  C  CA  . ASP A 1 148 ? -6.102  10.986  4.848   1.00  47.62 ? 358  ASP A CA  1 
ATOM   991  C  C   . ASP A 1 148 ? -7.170  11.944  4.309   1.00  48.04 ? 358  ASP A C   1 
ATOM   992  O  O   . ASP A 1 148 ? -8.265  12.038  4.868   1.00  47.62 ? 358  ASP A O   1 
ATOM   993  C  CB  . ASP A 1 148 ? -5.365  11.660  5.997   1.00  48.31 ? 358  ASP A CB  1 
ATOM   994  C  CG  . ASP A 1 148 ? -6.296  12.153  7.088   1.00  48.99 ? 358  ASP A CG  1 
ATOM   995  O  OD1 . ASP A 1 148 ? -6.781  11.336  7.897   1.00  53.88 ? 358  ASP A OD1 1 
ATOM   996  O  OD2 . ASP A 1 148 ? -6.525  13.367  7.155   1.00  49.56 ? 358  ASP A OD2 1 
ATOM   997  N  N   . GLU A 1 149 ? -6.854  12.642  3.223   1.00  48.12 ? 359  GLU A N   1 
ATOM   998  C  CA  . GLU A 1 149 ? -7.794  13.587  2.641   1.00  48.69 ? 359  GLU A CA  1 
ATOM   999  C  C   . GLU A 1 149 ? -8.763  12.969  1.632   1.00  47.85 ? 359  GLU A C   1 
ATOM   1000 O  O   . GLU A 1 149 ? -9.620  13.663  1.100   1.00  47.48 ? 359  GLU A O   1 
ATOM   1001 C  CB  . GLU A 1 149 ? -7.045  14.781  2.054   1.00  49.36 ? 359  GLU A CB  1 
ATOM   1002 C  CG  . GLU A 1 149 ? -6.942  15.918  3.064   1.00  51.36 ? 359  GLU A CG  1 
ATOM   1003 C  CD  . GLU A 1 149 ? -5.830  16.887  2.758   1.00  55.16 ? 359  GLU A CD  1 
ATOM   1004 O  OE1 . GLU A 1 149 ? -5.189  16.764  1.688   1.00  55.88 ? 359  GLU A OE1 1 
ATOM   1005 O  OE2 . GLU A 1 149 ? -5.588  17.769  3.610   1.00  57.77 ? 359  GLU A OE2 1 
ATOM   1006 N  N   . LEU A 1 150 ? -8.653  11.667  1.392   1.00  46.87 ? 360  LEU A N   1 
ATOM   1007 C  CA  . LEU A 1 150 ? -9.598  10.998  0.503   1.00  46.17 ? 360  LEU A CA  1 
ATOM   1008 C  C   . LEU A 1 150 ? -10.991 10.981  1.133   1.00  46.20 ? 360  LEU A C   1 
ATOM   1009 O  O   . LEU A 1 150 ? -11.139 11.092  2.343   1.00  45.97 ? 360  LEU A O   1 
ATOM   1010 C  CB  . LEU A 1 150 ? -9.128  9.573   0.181   1.00  45.85 ? 360  LEU A CB  1 
ATOM   1011 C  CG  . LEU A 1 150 ? -7.867  9.466   -0.675  1.00  44.42 ? 360  LEU A CG  1 
ATOM   1012 C  CD1 . LEU A 1 150 ? -7.177  8.087   -0.519  1.00  44.91 ? 360  LEU A CD1 1 
ATOM   1013 C  CD2 . LEU A 1 150 ? -8.140  9.772   -2.154  1.00  44.02 ? 360  LEU A CD2 1 
ATOM   1014 N  N   . ASP A 1 151 ? -12.013 10.860  0.297   1.00  46.23 ? 361  ASP A N   1 
ATOM   1015 C  CA  . ASP A 1 151 ? -13.400 10.797  0.793   1.00  45.97 ? 361  ASP A CA  1 
ATOM   1016 C  C   . ASP A 1 151 ? -13.643 9.490   1.524   1.00  45.36 ? 361  ASP A C   1 
ATOM   1017 O  O   . ASP A 1 151 ? -14.291 9.483   2.565   1.00  45.90 ? 361  ASP A O   1 
ATOM   1018 C  CB  . ASP A 1 151 ? -14.400 10.971  -0.344  1.00  45.62 ? 361  ASP A CB  1 
ATOM   1019 C  CG  . ASP A 1 151 ? -14.569 12.421  -0.748  1.00  47.94 ? 361  ASP A CG  1 
ATOM   1020 O  OD1 . ASP A 1 151 ? -13.925 13.310  -0.137  1.00  50.46 ? 361  ASP A OD1 1 
ATOM   1021 O  OD2 . ASP A 1 151 ? -15.339 12.678  -1.691  1.00  49.05 ? 361  ASP A OD2 1 
ATOM   1022 N  N   . ALA A 1 152 ? -13.103 8.393   0.996   1.00  44.67 ? 362  ALA A N   1 
ATOM   1023 C  CA  . ALA A 1 152 ? -13.210 7.103   1.659   1.00  44.06 ? 362  ALA A CA  1 
ATOM   1024 C  C   . ALA A 1 152 ? -12.045 6.184   1.302   1.00  43.72 ? 362  ALA A C   1 
ATOM   1025 O  O   . ALA A 1 152 ? -11.633 6.124   0.136   1.00  43.95 ? 362  ALA A O   1 
ATOM   1026 C  CB  . ALA A 1 152 ? -14.546 6.442   1.284   1.00  44.07 ? 362  ALA A CB  1 
ATOM   1027 N  N   . ILE A 1 153 ? -11.530 5.481   2.309   1.00  42.41 ? 363  ILE A N   1 
ATOM   1028 C  CA  . ILE A 1 153 ? -10.612 4.354   2.102   1.00  42.83 ? 363  ILE A CA  1 
ATOM   1029 C  C   . ILE A 1 153 ? -11.366 3.099   2.498   1.00  42.29 ? 363  ILE A C   1 
ATOM   1030 O  O   . ILE A 1 153 ? -11.678 2.914   3.677   1.00  42.33 ? 363  ILE A O   1 
ATOM   1031 C  CB  . ILE A 1 153 ? -9.360  4.481   2.965   1.00  41.80 ? 363  ILE A CB  1 
ATOM   1032 C  CG1 . ILE A 1 153 ? -8.589  5.746   2.590   1.00  42.39 ? 363  ILE A CG1 1 
ATOM   1033 C  CG2 . ILE A 1 153 ? -8.452  3.216   2.833   1.00  42.46 ? 363  ILE A CG2 1 
ATOM   1034 C  CD1 . ILE A 1 153 ? -7.442  6.067   3.547   1.00  41.74 ? 363  ILE A CD1 1 
ATOM   1035 N  N   . VAL A 1 154 ? -11.643 2.246   1.511   1.00  42.61 ? 364  VAL A N   1 
ATOM   1036 C  CA  . VAL A 1 154 ? -12.598 1.149   1.643   1.00  42.50 ? 364  VAL A CA  1 
ATOM   1037 C  C   . VAL A 1 154 ? -11.829 -0.146  1.696   1.00  42.90 ? 364  VAL A C   1 
ATOM   1038 O  O   . VAL A 1 154 ? -11.102 -0.495  0.751   1.00  44.06 ? 364  VAL A O   1 
ATOM   1039 C  CB  . VAL A 1 154 ? -13.619 1.098   0.478   1.00  42.34 ? 364  VAL A CB  1 
ATOM   1040 C  CG1 . VAL A 1 154 ? -14.660 0.017   0.721   1.00  41.88 ? 364  VAL A CG1 1 
ATOM   1041 C  CG2 . VAL A 1 154 ? -14.298 2.450   0.293   1.00  43.77 ? 364  VAL A CG2 1 
ATOM   1042 N  N   . ILE A 1 155 ? -11.990 -0.857  2.804   1.00  42.83 ? 365  ILE A N   1 
ATOM   1043 C  CA  . ILE A 1 155 ? -11.208 -2.042  3.096   1.00  43.76 ? 365  ILE A CA  1 
ATOM   1044 C  C   . ILE A 1 155 ? -12.110 -3.148  3.610   1.00  43.81 ? 365  ILE A C   1 
ATOM   1045 O  O   . ILE A 1 155 ? -12.874 -2.966  4.570   1.00  44.28 ? 365  ILE A O   1 
ATOM   1046 C  CB  . ILE A 1 155 ? -10.108 -1.776  4.164   1.00  43.27 ? 365  ILE A CB  1 
ATOM   1047 C  CG1 . ILE A 1 155 ? -9.275  -0.528  3.839   1.00  43.89 ? 365  ILE A CG1 1 
ATOM   1048 C  CG2 . ILE A 1 155 ? -9.161  -3.028  4.306   1.00  45.14 ? 365  ILE A CG2 1 
ATOM   1049 C  CD1 . ILE A 1 155 ? -8.480  -0.015  5.048   1.00  42.12 ? 365  ILE A CD1 1 
ATOM   1050 N  N   . ASP A 1 156 ? -11.978 -4.310  2.990   1.00  44.34 ? 366  ASP A N   1 
ATOM   1051 C  CA  . ASP A 1 156 ? -12.690 -5.504  3.392   1.00  44.42 ? 366  ASP A CA  1 
ATOM   1052 C  C   . ASP A 1 156 ? -11.690 -6.426  4.099   1.00  44.78 ? 366  ASP A C   1 
ATOM   1053 O  O   . ASP A 1 156 ? -10.780 -6.984  3.442   1.00  45.48 ? 366  ASP A O   1 
ATOM   1054 C  CB  . ASP A 1 156 ? -13.220 -6.164  2.134   1.00  44.64 ? 366  ASP A CB  1 
ATOM   1055 C  CG  . ASP A 1 156 ? -14.175 -7.311  2.399   1.00  45.34 ? 366  ASP A CG  1 
ATOM   1056 O  OD1 . ASP A 1 156 ? -14.129 -7.940  3.490   1.00  48.12 ? 366  ASP A OD1 1 
ATOM   1057 O  OD2 . ASP A 1 156 ? -14.963 -7.601  1.462   1.00  45.29 ? 366  ASP A OD2 1 
ATOM   1058 N  N   . PRO A 1 157 ? -11.834 -6.596  5.425   1.00  45.16 ? 367  PRO A N   1 
ATOM   1059 C  CA  . PRO A 1 157 ? -10.898 -7.449  6.136   1.00  45.21 ? 367  PRO A CA  1 
ATOM   1060 C  C   . PRO A 1 157 ? -10.887 -8.901  5.667   1.00  45.29 ? 367  PRO A C   1 
ATOM   1061 O  O   . PRO A 1 157 ? -9.965  -9.624  5.962   1.00  44.85 ? 367  PRO A O   1 
ATOM   1062 C  CB  . PRO A 1 157 ? -11.360 -7.356  7.590   1.00  44.95 ? 367  PRO A CB  1 
ATOM   1063 C  CG  . PRO A 1 157 ? -12.158 -6.170  7.669   1.00  46.90 ? 367  PRO A CG  1 
ATOM   1064 C  CD  . PRO A 1 157 ? -12.850 -6.052  6.343   1.00  45.07 ? 367  PRO A CD  1 
ATOM   1065 N  N   . LEU A 1 158 ? -11.931 -9.351  4.979   1.00  46.42 ? 368  LEU A N   1 
ATOM   1066 C  CA  . LEU A 1 158 ? -11.921 -10.700 4.421   1.00  45.74 ? 368  LEU A CA  1 
ATOM   1067 C  C   . LEU A 1 158 ? -10.902 -10.860 3.291   1.00  46.05 ? 368  LEU A C   1 
ATOM   1068 O  O   . LEU A 1 158 ? -10.393 -11.960 3.067   1.00  45.72 ? 368  LEU A O   1 
ATOM   1069 C  CB  . LEU A 1 158 ? -13.330 -11.076 3.928   1.00  46.57 ? 368  LEU A CB  1 
ATOM   1070 C  CG  . LEU A 1 158 ? -14.410 -11.134 5.000   1.00  46.91 ? 368  LEU A CG  1 
ATOM   1071 C  CD1 . LEU A 1 158 ? -15.783 -11.585 4.411   1.00  47.80 ? 368  LEU A CD1 1 
ATOM   1072 C  CD2 . LEU A 1 158 ? -13.993 -12.084 6.105   1.00  47.90 ? 368  LEU A CD2 1 
ATOM   1073 N  N   . ARG A 1 159 ? -10.605 -9.762  2.592   1.00  45.26 ? 369  ARG A N   1 
ATOM   1074 C  CA  . ARG A 1 159 ? -9.667  -9.757  1.476   1.00  45.41 ? 369  ARG A CA  1 
ATOM   1075 C  C   . ARG A 1 159 ? -8.302  -9.298  1.899   1.00  44.94 ? 369  ARG A C   1 
ATOM   1076 O  O   . ARG A 1 159 ? -7.297  -9.883  1.473   1.00  45.51 ? 369  ARG A O   1 
ATOM   1077 C  CB  . ARG A 1 159 ? -10.145 -8.805  0.379   1.00  45.06 ? 369  ARG A CB  1 
ATOM   1078 C  CG  . ARG A 1 159 ? -11.483 -9.151  -0.162  1.00  45.46 ? 369  ARG A CG  1 
ATOM   1079 C  CD  . ARG A 1 159 ? -11.986 -8.165  -1.215  1.00  44.67 ? 369  ARG A CD  1 
ATOM   1080 N  NE  . ARG A 1 159 ? -13.317 -8.576  -1.627  1.00  45.94 ? 369  ARG A NE  1 
ATOM   1081 C  CZ  . ARG A 1 159 ? -13.574 -9.497  -2.554  1.00  47.86 ? 369  ARG A CZ  1 
ATOM   1082 N  NH1 . ARG A 1 159 ? -12.591 -10.094 -3.225  1.00  47.27 ? 369  ARG A NH1 1 
ATOM   1083 N  NH2 . ARG A 1 159 ? -14.830 -9.816  -2.814  1.00  47.99 ? 369  ARG A NH2 1 
ATOM   1084 N  N   . THR A 1 160 ? -8.250  -8.224  2.694   1.00  44.40 ? 370  THR A N   1 
ATOM   1085 C  CA  . THR A 1 160 ? -6.952  -7.603  3.033   1.00  44.90 ? 370  THR A CA  1 
ATOM   1086 C  C   . THR A 1 160 ? -6.846  -7.346  4.525   1.00  44.20 ? 370  THR A C   1 
ATOM   1087 O  O   . THR A 1 160 ? -6.976  -6.197  4.968   1.00  44.44 ? 370  THR A O   1 
ATOM   1088 C  CB  . THR A 1 160 ? -6.699  -6.296  2.250   1.00  45.40 ? 370  THR A CB  1 
ATOM   1089 O  OG1 . THR A 1 160 ? -7.729  -5.333  2.516   1.00  45.81 ? 370  THR A OG1 1 
ATOM   1090 C  CG2 . THR A 1 160 ? -6.630  -6.569  0.725   1.00  44.87 ? 370  THR A CG2 1 
ATOM   1091 N  N   . PRO A 1 161 ? -6.649  -8.416  5.313   1.00  44.43 ? 371  PRO A N   1 
ATOM   1092 C  CA  . PRO A 1 161 ? -6.690  -8.268  6.791   1.00  43.49 ? 371  PRO A CA  1 
ATOM   1093 C  C   . PRO A 1 161 ? -5.566  -7.420  7.367   1.00  43.37 ? 371  PRO A C   1 
ATOM   1094 O  O   . PRO A 1 161 ? -5.770  -6.748  8.381   1.00  41.20 ? 371  PRO A O   1 
ATOM   1095 C  CB  . PRO A 1 161 ? -6.596  -9.702  7.306   1.00  43.74 ? 371  PRO A CB  1 
ATOM   1096 C  CG  . PRO A 1 161 ? -6.032  -10.494 6.183   1.00  44.45 ? 371  PRO A CG  1 
ATOM   1097 C  CD  . PRO A 1 161 ? -6.508  -9.824  4.920   1.00  44.20 ? 371  PRO A CD  1 
ATOM   1098 N  N   . ASN A 1 162 ? -4.394  -7.453  6.727   1.00  43.29 ? 372  ASN A N   1 
ATOM   1099 C  CA  . ASN A 1 162 ? -3.272  -6.656  7.195   1.00  43.64 ? 372  ASN A CA  1 
ATOM   1100 C  C   . ASN A 1 162 ? -3.476  -5.159  6.967   1.00  42.90 ? 372  ASN A C   1 
ATOM   1101 O  O   . ASN A 1 162 ? -3.272  -4.350  7.883   1.00  43.05 ? 372  ASN A O   1 
ATOM   1102 C  CB  . ASN A 1 162 ? -1.952  -7.114  6.527   1.00  43.89 ? 372  ASN A CB  1 
ATOM   1103 C  CG  . ASN A 1 162 ? -1.502  -8.477  7.003   1.00  45.39 ? 372  ASN A CG  1 
ATOM   1104 O  OD1 . ASN A 1 162 ? -1.089  -8.618  8.151   1.00  48.72 ? 372  ASN A OD1 1 
ATOM   1105 N  ND2 . ASN A 1 162 ? -1.580  -9.490  6.134   1.00  46.19 ? 372  ASN A ND2 1 
ATOM   1106 N  N   . ILE A 1 163 ? -3.876  -4.790  5.763   1.00  42.64 ? 373  ILE A N   1 
ATOM   1107 C  CA  . ILE A 1 163 ? -4.265  -3.407  5.455   1.00  43.38 ? 373  ILE A CA  1 
ATOM   1108 C  C   . ILE A 1 163 ? -5.339  -2.914  6.443   1.00  43.24 ? 373  ILE A C   1 
ATOM   1109 O  O   . ILE A 1 163 ? -5.206  -1.837  7.032   1.00  43.04 ? 373  ILE A O   1 
ATOM   1110 C  CB  . ILE A 1 163 ? -4.791  -3.261  3.997   1.00  43.41 ? 373  ILE A CB  1 
ATOM   1111 C  CG1 . ILE A 1 163 ? -3.669  -3.450  2.980   1.00  44.56 ? 373  ILE A CG1 1 
ATOM   1112 C  CG2 . ILE A 1 163 ? -5.416  -1.863  3.764   1.00  44.28 ? 373  ILE A CG2 1 
ATOM   1113 C  CD1 . ILE A 1 163 ? -4.147  -3.598  1.535   1.00  44.04 ? 373  ILE A CD1 1 
ATOM   1114 N  N   . ALA A 1 164 ? -6.375  -3.724  6.650   1.00  43.12 ? 374  ALA A N   1 
ATOM   1115 C  CA  . ALA A 1 164 ? -7.435  -3.392  7.611   1.00  42.77 ? 374  ALA A CA  1 
ATOM   1116 C  C   . ALA A 1 164 ? -6.887  -3.110  9.019   1.00  43.23 ? 374  ALA A C   1 
ATOM   1117 O  O   . ALA A 1 164 ? -7.193  -2.086  9.597   1.00  44.40 ? 374  ALA A O   1 
ATOM   1118 C  CB  . ALA A 1 164 ? -8.521  -4.508  7.666   1.00  42.77 ? 374  ALA A CB  1 
ATOM   1119 N  N   . ARG A 1 165 ? -6.042  -4.000  9.541   1.00  43.18 ? 375  ARG A N   1 
ATOM   1120 C  CA  . ARG A 1 165 ? -5.484  -3.858  10.869  1.00  43.32 ? 375  ARG A CA  1 
ATOM   1121 C  C   . ARG A 1 165 ? -4.584  -2.623  10.973  1.00  43.04 ? 375  ARG A C   1 
ATOM   1122 O  O   . ARG A 1 165 ? -4.715  -1.830  11.897  1.00  42.60 ? 375  ARG A O   1 
ATOM   1123 C  CB  . ARG A 1 165 ? -4.688  -5.105  11.265  1.00  43.46 ? 375  ARG A CB  1 
ATOM   1124 C  CG  . ARG A 1 165 ? -4.172  -5.047  12.720  1.00  45.31 ? 375  ARG A CG  1 
ATOM   1125 C  CD  . ARG A 1 165 ? -3.342  -6.264  13.125  1.00  47.78 ? 375  ARG A CD  1 
ATOM   1126 N  NE  . ARG A 1 165 ? -2.431  -6.657  12.062  1.00  48.01 ? 375  ARG A NE  1 
ATOM   1127 C  CZ  . ARG A 1 165 ? -1.274  -6.079  11.796  1.00  50.78 ? 375  ARG A CZ  1 
ATOM   1128 N  NH1 . ARG A 1 165 ? -0.564  -6.528  10.770  1.00  53.48 ? 375  ARG A NH1 1 
ATOM   1129 N  NH2 . ARG A 1 165 ? -0.820  -5.048  12.528  1.00  49.62 ? 375  ARG A NH2 1 
ATOM   1130 N  N   . GLU A 1 166 ? -3.710  -2.435  10.000  1.00  43.50 ? 376  GLU A N   1 
ATOM   1131 C  CA  . GLU A 1 166 ? -2.739  -1.359  10.115  1.00  44.58 ? 376  GLU A CA  1 
ATOM   1132 C  C   . GLU A 1 166 ? -3.424  -0.008  10.015  1.00  44.60 ? 376  GLU A C   1 
ATOM   1133 O  O   . GLU A 1 166 ? -3.132  0.891   10.811  1.00  45.10 ? 376  GLU A O   1 
ATOM   1134 C  CB  . GLU A 1 166 ? -1.636  -1.513  9.087   1.00  44.03 ? 376  GLU A CB  1 
ATOM   1135 C  CG  . GLU A 1 166 ? -0.744  -2.694  9.360   1.00  45.33 ? 376  GLU A CG  1 
ATOM   1136 C  CD  . GLU A 1 166 ? 0.526   -2.642  8.541   1.00  49.26 ? 376  GLU A CD  1 
ATOM   1137 O  OE1 . GLU A 1 166 ? 0.519   -1.964  7.486   1.00  51.74 ? 376  GLU A OE1 1 
ATOM   1138 O  OE2 . GLU A 1 166 ? 1.524   -3.246  8.977   1.00  50.71 ? 376  GLU A OE2 1 
ATOM   1139 N  N   . PHE A 1 167 ? -4.341  0.137   9.057   1.00  45.44 ? 377  PHE A N   1 
ATOM   1140 C  CA  . PHE A 1 167 ? -5.018  1.415   8.877   1.00  45.18 ? 377  PHE A CA  1 
ATOM   1141 C  C   . PHE A 1 167 ? -5.937  1.744   10.047  1.00  45.77 ? 377  PHE A C   1 
ATOM   1142 O  O   . PHE A 1 167 ? -5.983  2.901   10.485  1.00  45.69 ? 377  PHE A O   1 
ATOM   1143 C  CB  . PHE A 1 167 ? -5.775  1.457   7.541   1.00  45.75 ? 377  PHE A CB  1 
ATOM   1144 C  CG  . PHE A 1 167 ? -4.913  1.822   6.341   1.00  45.24 ? 377  PHE A CG  1 
ATOM   1145 C  CD1 . PHE A 1 167 ? -4.138  0.875   5.700   1.00  47.57 ? 377  PHE A CD1 1 
ATOM   1146 C  CD2 . PHE A 1 167 ? -4.931  3.114   5.830   1.00  47.88 ? 377  PHE A CD2 1 
ATOM   1147 C  CE1 . PHE A 1 167 ? -3.386  1.201   4.583   1.00  48.95 ? 377  PHE A CE1 1 
ATOM   1148 C  CE2 . PHE A 1 167 ? -4.158  3.468   4.728   1.00  47.44 ? 377  PHE A CE2 1 
ATOM   1149 C  CZ  . PHE A 1 167 ? -3.402  2.500   4.087   1.00  48.78 ? 377  PHE A CZ  1 
ATOM   1150 N  N   . GLU A 1 168 ? -6.661  0.748   10.565  1.00  45.97 ? 378  GLU A N   1 
ATOM   1151 C  CA  . GLU A 1 168 ? -7.485  0.967   11.745  1.00  46.21 ? 378  GLU A CA  1 
ATOM   1152 C  C   . GLU A 1 168 ? -6.694  1.395   12.993  1.00  46.46 ? 378  GLU A C   1 
ATOM   1153 O  O   . GLU A 1 168 ? -7.147  2.250   13.760  1.00  45.45 ? 378  GLU A O   1 
ATOM   1154 C  CB  . GLU A 1 168 ? -8.346  -0.251  12.083  1.00  47.30 ? 378  GLU A CB  1 
ATOM   1155 C  CG  . GLU A 1 168 ? -9.254  0.054   13.274  1.00  49.24 ? 378  GLU A CG  1 
ATOM   1156 C  CD  . GLU A 1 168 ? -10.390 -0.919  13.506  1.00  52.40 ? 378  GLU A CD  1 
ATOM   1157 O  OE1 . GLU A 1 168 ? -10.805 -1.645  12.576  1.00  52.21 ? 378  GLU A OE1 1 
ATOM   1158 O  OE2 . GLU A 1 168 ? -10.858 -0.937  14.663  1.00  51.59 ? 378  GLU A OE2 1 
ATOM   1159 N  N   . ASN A 1 169 ? -5.505  0.823   13.180  1.00  46.03 ? 379  ASN A N   1 
ATOM   1160 C  CA  . ASN A 1 169 ? -4.792  1.023   14.429  1.00  46.73 ? 379  ASN A CA  1 
ATOM   1161 C  C   . ASN A 1 169 ? -3.707  2.112   14.408  1.00  46.63 ? 379  ASN A C   1 
ATOM   1162 O  O   . ASN A 1 169 ? -3.251  2.521   15.475  1.00  46.34 ? 379  ASN A O   1 
ATOM   1163 C  CB  . ASN A 1 169 ? -4.263  -0.335  14.921  1.00  47.19 ? 379  ASN A CB  1 
ATOM   1164 C  CG  . ASN A 1 169 ? -5.418  -1.300  15.261  1.00  49.03 ? 379  ASN A CG  1 
ATOM   1165 O  OD1 . ASN A 1 169 ? -6.082  -1.138  16.265  1.00  51.53 ? 379  ASN A OD1 1 
ATOM   1166 N  ND2 . ASN A 1 169 ? -5.693  -2.238  14.384  1.00  52.01 ? 379  ASN A ND2 1 
ATOM   1167 N  N   . ILE A 1 170 ? -3.297  2.588   13.224  1.00  47.27 ? 380  ILE A N   1 
ATOM   1168 C  CA  . ILE A 1 170 ? -2.237  3.637   13.146  1.00  47.24 ? 380  ILE A CA  1 
ATOM   1169 C  C   . ILE A 1 170 ? -2.667  4.959   13.813  1.00  47.64 ? 380  ILE A C   1 
ATOM   1170 O  O   . ILE A 1 170 ? -3.820  5.378   13.725  1.00  46.68 ? 380  ILE A O   1 
ATOM   1171 C  CB  . ILE A 1 170 ? -1.753  3.875   11.685  1.00  47.30 ? 380  ILE A CB  1 
ATOM   1172 C  CG1 . ILE A 1 170 ? -0.377  4.561   11.658  1.00  47.37 ? 380  ILE A CG1 1 
ATOM   1173 C  CG2 . ILE A 1 170 ? -2.781  4.657   10.884  1.00  47.69 ? 380  ILE A CG2 1 
ATOM   1174 C  CD1 . ILE A 1 170 ? 0.836   3.630   11.912  1.00  46.49 ? 380  ILE A CD1 1 
ATOM   1175 N  N   . ASP A 1 171 ? -1.731  5.579   14.523  1.00  49.08 ? 381  ASP A N   1 
ATOM   1176 C  CA  . ASP A 1 171 ? -1.963  6.816   15.245  1.00  50.13 ? 381  ASP A CA  1 
ATOM   1177 C  C   . ASP A 1 171 ? -0.920  7.851   14.786  1.00  50.99 ? 381  ASP A C   1 
ATOM   1178 O  O   . ASP A 1 171 ? 0.077   7.508   14.129  1.00  50.91 ? 381  ASP A O   1 
ATOM   1179 C  CB  . ASP A 1 171 ? -1.833  6.582   16.768  1.00  50.69 ? 381  ASP A CB  1 
ATOM   1180 C  CG  . ASP A 1 171 ? -3.115  6.030   17.419  1.00  53.28 ? 381  ASP A CG  1 
ATOM   1181 O  OD1 . ASP A 1 171 ? -4.215  6.526   17.118  1.00  55.84 ? 381  ASP A OD1 1 
ATOM   1182 O  OD2 . ASP A 1 171 ? -3.020  5.111   18.270  1.00  55.73 ? 381  ASP A OD2 1 
ATOM   1183 N  N   . TYR A 1 172 ? -1.164  9.110   15.127  1.00  51.78 ? 382  TYR A N   1 
ATOM   1184 C  CA  . TYR A 1 172 ? -0.184  10.169  14.918  1.00  52.96 ? 382  TYR A CA  1 
ATOM   1185 C  C   . TYR A 1 172 ? 0.941   10.026  15.929  1.00  53.84 ? 382  TYR A C   1 
ATOM   1186 O  O   . TYR A 1 172 ? 0.713   9.592   17.060  1.00  53.85 ? 382  TYR A O   1 
ATOM   1187 C  CB  . TYR A 1 172 ? -0.837  11.554  15.080  1.00  52.78 ? 382  TYR A CB  1 
ATOM   1188 C  CG  . TYR A 1 172 ? -1.710  11.945  13.915  1.00  53.51 ? 382  TYR A CG  1 
ATOM   1189 C  CD1 . TYR A 1 172 ? -1.199  11.976  12.621  1.00  54.66 ? 382  TYR A CD1 1 
ATOM   1190 C  CD2 . TYR A 1 172 ? -3.058  12.257  14.098  1.00  54.22 ? 382  TYR A CD2 1 
ATOM   1191 C  CE1 . TYR A 1 172 ? -2.007  12.315  11.540  1.00  55.13 ? 382  TYR A CE1 1 
ATOM   1192 C  CE2 . TYR A 1 172 ? -3.862  12.604  13.030  1.00  54.45 ? 382  TYR A CE2 1 
ATOM   1193 C  CZ  . TYR A 1 172 ? -3.331  12.638  11.757  1.00  54.58 ? 382  TYR A CZ  1 
ATOM   1194 O  OH  . TYR A 1 172 ? -4.129  12.972  10.696  1.00  54.66 ? 382  TYR A OH  1 
ATOM   1195 N  N   . GLN A 1 173 ? 2.148   10.412  15.529  1.00  55.33 ? 383  GLN A N   1 
ATOM   1196 C  CA  . GLN A 1 173 ? 3.234   10.564  16.482  1.00  56.67 ? 383  GLN A CA  1 
ATOM   1197 C  C   . GLN A 1 173 ? 2.884   11.719  17.403  1.00  57.87 ? 383  GLN A C   1 
ATOM   1198 O  O   . GLN A 1 173 ? 1.898   12.428  17.178  1.00  58.04 ? 383  GLN A O   1 
ATOM   1199 C  CB  . GLN A 1 173 ? 4.551   10.855  15.778  1.00  56.66 ? 383  GLN A CB  1 
ATOM   1200 C  CG  . GLN A 1 173 ? 5.099   9.702   14.982  1.00  56.82 ? 383  GLN A CG  1 
ATOM   1201 C  CD  . GLN A 1 173 ? 6.379   10.071  14.270  1.00  57.21 ? 383  GLN A CD  1 
ATOM   1202 O  OE1 . GLN A 1 173 ? 7.143   10.913  14.752  1.00  58.38 ? 383  GLN A OE1 1 
ATOM   1203 N  NE2 . GLN A 1 173 ? 6.626   9.451   13.115  1.00  56.86 ? 383  GLN A NE2 1 
ATOM   1204 N  N   . THR A 1 174 ? 3.684   11.902  18.444  1.00  59.57 ? 384  THR A N   1 
ATOM   1205 C  CA  . THR A 1 174 ? 3.468   12.999  19.385  1.00  60.74 ? 384  THR A CA  1 
ATOM   1206 C  C   . THR A 1 174 ? 4.792   13.624  19.825  1.00  61.53 ? 384  THR A C   1 
ATOM   1207 O  O   . THR A 1 174 ? 5.863   13.031  19.675  1.00  61.73 ? 384  THR A O   1 
ATOM   1208 C  CB  . THR A 1 174 ? 2.630   12.546  20.624  1.00  60.75 ? 384  THR A CB  1 
ATOM   1209 O  OG1 . THR A 1 174 ? 3.408   11.659  21.439  1.00  61.90 ? 384  THR A OG1 1 
ATOM   1210 C  CG2 . THR A 1 174 ? 1.339   11.837  20.185  1.00  60.39 ? 384  THR A CG2 1 
ATOM   1211 N  N   . ASP A 1 175 ? 4.681   14.828  20.371  1.00  62.50 ? 385  ASP A N   1 
ATOM   1212 C  CA  . ASP A 1 175 ? 5.819   15.668  20.738  1.00  63.24 ? 385  ASP A CA  1 
ATOM   1213 C  C   . ASP A 1 175 ? 6.063   15.605  22.247  1.00  63.76 ? 385  ASP A C   1 
ATOM   1214 O  O   . ASP A 1 175 ? 5.354   14.889  22.962  1.00  64.13 ? 385  ASP A O   1 
ATOM   1215 C  CB  . ASP A 1 175 ? 5.524   17.116  20.321  1.00  63.23 ? 385  ASP A CB  1 
ATOM   1216 C  CG  . ASP A 1 175 ? 4.263   17.671  20.980  1.00  63.87 ? 385  ASP A CG  1 
ATOM   1217 O  OD1 . ASP A 1 175 ? 3.588   16.911  21.702  1.00  64.00 ? 385  ASP A OD1 1 
ATOM   1218 O  OD2 . ASP A 1 175 ? 3.937   18.862  20.784  1.00  65.76 ? 385  ASP A OD2 1 
ATOM   1219 N  N   . LYS A 1 176 ? 7.045   16.369  22.729  1.00  64.27 ? 386  LYS A N   1 
ATOM   1220 C  CA  . LYS A 1 176 ? 7.297   16.509  24.167  1.00  64.55 ? 386  LYS A CA  1 
ATOM   1221 C  C   . LYS A 1 176 ? 5.987   16.819  24.901  1.00  64.89 ? 386  LYS A C   1 
ATOM   1222 O  O   . LYS A 1 176 ? 5.545   16.046  25.762  1.00  65.00 ? 386  LYS A O   1 
ATOM   1223 C  CB  . LYS A 1 176 ? 8.324   17.620  24.440  1.00  64.67 ? 386  LYS A CB  1 
ATOM   1224 C  CG  . LYS A 1 176 ? 9.734   17.318  23.954  0.010 64.56 ? 386  LYS A CG  1 
ATOM   1225 C  CD  . LYS A 1 176 ? 10.647  18.519  24.143  0.010 64.52 ? 386  LYS A CD  1 
ATOM   1226 C  CE  . LYS A 1 176 ? 12.019  18.278  23.533  0.010 64.50 ? 386  LYS A CE  1 
ATOM   1227 N  NZ  . LYS A 1 176 ? 12.922  19.450  23.709  0.010 64.49 ? 386  LYS A NZ  1 
ATOM   1228 N  N   . ASN A 1 177 ? 5.349   17.928  24.519  1.00  65.07 ? 387  ASN A N   1 
ATOM   1229 C  CA  . ASN A 1 177 ? 4.065   18.343  25.100  1.00  64.99 ? 387  ASN A CA  1 
ATOM   1230 C  C   . ASN A 1 177 ? 2.964   17.284  24.944  1.00  64.92 ? 387  ASN A C   1 
ATOM   1231 O  O   . ASN A 1 177 ? 1.849   17.479  25.422  1.00  65.28 ? 387  ASN A O   1 
ATOM   1232 C  CB  . ASN A 1 177 ? 3.594   19.680  24.500  1.00  64.95 ? 387  ASN A CB  1 
ATOM   1233 C  CG  . ASN A 1 177 ? 4.547   20.829  24.794  0.010 64.94 ? 387  ASN A CG  1 
ATOM   1234 O  OD1 . ASN A 1 177 ? 5.594   20.645  25.414  0.010 64.90 ? 387  ASN A OD1 1 
ATOM   1235 N  ND2 . ASN A 1 177 ? 4.183   22.025  24.342  0.010 64.91 ? 387  ASN A ND2 1 
ATOM   1236 N  N   . GLY A 1 178 ? 3.269   16.179  24.260  1.00  64.72 ? 388  GLY A N   1 
ATOM   1237 C  CA  . GLY A 1 178 ? 2.377   15.021  24.194  1.00  64.63 ? 388  GLY A CA  1 
ATOM   1238 C  C   . GLY A 1 178 ? 1.228   15.172  23.212  1.00  64.47 ? 388  GLY A C   1 
ATOM   1239 O  O   . GLY A 1 178 ? 0.295   14.368  23.220  1.00  64.48 ? 388  GLY A O   1 
ATOM   1240 N  N   . ASP A 1 179 ? 1.296   16.202  22.369  1.00  64.31 ? 389  ASP A N   1 
ATOM   1241 C  CA  . ASP A 1 179 ? 0.248   16.502  21.395  1.00  64.03 ? 389  ASP A CA  1 
ATOM   1242 C  C   . ASP A 1 179 ? 0.561   15.864  20.047  1.00  63.57 ? 389  ASP A C   1 
ATOM   1243 O  O   . ASP A 1 179 ? 1.736   15.684  19.702  1.00  63.59 ? 389  ASP A O   1 
ATOM   1244 C  CB  . ASP A 1 179 ? 0.107   18.016  21.208  1.00  64.23 ? 389  ASP A CB  1 
ATOM   1245 C  CG  . ASP A 1 179 ? -0.307  18.728  22.482  1.00  64.66 ? 389  ASP A CG  1 
ATOM   1246 O  OD1 . ASP A 1 179 ? -0.985  18.104  23.327  1.00  65.61 ? 389  ASP A OD1 1 
ATOM   1247 O  OD2 . ASP A 1 179 ? 0.040   19.918  22.632  1.00  65.69 ? 389  ASP A OD2 1 
ATOM   1248 N  N   . PRO A 1 180 ? -0.487  15.542  19.270  1.00  63.00 ? 390  PRO A N   1 
ATOM   1249 C  CA  . PRO A 1 180 ? -0.293  14.893  17.985  1.00  62.61 ? 390  PRO A CA  1 
ATOM   1250 C  C   . PRO A 1 180 ? 0.321   15.806  16.932  1.00  62.17 ? 390  PRO A C   1 
ATOM   1251 O  O   . PRO A 1 180 ? -0.125  16.941  16.760  1.00  62.05 ? 390  PRO A O   1 
ATOM   1252 C  CB  . PRO A 1 180 ? -1.719  14.499  17.557  1.00  62.77 ? 390  PRO A CB  1 
ATOM   1253 C  CG  . PRO A 1 180 ? -2.611  14.849  18.693  1.00  62.82 ? 390  PRO A CG  1 
ATOM   1254 C  CD  . PRO A 1 180 ? -1.910  15.837  19.522  1.00  62.90 ? 390  PRO A CD  1 
ATOM   1255 N  N   . ILE A 1 181 ? 1.331   15.294  16.237  1.00  61.61 ? 391  ILE A N   1 
ATOM   1256 C  CA  . ILE A 1 181 ? 1.896   15.958  15.074  1.00  61.47 ? 391  ILE A CA  1 
ATOM   1257 C  C   . ILE A 1 181 ? 1.394   15.258  13.797  1.00  61.36 ? 391  ILE A C   1 
ATOM   1258 O  O   . ILE A 1 181 ? 0.982   14.088  13.847  1.00  61.35 ? 391  ILE A O   1 
ATOM   1259 C  CB  . ILE A 1 181 ? 3.450   15.998  15.144  1.00  61.43 ? 391  ILE A CB  1 
ATOM   1260 C  CG1 . ILE A 1 181 ? 4.069   14.614  14.904  1.00  61.39 ? 391  ILE A CG1 1 
ATOM   1261 C  CG2 . ILE A 1 181 ? 3.901   16.547  16.498  1.00  61.64 ? 391  ILE A CG2 1 
ATOM   1262 C  CD1 . ILE A 1 181 ? 5.596   14.615  14.831  1.00  60.24 ? 391  ILE A CD1 1 
ATOM   1263 N  N   . PRO A 1 182 ? 1.441   15.953  12.639  1.00  61.17 ? 392  PRO A N   1 
ATOM   1264 C  CA  . PRO A 1 182 ? 0.844   15.399  11.415  1.00  60.79 ? 392  PRO A CA  1 
ATOM   1265 C  C   . PRO A 1 182 ? 1.748   14.378  10.698  1.00  60.42 ? 392  PRO A C   1 
ATOM   1266 O  O   . PRO A 1 182 ? 1.823   14.345  9.461   1.00  60.45 ? 392  PRO A O   1 
ATOM   1267 C  CB  . PRO A 1 182 ? 0.583   16.655  10.552  1.00  61.17 ? 392  PRO A CB  1 
ATOM   1268 C  CG  . PRO A 1 182 ? 1.203   17.833  11.305  1.00  61.08 ? 392  PRO A CG  1 
ATOM   1269 C  CD  . PRO A 1 182 ? 2.077   17.257  12.371  1.00  61.26 ? 392  PRO A CD  1 
ATOM   1270 N  N   . ARG A 1 183 ? 2.413   13.544  11.493  1.00  59.43 ? 393  ARG A N   1 
ATOM   1271 C  CA  . ARG A 1 183 ? 3.227   12.464  11.010  1.00  58.64 ? 393  ARG A CA  1 
ATOM   1272 C  C   . ARG A 1 183 ? 2.660   11.198  11.659  1.00  57.41 ? 393  ARG A C   1 
ATOM   1273 O  O   . ARG A 1 183 ? 2.455   11.172  12.877  1.00  56.71 ? 393  ARG A O   1 
ATOM   1274 C  CB  . ARG A 1 183 ? 4.669   12.706  11.449  1.00  59.11 ? 393  ARG A CB  1 
ATOM   1275 C  CG  . ARG A 1 183 ? 5.733   12.026  10.592  1.00  60.94 ? 393  ARG A CG  1 
ATOM   1276 C  CD  . ARG A 1 183 ? 7.140   12.264  11.164  1.00  64.72 ? 393  ARG A CD  1 
ATOM   1277 N  NE  . ARG A 1 183 ? 7.357   13.652  11.602  1.00  66.62 ? 393  ARG A NE  1 
ATOM   1278 C  CZ  . ARG A 1 183 ? 8.290   14.041  12.477  1.00  69.00 ? 393  ARG A CZ  1 
ATOM   1279 N  NH1 . ARG A 1 183 ? 9.120   13.157  13.038  1.00  69.95 ? 393  ARG A NH1 1 
ATOM   1280 N  NH2 . ARG A 1 183 ? 8.398   15.330  12.802  1.00  69.11 ? 393  ARG A NH2 1 
ATOM   1281 N  N   . LEU A 1 184 ? 2.387   10.164  10.862  1.00  55.97 ? 394  LEU A N   1 
ATOM   1282 C  CA  . LEU A 1 184 ? 1.971   8.880   11.432  1.00  54.96 ? 394  LEU A CA  1 
ATOM   1283 C  C   . LEU A 1 184 ? 3.156   8.190   12.084  1.00  54.80 ? 394  LEU A C   1 
ATOM   1284 O  O   . LEU A 1 184 ? 4.312   8.389   11.685  1.00  54.02 ? 394  LEU A O   1 
ATOM   1285 C  CB  . LEU A 1 184 ? 1.371   7.948   10.365  1.00  54.67 ? 394  LEU A CB  1 
ATOM   1286 C  CG  . LEU A 1 184 ? 0.072   8.406   9.696   1.00  54.35 ? 394  LEU A CG  1 
ATOM   1287 C  CD1 . LEU A 1 184 ? -0.309  7.451   8.552   1.00  52.92 ? 394  LEU A CD1 1 
ATOM   1288 C  CD2 . LEU A 1 184 ? -1.030  8.503   10.717  1.00  52.92 ? 394  LEU A CD2 1 
ATOM   1289 N  N   . GLU A 1 185 ? 2.859   7.365   13.085  1.00  54.75 ? 395  GLU A N   1 
ATOM   1290 C  CA  . GLU A 1 185 ? 3.856   6.472   13.664  1.00  54.59 ? 395  GLU A CA  1 
ATOM   1291 C  C   . GLU A 1 185 ? 4.532   5.692   12.553  1.00  54.33 ? 395  GLU A C   1 
ATOM   1292 O  O   . GLU A 1 185 ? 3.883   5.308   11.566  1.00  53.63 ? 395  GLU A O   1 
ATOM   1293 C  CB  . GLU A 1 185 ? 3.229   5.483   14.625  1.00  54.87 ? 395  GLU A CB  1 
ATOM   1294 C  CG  . GLU A 1 185 ? 2.628   6.096   15.856  1.00  55.37 ? 395  GLU A CG  1 
ATOM   1295 C  CD  . GLU A 1 185 ? 1.644   5.169   16.570  1.00  58.65 ? 395  GLU A CD  1 
ATOM   1296 O  OE1 . GLU A 1 185 ? 0.842   4.421   15.907  1.00  58.15 ? 395  GLU A OE1 1 
ATOM   1297 O  OE2 . GLU A 1 185 ? 1.653   5.222   17.819  1.00  59.42 ? 395  GLU A OE2 1 
ATOM   1298 N  N   . ASP A 1 186 ? 5.835   5.469   12.731  1.00  53.57 ? 396  ASP A N   1 
ATOM   1299 C  CA  . ASP A 1 186 ? 6.656   4.728   11.783  1.00  53.94 ? 396  ASP A CA  1 
ATOM   1300 C  C   . ASP A 1 186 ? 6.844   3.296   12.281  1.00  53.09 ? 396  ASP A C   1 
ATOM   1301 O  O   . ASP A 1 186 ? 7.958   2.834   12.541  1.00  53.36 ? 396  ASP A O   1 
ATOM   1302 C  CB  . ASP A 1 186 ? 8.019   5.424   11.623  1.00  54.13 ? 396  ASP A CB  1 
ATOM   1303 C  CG  . ASP A 1 186 ? 8.846   4.803   10.538  1.00  56.55 ? 396  ASP A CG  1 
ATOM   1304 O  OD1 . ASP A 1 186 ? 8.260   4.107   9.677   1.00  62.14 ? 396  ASP A OD1 1 
ATOM   1305 O  OD2 . ASP A 1 186 ? 10.076  4.980   10.547  1.00  60.10 ? 396  ASP A OD2 1 
ATOM   1306 N  N   . LYS A 1 187 ? 5.736   2.596   12.424  1.00  51.94 ? 397  LYS A N   1 
ATOM   1307 C  CA  . LYS A 1 187 ? 5.721   1.299   13.070  1.00  51.36 ? 397  LYS A CA  1 
ATOM   1308 C  C   . LYS A 1 187 ? 4.383   0.656   12.727  1.00  49.87 ? 397  LYS A C   1 
ATOM   1309 O  O   . LYS A 1 187 ? 3.370   1.349   12.694  1.00  47.29 ? 397  LYS A O   1 
ATOM   1310 C  CB  . LYS A 1 187 ? 5.867   1.514   14.580  1.00  52.05 ? 397  LYS A CB  1 
ATOM   1311 C  CG  . LYS A 1 187 ? 5.405   0.383   15.474  1.00  55.51 ? 397  LYS A CG  1 
ATOM   1312 C  CD  . LYS A 1 187 ? 5.739   0.666   16.935  1.00  58.74 ? 397  LYS A CD  1 
ATOM   1313 C  CE  . LYS A 1 187 ? 5.652   -0.606  17.776  1.00  60.48 ? 397  LYS A CE  1 
ATOM   1314 N  NZ  . LYS A 1 187 ? 6.869   -1.482  17.609  1.00  63.26 ? 397  LYS A NZ  1 
ATOM   1315 N  N   . ASP A 1 188 ? 4.381   -0.649  12.442  1.00  49.05 ? 398  ASP A N   1 
ATOM   1316 C  CA  . ASP A 1 188 ? 3.107   -1.367  12.141  1.00  48.34 ? 398  ASP A CA  1 
ATOM   1317 C  C   . ASP A 1 188 ? 2.383   -0.636  10.983  1.00  46.97 ? 398  ASP A C   1 
ATOM   1318 O  O   . ASP A 1 188 ? 1.173   -0.456  11.002  1.00  47.47 ? 398  ASP A O   1 
ATOM   1319 C  CB  . ASP A 1 188 ? 2.201   -1.474  13.397  1.00  48.93 ? 398  ASP A CB  1 
ATOM   1320 C  CG  . ASP A 1 188 ? 2.835   -2.276  14.554  1.00  50.75 ? 398  ASP A CG  1 
ATOM   1321 O  OD1 . ASP A 1 188 ? 3.793   -3.048  14.336  1.00  53.91 ? 398  ASP A OD1 1 
ATOM   1322 O  OD2 . ASP A 1 188 ? 2.382   -2.108  15.712  1.00  53.36 ? 398  ASP A OD2 1 
ATOM   1323 N  N   . ASN A 1 189 ? 3.150   -0.232  9.968   1.00  46.46 ? 399  ASN A N   1 
ATOM   1324 C  CA  . ASN A 1 189 ? 2.675   0.678   8.920   1.00  46.53 ? 399  ASN A CA  1 
ATOM   1325 C  C   . ASN A 1 189 ? 3.167   0.256   7.555   1.00  46.55 ? 399  ASN A C   1 
ATOM   1326 O  O   . ASN A 1 189 ? 3.244   1.055   6.626   1.00  46.39 ? 399  ASN A O   1 
ATOM   1327 C  CB  . ASN A 1 189 ? 3.171   2.102   9.203   1.00  46.75 ? 399  ASN A CB  1 
ATOM   1328 C  CG  . ASN A 1 189 ? 4.685   2.223   9.066   1.00  47.37 ? 399  ASN A CG  1 
ATOM   1329 O  OD1 . ASN A 1 189 ? 5.431   1.238   9.257   1.00  46.32 ? 399  ASN A OD1 1 
ATOM   1330 N  ND2 . ASN A 1 189 ? 5.150   3.421   8.728   1.00  49.46 ? 399  ASN A ND2 1 
ATOM   1331 N  N   . HIS A 1 190 ? 3.478   -1.026  7.415   1.00  46.54 ? 400  HIS A N   1 
ATOM   1332 C  CA  . HIS A 1 190 ? 4.142   -1.514  6.208   1.00  46.50 ? 400  HIS A CA  1 
ATOM   1333 C  C   . HIS A 1 190 ? 3.238   -1.468  4.972   1.00  45.86 ? 400  HIS A C   1 
ATOM   1334 O  O   . HIS A 1 190 ? 3.699   -1.125  3.859   1.00  44.58 ? 400  HIS A O   1 
ATOM   1335 C  CB  . HIS A 1 190 ? 4.710   -2.912  6.501   1.00  46.93 ? 400  HIS A CB  1 
ATOM   1336 C  CG  . HIS A 1 190 ? 5.324   -2.991  7.865   1.00  48.42 ? 400  HIS A CG  1 
ATOM   1337 N  ND1 . HIS A 1 190 ? 6.485   -2.328  8.188   1.00  47.53 ? 400  HIS A ND1 1 
ATOM   1338 C  CD2 . HIS A 1 190 ? 4.875   -3.541  9.020   1.00  50.62 ? 400  HIS A CD2 1 
ATOM   1339 C  CE1 . HIS A 1 190 ? 6.756   -2.507  9.468   1.00  49.47 ? 400  HIS A CE1 1 
ATOM   1340 N  NE2 . HIS A 1 190 ? 5.799   -3.248  9.995   1.00  47.41 ? 400  HIS A NE2 1 
ATOM   1341 N  N   . THR A 1 191 ? 1.947   -1.771  5.153   1.00  44.66 ? 401  THR A N   1 
ATOM   1342 C  CA  . THR A 1 191 ? 0.997   -1.664  4.055   1.00  44.26 ? 401  THR A CA  1 
ATOM   1343 C  C   . THR A 1 191 ? 0.629   -0.206  3.754   1.00  44.34 ? 401  THR A C   1 
ATOM   1344 O  O   . THR A 1 191 ? 0.217   0.109   2.639   1.00  43.48 ? 401  THR A O   1 
ATOM   1345 C  CB  . THR A 1 191 ? -0.338  -2.432  4.305   1.00  44.58 ? 401  THR A CB  1 
ATOM   1346 O  OG1 . THR A 1 191 ? -1.051  -1.828  5.395   1.00  43.67 ? 401  THR A OG1 1 
ATOM   1347 C  CG2 . THR A 1 191 ? -0.078  -3.907  4.593   1.00  43.72 ? 401  THR A CG2 1 
ATOM   1348 N  N   . ILE A 1 192 ? 0.760   0.669   4.741   1.00  44.50 ? 402  ILE A N   1 
ATOM   1349 C  CA  . ILE A 1 192 ? 0.504   2.102   4.531   1.00  44.90 ? 402  ILE A CA  1 
ATOM   1350 C  C   . ILE A 1 192 ? 1.625   2.689   3.669   1.00  45.18 ? 402  ILE A C   1 
ATOM   1351 O  O   . ILE A 1 192 ? 1.371   3.427   2.717   1.00  46.10 ? 402  ILE A O   1 
ATOM   1352 C  CB  . ILE A 1 192 ? 0.410   2.877   5.856   1.00  44.38 ? 402  ILE A CB  1 
ATOM   1353 C  CG1 . ILE A 1 192 ? -0.630  2.254   6.798   1.00  45.06 ? 402  ILE A CG1 1 
ATOM   1354 C  CG2 . ILE A 1 192 ? -0.017  4.327   5.596   1.00  46.45 ? 402  ILE A CG2 1 
ATOM   1355 C  CD1 . ILE A 1 192 ? -0.695  2.894   8.171   1.00  43.16 ? 402  ILE A CD1 1 
ATOM   1356 N  N   . ASP A 1 193 ? 2.868   2.348   3.996   1.00  44.62 ? 403  ASP A N   1 
ATOM   1357 C  CA  . ASP A 1 193 ? 4.008   2.704   3.133   1.00  45.39 ? 403  ASP A CA  1 
ATOM   1358 C  C   . ASP A 1 193 ? 3.819   2.199   1.714   1.00  44.72 ? 403  ASP A C   1 
ATOM   1359 O  O   . ASP A 1 193 ? 3.974   2.964   0.775   1.00  45.23 ? 403  ASP A O   1 
ATOM   1360 C  CB  . ASP A 1 193 ? 5.317   2.147   3.697   1.00  45.24 ? 403  ASP A CB  1 
ATOM   1361 C  CG  . ASP A 1 193 ? 5.820   2.929   4.905   1.00  46.98 ? 403  ASP A CG  1 
ATOM   1362 O  OD1 . ASP A 1 193 ? 5.397   4.087   5.096   1.00  46.88 ? 403  ASP A OD1 1 
ATOM   1363 O  OD2 . ASP A 1 193 ? 6.652   2.384   5.658   1.00  49.42 ? 403  ASP A OD2 1 
ATOM   1364 N  N   . ALA A 1 194 ? 3.464   0.930   1.556   1.00  44.44 ? 404  ALA A N   1 
ATOM   1365 C  CA  . ALA A 1 194 ? 3.245   0.355   0.221   1.00  44.69 ? 404  ALA A CA  1 
ATOM   1366 C  C   . ALA A 1 194 ? 2.153   1.082   -0.545  1.00  45.39 ? 404  ALA A C   1 
ATOM   1367 O  O   . ALA A 1 194 ? 2.272   1.283   -1.754  1.00  45.17 ? 404  ALA A O   1 
ATOM   1368 C  CB  . ALA A 1 194 ? 2.940   -1.129  0.305   1.00  44.18 ? 404  ALA A CB  1 
ATOM   1369 N  N   . THR A 1 195 ? 1.077   1.444   0.164   1.00  45.68 ? 405  THR A N   1 
ATOM   1370 C  CA  . THR A 1 195 ? 0.006   2.242   -0.412  1.00  45.97 ? 405  THR A CA  1 
ATOM   1371 C  C   . THR A 1 195 ? 0.454   3.642   -0.866  1.00  46.12 ? 405  THR A C   1 
ATOM   1372 O  O   . THR A 1 195 ? 0.128   4.059   -1.963  1.00  46.85 ? 405  THR A O   1 
ATOM   1373 C  CB  . THR A 1 195 ? -1.160  2.354   0.582   1.00  45.84 ? 405  THR A CB  1 
ATOM   1374 O  OG1 . THR A 1 195 ? -1.593  1.033   0.905   1.00  44.77 ? 405  THR A OG1 1 
ATOM   1375 C  CG2 . THR A 1 195 ? -2.333  3.152   -0.022  1.00  45.27 ? 405  THR A CG2 1 
ATOM   1376 N  N   . ARG A 1 196 ? 1.192   4.368   -0.036  1.00  47.04 ? 406  ARG A N   1 
ATOM   1377 C  CA  . ARG A 1 196 ? 1.819   5.618   -0.492  1.00  48.08 ? 406  ARG A CA  1 
ATOM   1378 C  C   . ARG A 1 196 ? 2.566   5.483   -1.817  1.00  47.36 ? 406  ARG A C   1 
ATOM   1379 O  O   . ARG A 1 196 ? 2.369   6.304   -2.721  1.00  47.01 ? 406  ARG A O   1 
ATOM   1380 C  CB  . ARG A 1 196 ? 2.818   6.133   0.510   1.00  49.07 ? 406  ARG A CB  1 
ATOM   1381 C  CG  . ARG A 1 196 ? 2.280   7.043   1.561   1.00  51.53 ? 406  ARG A CG  1 
ATOM   1382 C  CD  . ARG A 1 196 ? 3.457   7.875   2.053   1.00  53.45 ? 406  ARG A CD  1 
ATOM   1383 N  NE  . ARG A 1 196 ? 4.430   6.992   2.706   1.00  54.43 ? 406  ARG A NE  1 
ATOM   1384 C  CZ  . ARG A 1 196 ? 5.672   6.758   2.303   1.00  53.96 ? 406  ARG A CZ  1 
ATOM   1385 N  NH1 . ARG A 1 196 ? 6.188   7.332   1.209   1.00  53.12 ? 406  ARG A NH1 1 
ATOM   1386 N  NH2 . ARG A 1 196 ? 6.415   5.919   3.011   1.00  53.45 ? 406  ARG A NH2 1 
ATOM   1387 N  N   . TYR A 1 197 ? 3.452   4.485   -1.918  1.00  46.93 ? 407  TYR A N   1 
ATOM   1388 C  CA  . TYR A 1 197 ? 4.196   4.277   -3.164  1.00  46.33 ? 407  TYR A CA  1 
ATOM   1389 C  C   . TYR A 1 197 ? 3.213   4.070   -4.311  1.00  46.27 ? 407  TYR A C   1 
ATOM   1390 O  O   . TYR A 1 197 ? 3.354   4.679   -5.349  1.00  46.00 ? 407  TYR A O   1 
ATOM   1391 C  CB  . TYR A 1 197 ? 5.132   3.066   -3.136  1.00  45.52 ? 407  TYR A CB  1 
ATOM   1392 C  CG  . TYR A 1 197 ? 6.003   2.922   -1.920  1.00  45.33 ? 407  TYR A CG  1 
ATOM   1393 C  CD1 . TYR A 1 197 ? 6.526   4.035   -1.264  1.00  46.59 ? 407  TYR A CD1 1 
ATOM   1394 C  CD2 . TYR A 1 197 ? 6.339   1.654   -1.442  1.00  47.32 ? 407  TYR A CD2 1 
ATOM   1395 C  CE1 . TYR A 1 197 ? 7.342   3.886   -0.152  1.00  48.23 ? 407  TYR A CE1 1 
ATOM   1396 C  CE2 . TYR A 1 197 ? 7.111   1.492   -0.331  1.00  45.62 ? 407  TYR A CE2 1 
ATOM   1397 C  CZ  . TYR A 1 197 ? 7.626   2.607   0.307   1.00  47.11 ? 407  TYR A CZ  1 
ATOM   1398 O  OH  . TYR A 1 197 ? 8.418   2.425   1.399   1.00  49.38 ? 407  TYR A OH  1 
ATOM   1399 N  N   . ALA A 1 198 ? 2.208   3.222   -4.099  1.00  46.19 ? 408  ALA A N   1 
ATOM   1400 C  CA  . ALA A 1 198 ? 1.266   2.861   -5.157  1.00  46.43 ? 408  ALA A CA  1 
ATOM   1401 C  C   . ALA A 1 198 ? 0.565   4.083   -5.750  1.00  47.19 ? 408  ALA A C   1 
ATOM   1402 O  O   . ALA A 1 198 ? 0.281   4.109   -6.948  1.00  47.99 ? 408  ALA A O   1 
ATOM   1403 C  CB  . ALA A 1 198 ? 0.230   1.862   -4.635  1.00  45.93 ? 408  ALA A CB  1 
ATOM   1404 N  N   . PHE A 1 199 ? 0.279   5.073   -4.902  1.00  47.50 ? 409  PHE A N   1 
ATOM   1405 C  CA  . PHE A 1 199 ? -0.421  6.301   -5.304  1.00  47.99 ? 409  PHE A CA  1 
ATOM   1406 C  C   . PHE A 1 199 ? 0.455   7.542   -5.479  1.00  48.28 ? 409  PHE A C   1 
ATOM   1407 O  O   . PHE A 1 199 ? -0.077  8.647   -5.620  1.00  48.07 ? 409  PHE A O   1 
ATOM   1408 C  CB  . PHE A 1 199 ? -1.504  6.614   -4.284  1.00  48.22 ? 409  PHE A CB  1 
ATOM   1409 C  CG  . PHE A 1 199 ? -2.681  5.718   -4.401  1.00  48.20 ? 409  PHE A CG  1 
ATOM   1410 C  CD1 . PHE A 1 199 ? -2.764  4.563   -3.645  1.00  48.27 ? 409  PHE A CD1 1 
ATOM   1411 C  CD2 . PHE A 1 199 ? -3.671  5.984   -5.330  1.00  48.87 ? 409  PHE A CD2 1 
ATOM   1412 C  CE1 . PHE A 1 199 ? -3.862  3.710   -3.773  1.00  48.28 ? 409  PHE A CE1 1 
ATOM   1413 C  CE2 . PHE A 1 199 ? -4.757  5.137   -5.457  1.00  48.49 ? 409  PHE A CE2 1 
ATOM   1414 C  CZ  . PHE A 1 199 ? -4.840  3.999   -4.691  1.00  48.58 ? 409  PHE A CZ  1 
ATOM   1415 N  N   . GLU A 1 200 ? 1.779   7.384   -5.494  1.00  48.95 ? 410  GLU A N   1 
ATOM   1416 C  CA  . GLU A 1 200 ? 2.651   8.565   -5.564  1.00  49.35 ? 410  GLU A CA  1 
ATOM   1417 C  C   . GLU A 1 200 ? 2.413   9.428   -6.812  1.00  49.73 ? 410  GLU A C   1 
ATOM   1418 O  O   . GLU A 1 200 ? 2.554   10.643  -6.748  1.00  49.79 ? 410  GLU A O   1 
ATOM   1419 C  CB  . GLU A 1 200 ? 4.138   8.191   -5.421  1.00  49.00 ? 410  GLU A CB  1 
ATOM   1420 C  CG  . GLU A 1 200 ? 4.735   7.439   -6.597  1.00  49.60 ? 410  GLU A CG  1 
ATOM   1421 C  CD  . GLU A 1 200 ? 6.264   7.458   -6.606  1.00  48.99 ? 410  GLU A CD  1 
ATOM   1422 O  OE1 . GLU A 1 200 ? 6.903   7.729   -5.567  1.00  48.84 ? 410  GLU A OE1 1 
ATOM   1423 O  OE2 . GLU A 1 200 ? 6.830   7.201   -7.683  1.00  49.07 ? 410  GLU A OE2 1 
ATOM   1424 N  N   . ARG A 1 201 ? 2.050   8.808   -7.936  1.00  50.59 ? 411  ARG A N   1 
ATOM   1425 C  CA  . ARG A 1 201 ? 1.851   9.555   -9.198  1.00  51.24 ? 411  ARG A CA  1 
ATOM   1426 C  C   . ARG A 1 201 ? 0.480   10.227  -9.283  1.00  52.17 ? 411  ARG A C   1 
ATOM   1427 O  O   . ARG A 1 201 ? 0.212   10.948  -10.241 1.00  51.85 ? 411  ARG A O   1 
ATOM   1428 C  CB  . ARG A 1 201 ? 2.007   8.653   -10.432 1.00  51.31 ? 411  ARG A CB  1 
ATOM   1429 C  CG  . ARG A 1 201 ? 3.209   7.705   -10.437 1.00  52.40 ? 411  ARG A CG  1 
ATOM   1430 C  CD  . ARG A 1 201 ? 4.540   8.434   -10.319 1.00  53.91 ? 411  ARG A CD  1 
ATOM   1431 N  NE  . ARG A 1 201 ? 5.637   7.508   -10.019 1.00  55.10 ? 411  ARG A NE  1 
ATOM   1432 C  CZ  . ARG A 1 201 ? 6.217   6.692   -10.902 1.00  56.54 ? 411  ARG A CZ  1 
ATOM   1433 N  NH1 . ARG A 1 201 ? 5.830   6.679   -12.176 1.00  57.23 ? 411  ARG A NH1 1 
ATOM   1434 N  NH2 . ARG A 1 201 ? 7.211   5.893   -10.508 1.00  56.56 ? 411  ARG A NH2 1 
ATOM   1435 N  N   . ASP A 1 202 ? -0.396  9.982   -8.311  1.00  52.92 ? 412  ASP A N   1 
ATOM   1436 C  CA  . ASP A 1 202 ? -1.749  10.523  -8.368  1.00  54.28 ? 412  ASP A CA  1 
ATOM   1437 C  C   . ASP A 1 202 ? -1.929  11.755  -7.492  1.00  55.29 ? 412  ASP A C   1 
ATOM   1438 O  O   . ASP A 1 202 ? -3.020  12.291  -7.409  1.00  55.15 ? 412  ASP A O   1 
ATOM   1439 C  CB  . ASP A 1 202 ? -2.745  9.448   -7.962  1.00  53.94 ? 412  ASP A CB  1 
ATOM   1440 C  CG  . ASP A 1 202 ? -2.780  8.301   -8.939  1.00  54.23 ? 412  ASP A CG  1 
ATOM   1441 O  OD1 . ASP A 1 202 ? -2.276  7.206   -8.607  1.00  51.73 ? 412  ASP A OD1 1 
ATOM   1442 O  OD2 . ASP A 1 202 ? -3.329  8.490   -10.046 1.00  52.86 ? 412  ASP A OD2 1 
HETATM 1443 N  N   . MSE A 1 203 ? -0.852  12.223  -6.866  1.00  56.84 ? 413  MSE A N   1 
HETATM 1444 C  CA  . MSE A 1 203 ? -0.970  13.242  -5.829  1.00  58.02 ? 413  MSE A CA  1 
HETATM 1445 C  C   . MSE A 1 203 ? -0.658  14.648  -6.349  1.00  58.62 ? 413  MSE A C   1 
HETATM 1446 O  O   . MSE A 1 203 ? -0.169  14.806  -7.469  1.00  58.80 ? 413  MSE A O   1 
HETATM 1447 C  CB  . MSE A 1 203 ? -0.077  12.887  -4.655  1.00  58.35 ? 413  MSE A CB  1 
HETATM 1448 C  CG  . MSE A 1 203 ? -0.268  11.464  -4.181  1.00  59.09 ? 413  MSE A CG  1 
HETATM 1449 SE SE  . MSE A 1 203 ? 0.986   11.029  -2.796  1.00  62.68 ? 413  MSE A SE  1 
HETATM 1450 C  CE  . MSE A 1 203 ? 0.319   9.246   -2.314  1.00  59.81 ? 413  MSE A CE  1 
ATOM   1451 N  N   . LYS A 1 204 ? -0.955  15.643  -5.504  1.00  59.54 ? 414  LYS A N   1 
ATOM   1452 C  CA  . LYS A 1 204 ? -1.047  17.084  -5.853  1.00  60.15 ? 414  LYS A CA  1 
ATOM   1453 C  C   . LYS A 1 204 ? -2.501  17.466  -6.141  1.00  60.33 ? 414  LYS A C   1 
ATOM   1454 O  O   . LYS A 1 204 ? -2.916  17.558  -7.297  1.00  60.68 ? 414  LYS A O   1 
ATOM   1455 C  CB  . LYS A 1 204 ? -0.134  17.518  -7.022  1.00  60.42 ? 414  LYS A CB  1 
ATOM   1456 C  CG  . LYS A 1 204 ? 1.360   17.367  -6.740  1.00  61.10 ? 414  LYS A CG  1 
ATOM   1457 C  CD  . LYS A 1 204 ? 2.197   18.061  -7.792  1.00  62.33 ? 414  LYS A CD  1 
ATOM   1458 C  CE  . LYS A 1 204 ? 3.680   17.814  -7.538  1.00  62.94 ? 414  LYS A CE  1 
ATOM   1459 N  NZ  . LYS A 1 204 ? 4.552   18.626  -8.433  1.00  63.52 ? 414  LYS A NZ  1 
HETATM 1460 O  O   . HOH B 2 .   ? -14.748 13.175  9.938   1.00  43.05 ? 2001 HOH A O   1 
HETATM 1461 O  O   . HOH B 2 .   ? -15.638 6.375   5.388   1.00  62.52 ? 2002 HOH A O   1 
HETATM 1462 O  O   . HOH B 2 .   ? -15.100 -2.403  11.119  1.00  52.38 ? 2003 HOH A O   1 
HETATM 1463 O  O   . HOH B 2 .   ? -23.096 -3.324  8.825   1.00  70.46 ? 2004 HOH A O   1 
HETATM 1464 O  O   . HOH B 2 .   ? -20.532 -5.812  4.253   1.00  59.32 ? 2005 HOH A O   1 
HETATM 1465 O  O   . HOH B 2 .   ? -17.617 -6.301  9.907   1.00  50.98 ? 2006 HOH A O   1 
HETATM 1466 O  O   . HOH B 2 .   ? -12.016 -9.540  10.469  1.00  70.87 ? 2007 HOH A O   1 
HETATM 1467 O  O   . HOH B 2 .   ? -18.322 -11.687 7.830   1.00  66.00 ? 2008 HOH A O   1 
HETATM 1468 O  O   . HOH B 2 .   ? -22.485 -8.530  -5.913  1.00  65.32 ? 2009 HOH A O   1 
HETATM 1469 O  O   . HOH B 2 .   ? -21.525 -5.836  -6.529  1.00  52.88 ? 2010 HOH A O   1 
HETATM 1470 O  O   . HOH B 2 .   ? -19.252 -11.552 -3.107  1.00  57.00 ? 2011 HOH A O   1 
HETATM 1471 O  O   . HOH B 2 .   ? -20.481 -10.305 -6.175  1.00  47.71 ? 2012 HOH A O   1 
HETATM 1472 O  O   . HOH B 2 .   ? -17.208 -1.620  -2.096  1.00  51.29 ? 2013 HOH A O   1 
HETATM 1473 O  O   . HOH B 2 .   ? -18.038 0.210   -5.259  1.00  61.08 ? 2014 HOH A O   1 
HETATM 1474 O  O   . HOH B 2 .   ? -12.003 1.497   -13.958 1.00  52.13 ? 2015 HOH A O   1 
HETATM 1475 O  O   . HOH B 2 .   ? -6.573  8.179   -12.581 1.00  44.27 ? 2016 HOH A O   1 
HETATM 1476 O  O   . HOH B 2 .   ? 11.589  -1.674  4.214   1.00  51.62 ? 2017 HOH A O   1 
HETATM 1477 O  O   . HOH B 2 .   ? 14.084  -6.879  2.416   1.00  53.21 ? 2018 HOH A O   1 
HETATM 1478 O  O   . HOH B 2 .   ? 19.436  1.045   9.108   1.00  51.69 ? 2019 HOH A O   1 
HETATM 1479 O  O   . HOH B 2 .   ? 17.347  -7.058  5.904   1.00  60.66 ? 2020 HOH A O   1 
HETATM 1480 O  O   . HOH B 2 .   ? 12.261  -8.445  6.964   1.00  62.84 ? 2021 HOH A O   1 
HETATM 1481 O  O   . HOH B 2 .   ? 9.131   -1.046  7.689   1.00  62.52 ? 2022 HOH A O   1 
HETATM 1482 O  O   . HOH B 2 .   ? 8.692   -5.981  12.457  1.00  64.88 ? 2023 HOH A O   1 
HETATM 1483 O  O   . HOH B 2 .   ? 8.920   -0.542  11.687  1.00  62.69 ? 2024 HOH A O   1 
HETATM 1484 O  O   . HOH B 2 .   ? 10.995  -2.437  13.210  1.00  66.48 ? 2025 HOH A O   1 
HETATM 1485 O  O   . HOH B 2 .   ? 8.150   -2.982  5.791   1.00  48.67 ? 2026 HOH A O   1 
HETATM 1486 O  O   . HOH B 2 .   ? -3.277  -6.712  -13.103 1.00  45.97 ? 2027 HOH A O   1 
HETATM 1487 O  O   . HOH B 2 .   ? -8.182  -7.404  -9.318  1.00  48.80 ? 2028 HOH A O   1 
HETATM 1488 O  O   . HOH B 2 .   ? -15.000 2.687   -9.470  1.00  55.43 ? 2029 HOH A O   1 
HETATM 1489 O  O   . HOH B 2 .   ? -12.313 4.431   -12.269 1.00  55.95 ? 2030 HOH A O   1 
HETATM 1490 O  O   . HOH B 2 .   ? -5.456  11.756  -8.894  1.00  54.07 ? 2031 HOH A O   1 
HETATM 1491 O  O   . HOH B 2 .   ? -11.059 6.643   -11.659 1.00  52.86 ? 2032 HOH A O   1 
HETATM 1492 O  O   . HOH B 2 .   ? -18.809 11.796  -13.080 1.00  60.92 ? 2033 HOH A O   1 
HETATM 1493 O  O   . HOH B 2 .   ? -18.268 11.360  -8.623  1.00  59.79 ? 2034 HOH A O   1 
HETATM 1494 O  O   . HOH B 2 .   ? -17.443 10.459  -2.523  1.00  54.49 ? 2035 HOH A O   1 
HETATM 1495 O  O   . HOH B 2 .   ? -21.098 2.857   -3.718  1.00  67.96 ? 2036 HOH A O   1 
HETATM 1496 O  O   . HOH B 2 .   ? -20.058 9.877   -3.757  1.00  46.12 ? 2037 HOH A O   1 
HETATM 1497 O  O   . HOH B 2 .   ? -18.581 2.320   -3.210  1.00  70.37 ? 2038 HOH A O   1 
HETATM 1498 O  O   . HOH B 2 .   ? -17.328 8.532   -0.059  1.00  47.65 ? 2039 HOH A O   1 
HETATM 1499 O  O   . HOH B 2 .   ? -21.160 7.043   -3.738  1.00  51.82 ? 2040 HOH A O   1 
HETATM 1500 O  O   . HOH B 2 .   ? -16.579 3.387   -6.824  1.00  52.59 ? 2041 HOH A O   1 
HETATM 1501 O  O   . HOH B 2 .   ? -10.148 -5.249  1.055   1.00  46.89 ? 2042 HOH A O   1 
HETATM 1502 O  O   . HOH B 2 .   ? -9.612  -9.839  -3.315  1.00  51.86 ? 2043 HOH A O   1 
HETATM 1503 O  O   . HOH B 2 .   ? -6.907  -11.627 -0.561  1.00  53.03 ? 2044 HOH A O   1 
HETATM 1504 O  O   . HOH B 2 .   ? -3.399  -11.323 3.414   1.00  52.58 ? 2045 HOH A O   1 
HETATM 1505 O  O   . HOH B 2 .   ? 3.014   -14.267 4.797   0.50  46.40 ? 2046 HOH A O   1 
HETATM 1506 O  O   . HOH B 2 .   ? -0.568  -12.017 3.441   1.00  36.96 ? 2047 HOH A O   1 
HETATM 1507 O  O   . HOH B 2 .   ? 8.169   -16.472 2.231   1.00  54.97 ? 2048 HOH A O   1 
HETATM 1508 O  O   . HOH B 2 .   ? 7.856   -12.461 0.485   1.00  48.42 ? 2049 HOH A O   1 
HETATM 1509 O  O   . HOH B 2 .   ? 6.267   -15.127 6.452   1.00  49.18 ? 2050 HOH A O   1 
HETATM 1510 O  O   . HOH B 2 .   ? 6.237   -6.435  12.153  1.00  55.89 ? 2051 HOH A O   1 
HETATM 1511 O  O   . HOH B 2 .   ? 4.410   -12.763 7.802   1.00  58.79 ? 2052 HOH A O   1 
HETATM 1512 O  O   . HOH B 2 .   ? 10.608  -14.264 11.036  1.00  57.04 ? 2053 HOH A O   1 
HETATM 1513 O  O   . HOH B 2 .   ? 14.485  -13.339 -2.024  1.00  49.35 ? 2054 HOH A O   1 
HETATM 1514 O  O   . HOH B 2 .   ? 14.000  -15.359 -3.351  1.00  53.12 ? 2055 HOH A O   1 
HETATM 1515 O  O   . HOH B 2 .   ? 3.520   -17.254 -3.920  1.00  64.34 ? 2056 HOH A O   1 
HETATM 1516 O  O   . HOH B 2 .   ? -3.151  -16.044 -4.305  1.00  62.24 ? 2057 HOH A O   1 
HETATM 1517 O  O   . HOH B 2 .   ? -6.871  -13.439 -8.210  1.00  59.91 ? 2058 HOH A O   1 
HETATM 1518 O  O   . HOH B 2 .   ? 4.866   -7.198  -14.123 1.00  52.79 ? 2059 HOH A O   1 
HETATM 1519 O  O   . HOH B 2 .   ? -0.596  -0.234  -10.561 1.00  49.43 ? 2060 HOH A O   1 
HETATM 1520 O  O   . HOH B 2 .   ? 0.634   5.355   -11.183 1.00  56.44 ? 2061 HOH A O   1 
HETATM 1521 O  O   . HOH B 2 .   ? 11.288  3.202   0.251   1.00  58.50 ? 2062 HOH A O   1 
HETATM 1522 O  O   . HOH B 2 .   ? 13.612  -1.876  2.212   1.00  51.99 ? 2063 HOH A O   1 
HETATM 1523 O  O   . HOH B 2 .   ? -17.767 -10.816 -0.329  1.00  58.53 ? 2064 HOH A O   1 
HETATM 1524 O  O   . HOH B 2 .   ? 16.421  2.741   -6.255  1.00  52.70 ? 2065 HOH A O   1 
HETATM 1525 O  O   . HOH B 2 .   ? 10.677  4.509   -1.896  1.00  55.38 ? 2066 HOH A O   1 
HETATM 1526 O  O   . HOH B 2 .   ? 17.489  -6.362  0.256   1.00  57.19 ? 2067 HOH A O   1 
HETATM 1527 O  O   . HOH B 2 .   ? 16.270  -5.845  3.449   1.00  58.94 ? 2068 HOH A O   1 
HETATM 1528 O  O   . HOH B 2 .   ? 16.793  -0.835  -9.766  1.00  53.06 ? 2069 HOH A O   1 
HETATM 1529 O  O   . HOH B 2 .   ? 11.381  -0.195  6.192   1.00  72.50 ? 2070 HOH A O   1 
HETATM 1530 O  O   . HOH B 2 .   ? 18.673  -3.913  -3.337  1.00  46.78 ? 2071 HOH A O   1 
HETATM 1531 O  O   . HOH B 2 .   ? 14.371  -8.297  4.714   1.00  62.22 ? 2072 HOH A O   1 
HETATM 1532 O  O   . HOH B 2 .   ? -18.886 9.128   -10.098 1.00  46.49 ? 2073 HOH A O   1 
HETATM 1533 O  O   . HOH B 2 .   ? -18.952 11.991  -5.774  1.00  56.74 ? 2074 HOH A O   1 
HETATM 1534 O  O   . HOH B 2 .   ? 18.696  -12.063 -9.255  1.00  50.90 ? 2075 HOH A O   1 
HETATM 1535 O  O   . HOH B 2 .   ? -9.114  -12.080 -1.950  1.00  60.49 ? 2076 HOH A O   1 
HETATM 1536 O  O   . HOH B 2 .   ? -9.665  -11.058 -5.363  1.00  59.11 ? 2077 HOH A O   1 
HETATM 1537 O  O   . HOH B 2 .   ? 15.758  -13.288 -6.028  1.00  55.14 ? 2078 HOH A O   1 
HETATM 1538 O  O   . HOH B 2 .   ? 9.148   -1.321  -15.731 1.00  62.96 ? 2079 HOH A O   1 
HETATM 1539 O  O   . HOH B 2 .   ? 0.885   -17.762 -4.663  1.00  62.24 ? 2080 HOH A O   1 
HETATM 1540 O  O   . HOH B 2 .   ? 11.328  4.693   -11.210 1.00  56.50 ? 2081 HOH A O   1 
HETATM 1541 O  O   . HOH B 2 .   ? 9.070   6.601   -2.246  1.00  51.28 ? 2082 HOH A O   1 
HETATM 1542 O  O   . HOH B 2 .   ? 9.923   13.887  -2.709  1.00  59.14 ? 2083 HOH A O   1 
HETATM 1543 O  O   . HOH B 2 .   ? 9.413   7.220   0.540   1.00  59.69 ? 2084 HOH A O   1 
HETATM 1544 O  O   . HOH B 2 .   ? 6.164   15.324  2.548   1.00  56.72 ? 2085 HOH A O   1 
HETATM 1545 O  O   . HOH B 2 .   ? 4.014   17.248  2.984   1.00  55.88 ? 2086 HOH A O   1 
HETATM 1546 O  O   . HOH B 2 .   ? -8.881  12.035  9.725   1.00  50.81 ? 2087 HOH A O   1 
HETATM 1547 O  O   . HOH B 2 .   ? -9.656  10.938  7.205   1.00  49.51 ? 2088 HOH A O   1 
HETATM 1548 O  O   . HOH B 2 .   ? -13.935 -12.283 0.235   1.00  51.99 ? 2089 HOH A O   1 
HETATM 1549 O  O   . HOH B 2 .   ? -10.261 -5.613  10.729  1.00  54.53 ? 2090 HOH A O   1 
HETATM 1550 O  O   . HOH B 2 .   ? -0.531  0.148   14.873  1.00  59.38 ? 2091 HOH A O   1 
HETATM 1551 O  O   . HOH B 2 .   ? -15.359 -10.240 0.625   1.00  55.84 ? 2092 HOH A O   1 
HETATM 1552 O  O   . HOH B 2 .   ? -9.418  -9.702  9.002   1.00  60.77 ? 2093 HOH A O   1 
HETATM 1553 O  O   . HOH B 2 .   ? -10.906 -14.469 4.087   1.00  51.80 ? 2094 HOH A O   1 
HETATM 1554 O  O   . HOH B 2 .   ? -11.267 -12.842 -0.150  1.00  63.52 ? 2095 HOH A O   1 
HETATM 1555 O  O   . HOH B 2 .   ? -7.705  -7.645  9.981   1.00  52.13 ? 2096 HOH A O   1 
HETATM 1556 O  O   . HOH B 2 .   ? 9.018   6.210   6.171   1.00  62.45 ? 2097 HOH A O   1 
HETATM 1557 O  O   . HOH B 2 .   ? 3.840   9.445   -1.481  1.00  61.36 ? 2098 HOH A O   1 
HETATM 1558 O  O   . HOH B 2 .   ? 2.774   -7.310  10.306  1.00  53.45 ? 2099 HOH A O   1 
HETATM 1559 O  O   . HOH B 2 .   ? -1.595  -3.206  14.088  1.00  59.79 ? 2100 HOH A O   1 
HETATM 1560 O  O   . HOH B 2 .   ? -3.727  -8.527  10.439  1.00  63.65 ? 2101 HOH A O   1 
HETATM 1561 O  O   . HOH B 2 .   ? 1.700   -4.389  11.315  1.00  51.07 ? 2102 HOH A O   1 
HETATM 1562 O  O   . HOH B 2 .   ? -9.363  -3.298  11.387  1.00  51.81 ? 2103 HOH A O   1 
HETATM 1563 O  O   . HOH B 2 .   ? -13.001 -2.861  12.669  1.00  59.05 ? 2104 HOH A O   1 
HETATM 1564 O  O   . HOH B 2 .   ? -10.779 1.253   16.471  1.00  64.62 ? 2105 HOH A O   1 
HETATM 1565 O  O   . HOH B 2 .   ? -5.299  3.740   17.489  1.00  67.27 ? 2106 HOH A O   1 
HETATM 1566 O  O   . HOH B 2 .   ? -3.512  9.448   16.516  1.00  51.98 ? 2107 HOH A O   1 
HETATM 1567 O  O   . HOH B 2 .   ? -1.287  10.256  18.469  1.00  65.94 ? 2108 HOH A O   1 
HETATM 1568 O  O   . HOH B 2 .   ? 1.789   7.911   18.752  1.00  64.29 ? 2109 HOH A O   1 
HETATM 1569 O  O   . HOH B 2 .   ? -1.019  2.883   17.187  1.00  57.91 ? 2110 HOH A O   1 
HETATM 1570 O  O   . HOH B 2 .   ? 6.757   6.786   15.959  1.00  56.89 ? 2111 HOH A O   1 
HETATM 1571 O  O   . HOH B 2 .   ? 2.093   1.964   14.808  1.00  59.97 ? 2112 HOH A O   1 
HETATM 1572 O  O   . HOH B 2 .   ? 4.917   -3.822  18.515  1.00  66.88 ? 2113 HOH A O   1 
HETATM 1573 O  O   . HOH B 2 .   ? -0.929  0.158   12.553  1.00  47.35 ? 2114 HOH A O   1 
HETATM 1574 O  O   . HOH B 2 .   ? 4.391   -4.526  12.127  1.00  57.75 ? 2115 HOH A O   1 
HETATM 1575 O  O   . HOH B 2 .   ? 6.753   -2.141  12.579  1.00  55.28 ? 2116 HOH A O   1 
HETATM 1576 O  O   . HOH B 2 .   ? 5.366   -4.240  16.049  1.00  63.07 ? 2117 HOH A O   1 
HETATM 1577 O  O   . HOH B 2 .   ? 8.056   0.848   9.466   1.00  51.27 ? 2118 HOH A O   1 
HETATM 1578 O  O   . HOH B 2 .   ? 3.358   5.736   4.952   1.00  50.63 ? 2119 HOH A O   1 
HETATM 1579 O  O   . HOH B 2 .   ? 7.262   -0.259  5.767   1.00  57.25 ? 2120 HOH A O   1 
HETATM 1580 O  O   . HOH B 2 .   ? 6.895   5.365   6.839   1.00  57.29 ? 2121 HOH A O   1 
HETATM 1581 O  O   . HOH B 2 .   ? 5.747   8.791   -1.046  1.00  54.78 ? 2122 HOH A O   1 
HETATM 1582 O  O   . HOH B 2 .   ? 9.101   4.863   2.404   1.00  62.26 ? 2123 HOH A O   1 
HETATM 1583 O  O   . HOH B 2 .   ? 0.459   6.297   -8.681  1.00  48.14 ? 2124 HOH A O   1 
HETATM 1584 O  O   . HOH B 2 .   ? 0.914   1.917   -8.699  1.00  46.74 ? 2125 HOH A O   1 
HETATM 1585 O  O   . HOH B 2 .   ? 6.558   7.120   -3.100  1.00  55.10 ? 2126 HOH A O   1 
HETATM 1586 O  O   . HOH B 2 .   ? -4.484  10.483  -10.996 1.00  56.44 ? 2127 HOH A O   1 
# 
